data_8EBO
# 
_entry.id   8EBO 
# 
_audit_conform.dict_name       mmcif_pdbx.dic 
_audit_conform.dict_version    5.380 
_audit_conform.dict_location   http://mmcif.pdb.org/dictionaries/ascii/mmcif_pdbx.dic 
# 
loop_
_database_2.database_id 
_database_2.database_code 
_database_2.pdbx_database_accession 
_database_2.pdbx_DOI 
PDB   8EBO         pdb_00008ebo 10.2210/pdb8ebo/pdb 
WWPDB D_1000267792 ?            ?                   
# 
_pdbx_database_status.status_code                     REL 
_pdbx_database_status.status_code_sf                  REL 
_pdbx_database_status.status_code_mr                  ? 
_pdbx_database_status.entry_id                        8EBO 
_pdbx_database_status.recvd_initial_deposition_date   2022-08-31 
_pdbx_database_status.SG_entry                        N 
_pdbx_database_status.deposit_site                    RCSB 
_pdbx_database_status.process_site                    RCSB 
_pdbx_database_status.status_code_cs                  ? 
_pdbx_database_status.status_code_nmr_data            ? 
_pdbx_database_status.methods_development_category    ? 
_pdbx_database_status.pdb_format_compatible           Y 
# 
loop_
_audit_author.name 
_audit_author.pdbx_ordinal 
_audit_author.identifier_ORCID 
'Chen, E.V.'     1 0000-0002-1546-7899 
'Yatsunyk, L.A.' 2 0000-0003-3946-0939 
# 
_citation.abstract                  ? 
_citation.abstract_id_CAS           ? 
_citation.book_id_ISBN              ? 
_citation.book_publisher            ? 
_citation.book_publisher_city       ? 
_citation.book_title                ? 
_citation.coordinate_linkage        ? 
_citation.country                   UK 
_citation.database_id_Medline       ? 
_citation.details                   ? 
_citation.id                        primary 
_citation.journal_abbrev            Bioorg.Med.Chem. 
_citation.journal_id_ASTM           BMECEP 
_citation.journal_id_CSD            1200 
_citation.journal_id_ISSN           1464-3391 
_citation.journal_full              ? 
_citation.journal_issue             ? 
_citation.journal_volume            77 
_citation.language                  ? 
_citation.page_first                117112 
_citation.page_last                 117112 
_citation.title                     
;Homopurine guanine-rich sequences in complex with N-methyl mesoporphyrin IX form parallel G-quadruplex dimers and display a unique symmetry tetrad.
;
_citation.year                      2022 
_citation.database_id_CSD           ? 
_citation.pdbx_database_id_DOI      10.1016/j.bmc.2022.117112 
_citation.pdbx_database_id_PubMed   36508994 
_citation.pdbx_database_id_patent   ? 
_citation.unpublished_flag          ? 
# 
loop_
_citation_author.citation_id 
_citation_author.name 
_citation_author.ordinal 
_citation_author.identifier_ORCID 
primary 'Ye, M.'         1 ? 
primary 'Chen, E.V.'     2 ? 
primary 'Pfeil, S.H.'    3 ? 
primary 'Martin, K.N.'   4 ? 
primary 'Atrafi, T.'     5 ? 
primary 'Yun, S.'        6 ? 
primary 'Martinez, Z.'   7 ? 
primary 'Yatsunyk, L.A.' 8 ? 
# 
_cell.angle_alpha                  90.000 
_cell.angle_alpha_esd              ? 
_cell.angle_beta                   90.000 
_cell.angle_beta_esd               ? 
_cell.angle_gamma                  90.000 
_cell.angle_gamma_esd              ? 
_cell.entry_id                     8EBO 
_cell.details                      ? 
_cell.formula_units_Z              ? 
_cell.length_a                     42.053 
_cell.length_a_esd                 ? 
_cell.length_b                     47.474 
_cell.length_b_esd                 ? 
_cell.length_c                     119.597 
_cell.length_c_esd                 ? 
_cell.volume                       238766.336 
_cell.volume_esd                   ? 
_cell.Z_PDB                        16 
_cell.reciprocal_angle_alpha       ? 
_cell.reciprocal_angle_beta        ? 
_cell.reciprocal_angle_gamma       ? 
_cell.reciprocal_angle_alpha_esd   ? 
_cell.reciprocal_angle_beta_esd    ? 
_cell.reciprocal_angle_gamma_esd   ? 
_cell.reciprocal_length_a          ? 
_cell.reciprocal_length_b          ? 
_cell.reciprocal_length_c          ? 
_cell.reciprocal_length_a_esd      ? 
_cell.reciprocal_length_b_esd      ? 
_cell.reciprocal_length_c_esd      ? 
_cell.pdbx_unique_axis             ? 
_cell.pdbx_esd_method              ? 
# 
_symmetry.entry_id                         8EBO 
_symmetry.cell_setting                     ? 
_symmetry.Int_Tables_number                22 
_symmetry.space_group_name_Hall            'F 2 2' 
_symmetry.space_group_name_H-M             'F 2 2 2' 
_symmetry.pdbx_full_space_group_name_H-M   ? 
# 
loop_
_entity.id 
_entity.type 
_entity.src_method 
_entity.pdbx_description 
_entity.formula_weight 
_entity.pdbx_number_of_molecules 
_entity.pdbx_ec 
_entity.pdbx_mutation 
_entity.pdbx_fragment 
_entity.details 
1 polymer     syn 
;DNA (5'-D(*GP*AP*GP*GP*GP*AP*GP*GP*GP*AP*GP*GP*GP*AP*AP*AP*AP*GP*GP*GP*GP*A)-3')
;
7069.580 1 ? ? ? ? 
2 non-polymer syn N-METHYLMESOPORPHYRIN                                                              580.716  1 ? ? ? ? 
3 non-polymer syn 'POTASSIUM ION'                                                                    39.098   3 ? ? ? ? 
4 non-polymer syn 'COBALT (III) ION'                                                                 58.933   1 ? ? ? ? 
5 water       nat water                                                                              18.015   4 ? ? ? ? 
# 
_entity_poly.entity_id                      1 
_entity_poly.type                           polydeoxyribonucleotide 
_entity_poly.nstd_linkage                   no 
_entity_poly.nstd_monomer                   no 
_entity_poly.pdbx_seq_one_letter_code       
;(DG)(DA)(DG)(DG)(DG)(DA)(DG)(DG)(DG)(DA)(DG)(DG)(DG)(DA)(DA)(DA)(DA)(DG)(DG)(DG)
(DG)(DA)
;
_entity_poly.pdbx_seq_one_letter_code_can   GAGGGAGGGAGGGAAAAGGGGA 
_entity_poly.pdbx_strand_id                 A 
_entity_poly.pdbx_target_identifier         ? 
# 
loop_
_entity_poly_seq.entity_id 
_entity_poly_seq.num 
_entity_poly_seq.mon_id 
_entity_poly_seq.hetero 
1 1  DG n 
1 2  DA n 
1 3  DG n 
1 4  DG n 
1 5  DG n 
1 6  DA n 
1 7  DG n 
1 8  DG n 
1 9  DG n 
1 10 DA n 
1 11 DG n 
1 12 DG n 
1 13 DG n 
1 14 DA n 
1 15 DA n 
1 16 DA n 
1 17 DA n 
1 18 DG n 
1 19 DG n 
1 20 DG n 
1 21 DG n 
1 22 DA n 
# 
_pdbx_entity_src_syn.entity_id              1 
_pdbx_entity_src_syn.pdbx_src_id            1 
_pdbx_entity_src_syn.pdbx_alt_source_flag   sample 
_pdbx_entity_src_syn.pdbx_beg_seq_num       1 
_pdbx_entity_src_syn.pdbx_end_seq_num       22 
_pdbx_entity_src_syn.organism_scientific    'Homo sapiens' 
_pdbx_entity_src_syn.organism_common_name   ? 
_pdbx_entity_src_syn.ncbi_taxonomy_id       9606 
_pdbx_entity_src_syn.details                ? 
# 
_struct_ref.id                         1 
_struct_ref.db_name                    PDB 
_struct_ref.db_code                    8EBO 
_struct_ref.pdbx_db_accession          8EBO 
_struct_ref.pdbx_db_isoform            ? 
_struct_ref.entity_id                  1 
_struct_ref.pdbx_seq_one_letter_code   ? 
_struct_ref.pdbx_align_begin           1 
# 
_struct_ref_seq.align_id                      1 
_struct_ref_seq.ref_id                        1 
_struct_ref_seq.pdbx_PDB_id_code              8EBO 
_struct_ref_seq.pdbx_strand_id                A 
_struct_ref_seq.seq_align_beg                 1 
_struct_ref_seq.pdbx_seq_align_beg_ins_code   ? 
_struct_ref_seq.seq_align_end                 22 
_struct_ref_seq.pdbx_seq_align_end_ins_code   ? 
_struct_ref_seq.pdbx_db_accession             8EBO 
_struct_ref_seq.db_align_beg                  1 
_struct_ref_seq.pdbx_db_align_beg_ins_code    ? 
_struct_ref_seq.db_align_end                  22 
_struct_ref_seq.pdbx_db_align_end_ins_code    ? 
_struct_ref_seq.pdbx_auth_seq_align_beg       1 
_struct_ref_seq.pdbx_auth_seq_align_end       22 
# 
loop_
_chem_comp.id 
_chem_comp.type 
_chem_comp.mon_nstd_flag 
_chem_comp.name 
_chem_comp.pdbx_synonyms 
_chem_comp.formula 
_chem_comp.formula_weight 
3CO non-polymer   . 'COBALT (III) ION'                   ? 'Co 3'            58.933  
DA  'DNA linking' y "2'-DEOXYADENOSINE-5'-MONOPHOSPHATE" ? 'C10 H14 N5 O6 P' 331.222 
DG  'DNA linking' y "2'-DEOXYGUANOSINE-5'-MONOPHOSPHATE" ? 'C10 H14 N5 O7 P' 347.221 
HOH non-polymer   . WATER                                ? 'H2 O'            18.015  
K   non-polymer   . 'POTASSIUM ION'                      ? 'K 1'             39.098  
MMP non-polymer   . N-METHYLMESOPORPHYRIN                ? 'C35 H40 N4 O4'   580.716 
# 
_exptl.absorpt_coefficient_mu     ? 
_exptl.absorpt_correction_T_max   ? 
_exptl.absorpt_correction_T_min   ? 
_exptl.absorpt_correction_type    ? 
_exptl.absorpt_process_details    ? 
_exptl.entry_id                   8EBO 
_exptl.crystals_number            1 
_exptl.details                    ? 
_exptl.method                     'X-RAY DIFFRACTION' 
_exptl.method_details             ? 
# 
_exptl_crystal.colour                       ? 
_exptl_crystal.density_diffrn               ? 
_exptl_crystal.density_Matthews             2.18 
_exptl_crystal.density_method               ? 
_exptl_crystal.density_percent_sol          43.6 
_exptl_crystal.description                  'thin, well-ordered rhombuses' 
_exptl_crystal.F_000                        ? 
_exptl_crystal.id                           1 
_exptl_crystal.preparation                  ? 
_exptl_crystal.size_max                     ? 
_exptl_crystal.size_mid                     ? 
_exptl_crystal.size_min                     ? 
_exptl_crystal.size_rad                     ? 
_exptl_crystal.colour_lustre                ? 
_exptl_crystal.colour_modifier              ? 
_exptl_crystal.colour_primary               ? 
_exptl_crystal.density_meas                 ? 
_exptl_crystal.density_meas_esd             ? 
_exptl_crystal.density_meas_gt              ? 
_exptl_crystal.density_meas_lt              ? 
_exptl_crystal.density_meas_temp            ? 
_exptl_crystal.density_meas_temp_esd        ? 
_exptl_crystal.density_meas_temp_gt         ? 
_exptl_crystal.density_meas_temp_lt         ? 
_exptl_crystal.pdbx_crystal_image_url       ? 
_exptl_crystal.pdbx_crystal_image_format    ? 
_exptl_crystal.pdbx_mosaicity               ? 
_exptl_crystal.pdbx_mosaicity_esd           ? 
_exptl_crystal.pdbx_mosaic_method           ? 
_exptl_crystal.pdbx_mosaic_block_size       ? 
_exptl_crystal.pdbx_mosaic_block_size_esd   ? 
# 
_exptl_crystal_grow.apparatus       ? 
_exptl_crystal_grow.atmosphere      ? 
_exptl_crystal_grow.crystal_id      1 
_exptl_crystal_grow.details         ? 
_exptl_crystal_grow.method          'VAPOR DIFFUSION, HANGING DROP' 
_exptl_crystal_grow.method_ref      ? 
_exptl_crystal_grow.pH              ? 
_exptl_crystal_grow.pressure        ? 
_exptl_crystal_grow.pressure_esd    ? 
_exptl_crystal_grow.seeding         ? 
_exptl_crystal_grow.seeding_ref     ? 
_exptl_crystal_grow.temp            285.15 
_exptl_crystal_grow.temp_details    ? 
_exptl_crystal_grow.temp_esd        ? 
_exptl_crystal_grow.time            ? 
_exptl_crystal_grow.pdbx_details    
;The well condition included 0.012 M NaCl, 0.08-0.1 M KCl, 0.04 M sodium cacodylate pH 5.5, 45% MPD, and 0.002 M hexammine cobalt(III) chloride
;
_exptl_crystal_grow.pdbx_pH_range   ? 
# 
_diffrn.ambient_environment              ? 
_diffrn.ambient_temp                     196 
_diffrn.ambient_temp_details             ? 
_diffrn.ambient_temp_esd                 ? 
_diffrn.crystal_id                       1 
_diffrn.crystal_support                  ? 
_diffrn.crystal_treatment                ? 
_diffrn.details                          ? 
_diffrn.id                               1 
_diffrn.ambient_pressure                 ? 
_diffrn.ambient_pressure_esd             ? 
_diffrn.ambient_pressure_gt              ? 
_diffrn.ambient_pressure_lt              ? 
_diffrn.ambient_temp_gt                  ? 
_diffrn.ambient_temp_lt                  ? 
_diffrn.pdbx_serial_crystal_experiment   N 
# 
_diffrn_detector.details                      ? 
_diffrn_detector.detector                     PIXEL 
_diffrn_detector.diffrn_id                    1 
_diffrn_detector.type                         'DECTRIS EIGER X 16M' 
_diffrn_detector.area_resol_mean              ? 
_diffrn_detector.dtime                        ? 
_diffrn_detector.pdbx_frames_total            ? 
_diffrn_detector.pdbx_collection_time_total   ? 
_diffrn_detector.pdbx_collection_date         2021-12-08 
_diffrn_detector.pdbx_frequency               ? 
# 
_diffrn_radiation.collimation                      ? 
_diffrn_radiation.diffrn_id                        1 
_diffrn_radiation.filter_edge                      ? 
_diffrn_radiation.inhomogeneity                    ? 
_diffrn_radiation.monochromator                    ? 
_diffrn_radiation.polarisn_norm                    ? 
_diffrn_radiation.polarisn_ratio                   ? 
_diffrn_radiation.probe                            ? 
_diffrn_radiation.type                             ? 
_diffrn_radiation.xray_symbol                      ? 
_diffrn_radiation.wavelength_id                    1 
_diffrn_radiation.pdbx_monochromatic_or_laue_m_l   M 
_diffrn_radiation.pdbx_wavelength_list             ? 
_diffrn_radiation.pdbx_wavelength                  ? 
_diffrn_radiation.pdbx_diffrn_protocol             'SINGLE WAVELENGTH' 
_diffrn_radiation.pdbx_analyzer                    ? 
_diffrn_radiation.pdbx_scattering_type             x-ray 
# 
_diffrn_radiation_wavelength.id           1 
_diffrn_radiation_wavelength.wavelength   0.97918 
_diffrn_radiation_wavelength.wt           1.0 
# 
_diffrn_source.current                     ? 
_diffrn_source.details                     ? 
_diffrn_source.diffrn_id                   1 
_diffrn_source.power                       ? 
_diffrn_source.size                        ? 
_diffrn_source.source                      SYNCHROTRON 
_diffrn_source.target                      ? 
_diffrn_source.type                        'APS BEAMLINE 24-ID-C' 
_diffrn_source.voltage                     ? 
_diffrn_source.take-off_angle              ? 
_diffrn_source.pdbx_wavelength_list        0.97918 
_diffrn_source.pdbx_wavelength             ? 
_diffrn_source.pdbx_synchrotron_beamline   24-ID-C 
_diffrn_source.pdbx_synchrotron_site       APS 
# 
_reflns.B_iso_Wilson_estimate                          64.73 
_reflns.entry_id                                       8EBO 
_reflns.data_reduction_details                         ? 
_reflns.data_reduction_method                          ? 
_reflns.d_resolution_high                              1.98 
_reflns.d_resolution_low                               30.44 
_reflns.details                                        ? 
_reflns.limit_h_max                                    ? 
_reflns.limit_h_min                                    ? 
_reflns.limit_k_max                                    ? 
_reflns.limit_k_min                                    ? 
_reflns.limit_l_max                                    ? 
_reflns.limit_l_min                                    ? 
_reflns.number_all                                     ? 
_reflns.number_obs                                     4296 
_reflns.observed_criterion                             ? 
_reflns.observed_criterion_F_max                       ? 
_reflns.observed_criterion_F_min                       ? 
_reflns.observed_criterion_I_max                       ? 
_reflns.observed_criterion_I_min                       ? 
_reflns.observed_criterion_sigma_F                     ? 
_reflns.observed_criterion_sigma_I                     ? 
_reflns.percent_possible_obs                           99.2 
_reflns.R_free_details                                 ? 
_reflns.Rmerge_F_all                                   ? 
_reflns.Rmerge_F_obs                                   ? 
_reflns.Friedel_coverage                               ? 
_reflns.number_gt                                      ? 
_reflns.threshold_expression                           ? 
_reflns.pdbx_redundancy                                5.8 
_reflns.pdbx_Rmerge_I_obs                              0.049 
_reflns.pdbx_Rmerge_I_all                              ? 
_reflns.pdbx_Rsym_value                                ? 
_reflns.pdbx_netI_over_av_sigmaI                       ? 
_reflns.pdbx_netI_over_sigmaI                          15.1 
_reflns.pdbx_res_netI_over_av_sigmaI_2                 ? 
_reflns.pdbx_res_netI_over_sigmaI_2                    ? 
_reflns.pdbx_chi_squared                               ? 
_reflns.pdbx_scaling_rejects                           ? 
_reflns.pdbx_d_res_high_opt                            ? 
_reflns.pdbx_d_res_low_opt                             ? 
_reflns.pdbx_d_res_opt_method                          ? 
_reflns.phase_calculation_details                      ? 
_reflns.pdbx_Rrim_I_all                                0.054 
_reflns.pdbx_Rpim_I_all                                0.023 
_reflns.pdbx_d_opt                                     ? 
_reflns.pdbx_number_measured_all                       ? 
_reflns.pdbx_diffrn_id                                 1 
_reflns.pdbx_ordinal                                   1 
_reflns.pdbx_CC_half                                   0.999 
_reflns.pdbx_CC_star                                   ? 
_reflns.pdbx_R_split                                   ? 
_reflns.pdbx_aniso_diffraction_limit_axis_1_ortho[1]   ? 
_reflns.pdbx_aniso_diffraction_limit_axis_1_ortho[2]   ? 
_reflns.pdbx_aniso_diffraction_limit_axis_1_ortho[3]   ? 
_reflns.pdbx_aniso_diffraction_limit_axis_2_ortho[1]   ? 
_reflns.pdbx_aniso_diffraction_limit_axis_2_ortho[2]   ? 
_reflns.pdbx_aniso_diffraction_limit_axis_2_ortho[3]   ? 
_reflns.pdbx_aniso_diffraction_limit_axis_3_ortho[1]   ? 
_reflns.pdbx_aniso_diffraction_limit_axis_3_ortho[2]   ? 
_reflns.pdbx_aniso_diffraction_limit_axis_3_ortho[3]   ? 
_reflns.pdbx_aniso_diffraction_limit_1                 ? 
_reflns.pdbx_aniso_diffraction_limit_2                 ? 
_reflns.pdbx_aniso_diffraction_limit_3                 ? 
_reflns.pdbx_aniso_B_tensor_eigenvector_1_ortho[1]     ? 
_reflns.pdbx_aniso_B_tensor_eigenvector_1_ortho[2]     ? 
_reflns.pdbx_aniso_B_tensor_eigenvector_1_ortho[3]     ? 
_reflns.pdbx_aniso_B_tensor_eigenvector_2_ortho[1]     ? 
_reflns.pdbx_aniso_B_tensor_eigenvector_2_ortho[2]     ? 
_reflns.pdbx_aniso_B_tensor_eigenvector_2_ortho[3]     ? 
_reflns.pdbx_aniso_B_tensor_eigenvector_3_ortho[1]     ? 
_reflns.pdbx_aniso_B_tensor_eigenvector_3_ortho[2]     ? 
_reflns.pdbx_aniso_B_tensor_eigenvector_3_ortho[3]     ? 
_reflns.pdbx_aniso_B_tensor_eigenvalue_1               ? 
_reflns.pdbx_aniso_B_tensor_eigenvalue_2               ? 
_reflns.pdbx_aniso_B_tensor_eigenvalue_3               ? 
_reflns.pdbx_orthogonalization_convention              ? 
_reflns.pdbx_percent_possible_ellipsoidal              ? 
_reflns.pdbx_percent_possible_spherical                ? 
_reflns.pdbx_percent_possible_ellipsoidal_anomalous    ? 
_reflns.pdbx_percent_possible_spherical_anomalous      ? 
_reflns.pdbx_redundancy_anomalous                      ? 
_reflns.pdbx_CC_half_anomalous                         ? 
_reflns.pdbx_absDiff_over_sigma_anomalous              ? 
_reflns.pdbx_percent_possible_anomalous                ? 
_reflns.pdbx_observed_signal_threshold                 ? 
_reflns.pdbx_signal_type                               ? 
_reflns.pdbx_signal_details                            ? 
_reflns.pdbx_signal_software_id                        ? 
_reflns.pdbx_CC_split_method                           ? 
# 
_reflns_shell.d_res_high                                    1.98 
_reflns_shell.d_res_low                                     2.03 
_reflns_shell.meanI_over_sigI_all                           ? 
_reflns_shell.meanI_over_sigI_obs                           0.7 
_reflns_shell.number_measured_all                           ? 
_reflns_shell.number_measured_obs                           ? 
_reflns_shell.number_possible                               ? 
_reflns_shell.number_unique_all                             ? 
_reflns_shell.number_unique_obs                             279 
_reflns_shell.percent_possible_all                          99.8 
_reflns_shell.percent_possible_obs                          ? 
_reflns_shell.Rmerge_F_all                                  ? 
_reflns_shell.Rmerge_F_obs                                  ? 
_reflns_shell.Rmerge_I_all                                  ? 
_reflns_shell.Rmerge_I_obs                                  ? 
_reflns_shell.meanI_over_sigI_gt                            ? 
_reflns_shell.meanI_over_uI_all                             ? 
_reflns_shell.meanI_over_uI_gt                              ? 
_reflns_shell.number_measured_gt                            ? 
_reflns_shell.number_unique_gt                              ? 
_reflns_shell.percent_possible_gt                           ? 
_reflns_shell.Rmerge_F_gt                                   ? 
_reflns_shell.Rmerge_I_gt                                   ? 
_reflns_shell.pdbx_redundancy                               6.3 
_reflns_shell.pdbx_Rsym_value                               ? 
_reflns_shell.pdbx_chi_squared                              ? 
_reflns_shell.pdbx_netI_over_sigmaI_all                     ? 
_reflns_shell.pdbx_netI_over_sigmaI_obs                     ? 
_reflns_shell.pdbx_Rrim_I_all                               ? 
_reflns_shell.pdbx_Rpim_I_all                               0.894 
_reflns_shell.pdbx_rejects                                  ? 
_reflns_shell.pdbx_ordinal                                  1 
_reflns_shell.pdbx_diffrn_id                                1 
_reflns_shell.pdbx_CC_half                                  0.351 
_reflns_shell.pdbx_CC_star                                  ? 
_reflns_shell.pdbx_R_split                                  ? 
_reflns_shell.pdbx_percent_possible_ellipsoidal             ? 
_reflns_shell.pdbx_percent_possible_spherical               ? 
_reflns_shell.pdbx_percent_possible_ellipsoidal_anomalous   ? 
_reflns_shell.pdbx_percent_possible_spherical_anomalous     ? 
_reflns_shell.pdbx_redundancy_anomalous                     ? 
_reflns_shell.pdbx_CC_half_anomalous                        ? 
_reflns_shell.pdbx_absDiff_over_sigma_anomalous             ? 
_reflns_shell.pdbx_percent_possible_anomalous               ? 
# 
_refine.aniso_B[1][1]                            ? 
_refine.aniso_B[1][2]                            ? 
_refine.aniso_B[1][3]                            ? 
_refine.aniso_B[2][2]                            ? 
_refine.aniso_B[2][3]                            ? 
_refine.aniso_B[3][3]                            ? 
_refine.B_iso_max                                ? 
_refine.B_iso_mean                               95.26 
_refine.B_iso_min                                ? 
_refine.correlation_coeff_Fo_to_Fc               ? 
_refine.correlation_coeff_Fo_to_Fc_free          ? 
_refine.details                                  ? 
_refine.diff_density_max                         ? 
_refine.diff_density_max_esd                     ? 
_refine.diff_density_min                         ? 
_refine.diff_density_min_esd                     ? 
_refine.diff_density_rms                         ? 
_refine.diff_density_rms_esd                     ? 
_refine.entry_id                                 8EBO 
_refine.pdbx_refine_id                           'X-RAY DIFFRACTION' 
_refine.ls_abs_structure_details                 ? 
_refine.ls_abs_structure_Flack                   ? 
_refine.ls_abs_structure_Flack_esd               ? 
_refine.ls_abs_structure_Rogers                  ? 
_refine.ls_abs_structure_Rogers_esd              ? 
_refine.ls_d_res_high                            1.98 
_refine.ls_d_res_low                             24.71 
_refine.ls_extinction_coef                       ? 
_refine.ls_extinction_coef_esd                   ? 
_refine.ls_extinction_expression                 ? 
_refine.ls_extinction_method                     ? 
_refine.ls_goodness_of_fit_all                   ? 
_refine.ls_goodness_of_fit_all_esd               ? 
_refine.ls_goodness_of_fit_obs                   ? 
_refine.ls_goodness_of_fit_obs_esd               ? 
_refine.ls_hydrogen_treatment                    ? 
_refine.ls_matrix_type                           ? 
_refine.ls_number_constraints                    ? 
_refine.ls_number_parameters                     ? 
_refine.ls_number_reflns_all                     ? 
_refine.ls_number_reflns_obs                     4254 
_refine.ls_number_reflns_R_free                  425 
_refine.ls_number_reflns_R_work                  3829 
_refine.ls_number_restraints                     ? 
_refine.ls_percent_reflns_obs                    98.09 
_refine.ls_percent_reflns_R_free                 9.99 
_refine.ls_R_factor_all                          ? 
_refine.ls_R_factor_obs                          0.2362 
_refine.ls_R_factor_R_free                       0.2789 
_refine.ls_R_factor_R_free_error                 ? 
_refine.ls_R_factor_R_free_error_details         ? 
_refine.ls_R_factor_R_work                       0.2314 
_refine.ls_R_Fsqd_factor_obs                     ? 
_refine.ls_R_I_factor_obs                        ? 
_refine.ls_redundancy_reflns_all                 ? 
_refine.ls_redundancy_reflns_obs                 ? 
_refine.ls_restrained_S_all                      ? 
_refine.ls_restrained_S_obs                      ? 
_refine.ls_shift_over_esd_max                    ? 
_refine.ls_shift_over_esd_mean                   ? 
_refine.ls_structure_factor_coef                 ? 
_refine.ls_weighting_details                     ? 
_refine.ls_weighting_scheme                      ? 
_refine.ls_wR_factor_all                         ? 
_refine.ls_wR_factor_obs                         ? 
_refine.ls_wR_factor_R_free                      ? 
_refine.ls_wR_factor_R_work                      ? 
_refine.occupancy_max                            ? 
_refine.occupancy_min                            ? 
_refine.solvent_model_details                    'FLAT BULK SOLVENT MODEL' 
_refine.solvent_model_param_bsol                 ? 
_refine.solvent_model_param_ksol                 ? 
_refine.pdbx_R_complete                          ? 
_refine.ls_R_factor_gt                           ? 
_refine.ls_goodness_of_fit_gt                    ? 
_refine.ls_goodness_of_fit_ref                   ? 
_refine.ls_shift_over_su_max                     ? 
_refine.ls_shift_over_su_max_lt                  ? 
_refine.ls_shift_over_su_mean                    ? 
_refine.ls_shift_over_su_mean_lt                 ? 
_refine.pdbx_ls_sigma_I                          ? 
_refine.pdbx_ls_sigma_F                          1.35 
_refine.pdbx_ls_sigma_Fsqd                       ? 
_refine.pdbx_data_cutoff_high_absF               ? 
_refine.pdbx_data_cutoff_high_rms_absF           ? 
_refine.pdbx_data_cutoff_low_absF                ? 
_refine.pdbx_isotropic_thermal_model             ? 
_refine.pdbx_ls_cross_valid_method               'FREE R-VALUE' 
_refine.pdbx_method_to_determine_struct          'MOLECULAR REPLACEMENT' 
_refine.pdbx_starting_model                      4G0F 
_refine.pdbx_stereochemistry_target_values       'GeoStd + Monomer Library + CDL v1.2' 
_refine.pdbx_R_Free_selection_details            ? 
_refine.pdbx_stereochem_target_val_spec_case     ? 
_refine.pdbx_overall_ESU_R                       ? 
_refine.pdbx_overall_ESU_R_Free                  ? 
_refine.pdbx_solvent_vdw_probe_radii             1.1100 
_refine.pdbx_solvent_ion_probe_radii             ? 
_refine.pdbx_solvent_shrinkage_radii             0.9000 
_refine.pdbx_real_space_R                        ? 
_refine.pdbx_density_correlation                 ? 
_refine.pdbx_pd_number_of_powder_patterns        ? 
_refine.pdbx_pd_number_of_points                 ? 
_refine.pdbx_pd_meas_number_of_points            ? 
_refine.pdbx_pd_proc_ls_prof_R_factor            ? 
_refine.pdbx_pd_proc_ls_prof_wR_factor           ? 
_refine.pdbx_pd_Marquardt_correlation_coeff      ? 
_refine.pdbx_pd_Fsqrd_R_factor                   ? 
_refine.pdbx_pd_ls_matrix_band_width             ? 
_refine.pdbx_overall_phase_error                 45.9448 
_refine.pdbx_overall_SU_R_free_Cruickshank_DPI   ? 
_refine.pdbx_overall_SU_R_free_Blow_DPI          ? 
_refine.pdbx_overall_SU_R_Blow_DPI               ? 
_refine.pdbx_TLS_residual_ADP_flag               ? 
_refine.pdbx_diffrn_id                           1 
_refine.overall_SU_B                             ? 
_refine.overall_SU_ML                            0.2268 
_refine.overall_SU_R_Cruickshank_DPI             ? 
_refine.overall_SU_R_free                        ? 
_refine.overall_FOM_free_R_set                   ? 
_refine.overall_FOM_work_R_set                   ? 
_refine.pdbx_average_fsc_overall                 ? 
_refine.pdbx_average_fsc_work                    ? 
_refine.pdbx_average_fsc_free                    ? 
# 
_refine_hist.pdbx_refine_id                   'X-RAY DIFFRACTION' 
_refine_hist.cycle_id                         LAST 
_refine_hist.details                          ? 
_refine_hist.d_res_high                       1.98 
_refine_hist.d_res_low                        24.71 
_refine_hist.number_atoms_solvent             4 
_refine_hist.number_atoms_total               476 
_refine_hist.number_reflns_all                ? 
_refine_hist.number_reflns_obs                ? 
_refine_hist.number_reflns_R_free             ? 
_refine_hist.number_reflns_R_work             ? 
_refine_hist.R_factor_all                     ? 
_refine_hist.R_factor_obs                     ? 
_refine_hist.R_factor_R_free                  ? 
_refine_hist.R_factor_R_work                  ? 
_refine_hist.pdbx_number_residues_total       ? 
_refine_hist.pdbx_B_iso_mean_ligand           ? 
_refine_hist.pdbx_B_iso_mean_solvent          ? 
_refine_hist.pdbx_number_atoms_protein        0 
_refine_hist.pdbx_number_atoms_nucleic_acid   435 
_refine_hist.pdbx_number_atoms_ligand         37 
_refine_hist.pdbx_number_atoms_lipid          ? 
_refine_hist.pdbx_number_atoms_carb           ? 
_refine_hist.pdbx_pseudo_atom_details         ? 
# 
loop_
_refine_ls_restr.pdbx_refine_id 
_refine_ls_restr.criterion 
_refine_ls_restr.dev_ideal 
_refine_ls_restr.dev_ideal_target 
_refine_ls_restr.number 
_refine_ls_restr.rejects 
_refine_ls_restr.type 
_refine_ls_restr.weight 
_refine_ls_restr.pdbx_restraint_function 
'X-RAY DIFFRACTION' ? 0.0142  ? 530 ? f_bond_d           ? ? 
'X-RAY DIFFRACTION' ? 1.9337  ? 823 ? f_angle_d          ? ? 
'X-RAY DIFFRACTION' ? 0.0686  ? 82  ? f_chiral_restr     ? ? 
'X-RAY DIFFRACTION' ? 0.0128  ? 23  ? f_plane_restr      ? ? 
'X-RAY DIFFRACTION' ? 36.2790 ? 203 ? f_dihedral_angle_d ? ? 
# 
loop_
_refine_ls_shell.pdbx_refine_id 
_refine_ls_shell.d_res_high 
_refine_ls_shell.d_res_low 
_refine_ls_shell.number_reflns_all 
_refine_ls_shell.number_reflns_obs 
_refine_ls_shell.number_reflns_R_free 
_refine_ls_shell.number_reflns_R_work 
_refine_ls_shell.percent_reflns_obs 
_refine_ls_shell.percent_reflns_R_free 
_refine_ls_shell.R_factor_all 
_refine_ls_shell.R_factor_obs 
_refine_ls_shell.R_factor_R_free 
_refine_ls_shell.R_factor_R_free_error 
_refine_ls_shell.R_factor_R_work 
_refine_ls_shell.redundancy_reflns_all 
_refine_ls_shell.redundancy_reflns_obs 
_refine_ls_shell.wR_factor_all 
_refine_ls_shell.wR_factor_obs 
_refine_ls_shell.wR_factor_R_free 
_refine_ls_shell.wR_factor_R_work 
_refine_ls_shell.pdbx_R_complete 
_refine_ls_shell.pdbx_total_number_of_bins_used 
_refine_ls_shell.pdbx_phase_error 
_refine_ls_shell.pdbx_fsc_work 
_refine_ls_shell.pdbx_fsc_free 
'X-RAY DIFFRACTION' 1.98 2.27  . . 138 1242 97.87 . . . 0.3566 . 0.2966 . . . . . . . . . . . 
'X-RAY DIFFRACTION' 2.27 2.85  . . 141 1278 99.51 . . . 0.3470 . 0.3619 . . . . . . . . . . . 
'X-RAY DIFFRACTION' 2.86 24.71 . . 146 1309 96.94 . . . 0.2612 . 0.2042 . . . . . . . . . . . 
# 
_struct.entry_id                     8EBO 
_struct.title                        'Homopurine parallel G-quadruplex from human chromosome 7 stabilized by K+ ions' 
_struct.pdbx_model_details           ? 
_struct.pdbx_formula_weight          ? 
_struct.pdbx_formula_weight_method   ? 
_struct.pdbx_model_type_details      ? 
_struct.pdbx_CASP_flag               N 
# 
_struct_keywords.entry_id        8EBO 
_struct_keywords.text            'G-quadruplex, parallel, propeller loops, DNA' 
_struct_keywords.pdbx_keywords   DNA 
# 
loop_
_struct_asym.id 
_struct_asym.pdbx_blank_PDB_chainid_flag 
_struct_asym.pdbx_modified 
_struct_asym.entity_id 
_struct_asym.details 
A N N 1 ? 
B N N 2 ? 
C N N 3 ? 
D N N 3 ? 
E N N 3 ? 
F N N 4 ? 
G N N 5 ? 
# 
loop_
_struct_conn.id 
_struct_conn.conn_type_id 
_struct_conn.pdbx_leaving_atom_flag 
_struct_conn.pdbx_PDB_id 
_struct_conn.ptnr1_label_asym_id 
_struct_conn.ptnr1_label_comp_id 
_struct_conn.ptnr1_label_seq_id 
_struct_conn.ptnr1_label_atom_id 
_struct_conn.pdbx_ptnr1_label_alt_id 
_struct_conn.pdbx_ptnr1_PDB_ins_code 
_struct_conn.pdbx_ptnr1_standard_comp_id 
_struct_conn.ptnr1_symmetry 
_struct_conn.ptnr2_label_asym_id 
_struct_conn.ptnr2_label_comp_id 
_struct_conn.ptnr2_label_seq_id 
_struct_conn.ptnr2_label_atom_id 
_struct_conn.pdbx_ptnr2_label_alt_id 
_struct_conn.pdbx_ptnr2_PDB_ins_code 
_struct_conn.ptnr1_auth_asym_id 
_struct_conn.ptnr1_auth_comp_id 
_struct_conn.ptnr1_auth_seq_id 
_struct_conn.ptnr2_auth_asym_id 
_struct_conn.ptnr2_auth_comp_id 
_struct_conn.ptnr2_auth_seq_id 
_struct_conn.ptnr2_symmetry 
_struct_conn.pdbx_ptnr3_label_atom_id 
_struct_conn.pdbx_ptnr3_label_seq_id 
_struct_conn.pdbx_ptnr3_label_comp_id 
_struct_conn.pdbx_ptnr3_label_asym_id 
_struct_conn.pdbx_ptnr3_label_alt_id 
_struct_conn.pdbx_ptnr3_PDB_ins_code 
_struct_conn.details 
_struct_conn.pdbx_dist_value 
_struct_conn.pdbx_value_order 
_struct_conn.pdbx_role 
metalc1  metalc ? ? A DG 1  O6 ? ? ? 1_555 E K  .  K  ? ? A DG 1  A K  104 1_555 ? ? ? ? ? ? ?           2.761 ? ? 
metalc2  metalc ? ? A DG 1  O6 ? ? ? 1_555 E K  .  K  ? ? A DG 1  A K  104 2_455 ? ? ? ? ? ? ?           2.358 ? ? 
metalc3  metalc ? ? A DG 3  O6 ? ? ? 1_555 D K  .  K  ? ? A DG 3  A K  103 1_555 ? ? ? ? ? ? ?           2.842 ? ? 
metalc4  metalc ? ? A DG 3  O6 ? ? ? 1_555 E K  .  K  ? ? A DG 3  A K  104 1_555 ? ? ? ? ? ? ?           2.485 ? ? 
metalc5  metalc ? ? A DG 4  O6 ? ? ? 1_555 C K  .  K  ? ? A DG 4  A K  102 1_555 ? ? ? ? ? ? ?           2.942 ? ? 
metalc6  metalc ? ? A DG 4  O6 ? ? ? 1_555 D K  .  K  ? ? A DG 4  A K  103 1_555 ? ? ? ? ? ? ?           2.805 ? ? 
metalc7  metalc ? ? A DG 5  O6 ? ? ? 1_555 C K  .  K  ? ? A DG 5  A K  102 1_555 ? ? ? ? ? ? ?           2.775 ? ? 
metalc8  metalc ? ? A DG 7  O6 ? ? ? 1_555 D K  .  K  ? ? A DG 7  A K  103 1_555 ? ? ? ? ? ? ?           2.621 ? ? 
metalc9  metalc ? ? A DG 7  O6 ? ? ? 1_555 E K  .  K  ? ? A DG 7  A K  104 1_555 ? ? ? ? ? ? ?           2.595 ? ? 
metalc10 metalc ? ? A DG 8  O6 ? ? ? 1_555 C K  .  K  ? ? A DG 8  A K  102 1_555 ? ? ? ? ? ? ?           2.714 ? ? 
metalc11 metalc ? ? A DG 8  O6 ? ? ? 1_555 D K  .  K  ? ? A DG 8  A K  103 1_555 ? ? ? ? ? ? ?           2.687 ? ? 
metalc12 metalc ? ? A DG 9  O6 ? ? ? 1_555 C K  .  K  ? ? A DG 9  A K  102 1_555 ? ? ? ? ? ? ?           2.731 ? ? 
metalc13 metalc ? ? A DG 11 O6 ? ? ? 1_555 D K  .  K  ? ? A DG 11 A K  103 1_555 ? ? ? ? ? ? ?           2.744 ? ? 
metalc14 metalc ? ? A DG 11 O6 ? ? ? 1_555 E K  .  K  ? ? A DG 11 A K  104 1_555 ? ? ? ? ? ? ?           2.872 ? ? 
metalc15 metalc ? ? A DG 12 O6 ? ? ? 1_555 C K  .  K  ? ? A DG 12 A K  102 1_555 ? ? ? ? ? ? ?           2.891 ? ? 
metalc16 metalc ? ? A DG 12 O6 ? ? ? 1_555 D K  .  K  ? ? A DG 12 A K  103 1_555 ? ? ? ? ? ? ?           3.009 ? ? 
metalc17 metalc ? ? A DG 13 O6 ? ? ? 1_555 C K  .  K  ? ? A DG 13 A K  102 1_555 ? ? ? ? ? ? ?           2.738 ? ? 
metalc18 metalc ? ? A DG 18 O6 ? ? ? 1_555 E K  .  K  ? ? A DG 18 A K  104 1_555 ? ? ? ? ? ? ?           2.783 ? ? 
metalc19 metalc ? ? A DG 18 O6 ? ? ? 1_555 E K  .  K  ? ? A DG 18 A K  104 2_455 ? ? ? ? ? ? ?           2.719 ? ? 
metalc20 metalc ? ? A DG 19 O6 ? ? ? 1_555 D K  .  K  ? ? A DG 19 A K  103 1_555 ? ? ? ? ? ? ?           2.756 ? ? 
metalc21 metalc ? ? A DG 19 O6 ? ? ? 1_555 E K  .  K  ? ? A DG 19 A K  104 1_555 ? ? ? ? ? ? ?           2.743 ? ? 
metalc22 metalc ? ? A DG 20 O6 ? ? ? 1_555 C K  .  K  ? ? A DG 20 A K  102 1_555 ? ? ? ? ? ? ?           2.846 ? ? 
metalc23 metalc ? ? A DG 20 O6 ? ? ? 1_555 D K  .  K  ? ? A DG 20 A K  103 1_555 ? ? ? ? ? ? ?           2.621 ? ? 
metalc24 metalc ? ? A DG 21 O6 ? ? ? 1_555 C K  .  K  ? ? A DG 21 A K  102 1_555 ? ? ? ? ? ? ?           2.355 ? ? 
hydrog1  hydrog ? ? A DG 3  N1 ? ? ? 1_555 A DG 7  O6 ? ? A DG 3  A DG 7   1_555 ? ? ? ? ? ? TYPE_6_PAIR ?     ? ? 
hydrog2  hydrog ? ? A DG 3  N2 ? ? ? 1_555 A DG 7  N7 ? ? A DG 3  A DG 7   1_555 ? ? ? ? ? ? TYPE_6_PAIR ?     ? ? 
hydrog3  hydrog ? ? A DG 3  N7 ? ? ? 1_555 A DG 19 N2 ? ? A DG 3  A DG 19  1_555 ? ? ? ? ? ? TYPE_6_PAIR ?     ? ? 
hydrog4  hydrog ? ? A DG 3  O6 ? ? ? 1_555 A DG 19 N1 ? ? A DG 3  A DG 19  1_555 ? ? ? ? ? ? TYPE_6_PAIR ?     ? ? 
hydrog5  hydrog ? ? A DG 4  N1 ? ? ? 1_555 A DG 8  O6 ? ? A DG 4  A DG 8   1_555 ? ? ? ? ? ? TYPE_6_PAIR ?     ? ? 
hydrog6  hydrog ? ? A DG 4  N2 ? ? ? 1_555 A DG 8  N7 ? ? A DG 4  A DG 8   1_555 ? ? ? ? ? ? TYPE_6_PAIR ?     ? ? 
hydrog7  hydrog ? ? A DG 4  N7 ? ? ? 1_555 A DG 20 N2 ? ? A DG 4  A DG 20  1_555 ? ? ? ? ? ? TYPE_6_PAIR ?     ? ? 
hydrog8  hydrog ? ? A DG 4  O6 ? ? ? 1_555 A DG 20 N1 ? ? A DG 4  A DG 20  1_555 ? ? ? ? ? ? TYPE_6_PAIR ?     ? ? 
hydrog9  hydrog ? ? A DG 4  N7 ? ? ? 1_555 A DG 21 N2 ? ? A DG 4  A DG 21  1_555 ? ? ? ? ? ? TYPE_6_PAIR ?     ? ? 
hydrog10 hydrog ? ? A DG 4  O6 ? ? ? 1_555 A DG 21 N1 ? ? A DG 4  A DG 21  1_555 ? ? ? ? ? ? TYPE_6_PAIR ?     ? ? 
hydrog11 hydrog ? ? A DG 5  N1 ? ? ? 1_555 A DG 9  O6 ? ? A DG 5  A DG 9   1_555 ? ? ? ? ? ? TYPE_6_PAIR ?     ? ? 
hydrog12 hydrog ? ? A DG 5  N2 ? ? ? 1_555 A DG 9  N7 ? ? A DG 5  A DG 9   1_555 ? ? ? ? ? ? TYPE_6_PAIR ?     ? ? 
hydrog13 hydrog ? ? A DG 5  N7 ? ? ? 1_555 A DG 21 N2 ? ? A DG 5  A DG 21  1_555 ? ? ? ? ? ? TYPE_6_PAIR ?     ? ? 
hydrog14 hydrog ? ? A DG 5  O6 ? ? ? 1_555 A DG 21 N1 ? ? A DG 5  A DG 21  1_555 ? ? ? ? ? ? TYPE_6_PAIR ?     ? ? 
hydrog15 hydrog ? ? A DG 7  N1 ? ? ? 1_555 A DG 11 O6 ? ? A DG 7  A DG 11  1_555 ? ? ? ? ? ? TYPE_6_PAIR ?     ? ? 
hydrog16 hydrog ? ? A DG 7  N2 ? ? ? 1_555 A DG 11 N7 ? ? A DG 7  A DG 11  1_555 ? ? ? ? ? ? TYPE_6_PAIR ?     ? ? 
hydrog17 hydrog ? ? A DG 8  N1 ? ? ? 1_555 A DG 12 O6 ? ? A DG 8  A DG 12  1_555 ? ? ? ? ? ? TYPE_6_PAIR ?     ? ? 
hydrog18 hydrog ? ? A DG 8  N2 ? ? ? 1_555 A DG 12 N7 ? ? A DG 8  A DG 12  1_555 ? ? ? ? ? ? TYPE_6_PAIR ?     ? ? 
hydrog19 hydrog ? ? A DG 9  N1 ? ? ? 1_555 A DG 13 O6 ? ? A DG 9  A DG 13  1_555 ? ? ? ? ? ? TYPE_6_PAIR ?     ? ? 
hydrog20 hydrog ? ? A DG 9  N2 ? ? ? 1_555 A DG 13 N7 ? ? A DG 9  A DG 13  1_555 ? ? ? ? ? ? TYPE_6_PAIR ?     ? ? 
hydrog21 hydrog ? ? A DG 11 N1 ? ? ? 1_555 A DG 19 O6 ? ? A DG 11 A DG 19  1_555 ? ? ? ? ? ? TYPE_6_PAIR ?     ? ? 
hydrog22 hydrog ? ? A DG 11 N2 ? ? ? 1_555 A DG 19 N7 ? ? A DG 11 A DG 19  1_555 ? ? ? ? ? ? TYPE_6_PAIR ?     ? ? 
hydrog23 hydrog ? ? A DG 12 N1 ? ? ? 1_555 A DG 20 O6 ? ? A DG 12 A DG 20  1_555 ? ? ? ? ? ? TYPE_6_PAIR ?     ? ? 
hydrog24 hydrog ? ? A DG 12 N2 ? ? ? 1_555 A DG 20 N7 ? ? A DG 12 A DG 20  1_555 ? ? ? ? ? ? TYPE_6_PAIR ?     ? ? 
hydrog25 hydrog ? ? A DG 13 N1 ? ? ? 1_555 A DG 21 O6 ? ? A DG 13 A DG 21  1_555 ? ? ? ? ? ? TYPE_6_PAIR ?     ? ? 
hydrog26 hydrog ? ? A DG 13 N2 ? ? ? 1_555 A DG 21 N7 ? ? A DG 13 A DG 21  1_555 ? ? ? ? ? ? TYPE_6_PAIR ?     ? ? 
# 
loop_
_struct_conn_type.id 
_struct_conn_type.criteria 
_struct_conn_type.reference 
metalc ? ? 
hydrog ? ? 
# 
_atom_sites.entry_id                    8EBO 
_atom_sites.Cartn_transf_matrix[1][1]   ? 
_atom_sites.Cartn_transf_matrix[1][2]   ? 
_atom_sites.Cartn_transf_matrix[1][3]   ? 
_atom_sites.Cartn_transf_matrix[2][1]   ? 
_atom_sites.Cartn_transf_matrix[2][2]   ? 
_atom_sites.Cartn_transf_matrix[2][3]   ? 
_atom_sites.Cartn_transf_matrix[3][1]   ? 
_atom_sites.Cartn_transf_matrix[3][2]   ? 
_atom_sites.Cartn_transf_matrix[3][3]   ? 
_atom_sites.Cartn_transf_vector[1]      ? 
_atom_sites.Cartn_transf_vector[2]      ? 
_atom_sites.Cartn_transf_vector[3]      ? 
_atom_sites.fract_transf_matrix[1][1]   0.01656587 
_atom_sites.fract_transf_matrix[1][2]   -0.01584643 
_atom_sites.fract_transf_matrix[1][3]   0.00632066 
_atom_sites.fract_transf_matrix[2][1]   0.00335192 
_atom_sites.fract_transf_matrix[2][2]   -0.00458638 
_atom_sites.fract_transf_matrix[2][3]   -0.02028354 
_atom_sites.fract_transf_matrix[3][1]   0.00584902 
_atom_sites.fract_transf_matrix[3][2]   0.00596236 
_atom_sites.fract_transf_matrix[3][3]   -0.00038160 
_atom_sites.fract_transf_vector[1]      -0.359349 
_atom_sites.fract_transf_vector[2]      0.060874 
_atom_sites.fract_transf_vector[3]      -0.122734 
_atom_sites.solution_primary            ? 
_atom_sites.solution_secondary          ? 
_atom_sites.solution_hydrogens          ? 
_atom_sites.special_details             ? 
# 
loop_
_atom_type.symbol 
_atom_type.scat_dispersion_real 
_atom_type.scat_dispersion_imag 
_atom_type.scat_Cromer_Mann_a1 
_atom_type.scat_Cromer_Mann_a2 
_atom_type.scat_Cromer_Mann_a3 
_atom_type.scat_Cromer_Mann_a4 
_atom_type.scat_Cromer_Mann_b1 
_atom_type.scat_Cromer_Mann_b2 
_atom_type.scat_Cromer_Mann_b3 
_atom_type.scat_Cromer_Mann_b4 
_atom_type.scat_Cromer_Mann_c 
_atom_type.scat_source 
_atom_type.scat_dispersion_source 
C  ? ? 3.54356  2.42580 ? ? 25.62398 1.50364  ? ? 0.0 
;2-Gaussian fit: Grosse-Kunstleve RW, Sauter NK, Adams PD: Newsletter of the IUCr Commission on Crystallographic Computing 2004, 3, 22-31.
;
? 
CO ? ? 21.85313 5.04979 ? ? 2.45200  36.11361 ? ? 0.0 
;2-Gaussian fit: Grosse-Kunstleve RW, Sauter NK, Adams PD: Newsletter of the IUCr Commission on Crystallographic Computing 2004, 3, 22-31.
;
? 
K  ? ? 16.37977 2.54835 ? ? 4.54127  84.28225 ? ? 0.0 
;2-Gaussian fit: Grosse-Kunstleve RW, Sauter NK, Adams PD: Newsletter of the IUCr Commission on Crystallographic Computing 2004, 3, 22-31.
;
? 
N  ? ? 4.01032  2.96436 ? ? 19.97189 1.75589  ? ? 0.0 
;2-Gaussian fit: Grosse-Kunstleve RW, Sauter NK, Adams PD: Newsletter of the IUCr Commission on Crystallographic Computing 2004, 3, 22-31.
;
? 
O  ? ? 4.49882  3.47563 ? ? 15.80542 1.70748  ? ? 0.0 
;2-Gaussian fit: Grosse-Kunstleve RW, Sauter NK, Adams PD: Newsletter of the IUCr Commission on Crystallographic Computing 2004, 3, 22-31.
;
? 
P  ? ? 9.51135  5.44231 ? ? 1.42069  35.72801 ? ? 0.0 
;2-Gaussian fit: Grosse-Kunstleve RW, Sauter NK, Adams PD: Newsletter of the IUCr Commission on Crystallographic Computing 2004, 3, 22-31.
;
? 
# 
loop_
_atom_site.group_PDB 
_atom_site.id 
_atom_site.type_symbol 
_atom_site.label_atom_id 
_atom_site.label_alt_id 
_atom_site.label_comp_id 
_atom_site.label_asym_id 
_atom_site.label_entity_id 
_atom_site.label_seq_id 
_atom_site.pdbx_PDB_ins_code 
_atom_site.Cartn_x 
_atom_site.Cartn_y 
_atom_site.Cartn_z 
_atom_site.occupancy 
_atom_site.B_iso_or_equiv 
_atom_site.pdbx_formal_charge 
_atom_site.auth_seq_id 
_atom_site.auth_comp_id 
_atom_site.auth_asym_id 
_atom_site.auth_atom_id 
_atom_site.pdbx_PDB_model_num 
ATOM   1   C  "C4'" . DG  A 1 1  ? -8.35602  -3.58645  6.94054   1.000 105.58280 ? 1   DG  A "C4'" 1 
ATOM   2   O  "O4'" . DG  A 1 1  ? -7.17831  -2.85817  6.53023   1.000 105.85788 ? 1   DG  A "O4'" 1 
ATOM   3   C  "C3'" . DG  A 1 1  ? -8.88655  -2.85135  8.17033   1.000 111.49706 ? 1   DG  A "C3'" 1 
ATOM   4   O  "O3'" . DG  A 1 1  ? -8.32273  -3.39387  9.35742   1.000 133.06083 ? 1   DG  A "O3'" 1 
ATOM   5   C  "C2'" . DG  A 1 1  ? -8.41165  -1.43002  7.94287   1.000 105.72483 ? 1   DG  A "C2'" 1 
ATOM   6   C  "C1'" . DG  A 1 1  ? -7.06190  -1.64366  7.25562   1.000 104.05830 ? 1   DG  A "C1'" 1 
ATOM   7   N  N9    . DG  A 1 1  ? -6.70488  -0.57374  6.30577   1.000 94.05275  ? 1   DG  A N9    1 
ATOM   8   C  C8    . DG  A 1 1  ? -5.74135  0.39525   6.43723   1.000 80.69917  ? 1   DG  A C8    1 
ATOM   9   N  N7    . DG  A 1 1  ? -5.66341  1.17678   5.39385   1.000 72.47197  ? 1   DG  A N7    1 
ATOM   10  C  C5    . DG  A 1 1  ? -6.63124  0.68410   4.53687   1.000 78.49039  ? 1   DG  A C5    1 
ATOM   11  C  C6    . DG  A 1 1  ? -7.02927  1.11931   3.26585   1.000 75.31639  ? 1   DG  A C6    1 
ATOM   12  O  O6    . DG  A 1 1  ? -6.59309  2.04542   2.62196   1.000 79.24154  ? 1   DG  A O6    1 
ATOM   13  N  N1    . DG  A 1 1  ? -8.06172  0.35789   2.76054   1.000 84.25366  ? 1   DG  A N1    1 
ATOM   14  C  C2    . DG  A 1 1  ? -8.61026  -0.67969  3.38083   1.000 72.66674  ? 1   DG  A C2    1 
ATOM   15  N  N2    . DG  A 1 1  ? -9.58104  -1.32337  2.73941   1.000 91.07206  ? 1   DG  A N2    1 
ATOM   16  N  N3    . DG  A 1 1  ? -8.25059  -1.10990  4.56458   1.000 89.90251  ? 1   DG  A N3    1 
ATOM   17  C  C4    . DG  A 1 1  ? -7.27042  -0.37133  5.08456   1.000 81.59955  ? 1   DG  A C4    1 
ATOM   18  P  P     . DA  A 1 2  ? -9.07860  -4.57948  10.14523  1.000 162.47046 ? 2   DA  A P     1 
ATOM   19  O  OP1   . DA  A 1 2  ? -10.54326 -4.42386  9.94117   1.000 149.09422 ? 2   DA  A OP1   1 
ATOM   20  O  OP2   . DA  A 1 2  ? -8.54522  -4.62570  11.52863  1.000 152.60243 ? 2   DA  A OP2   1 
ATOM   21  O  "O5'" . DA  A 1 2  ? -8.60996  -5.89639  9.35906   1.000 164.47866 ? 2   DA  A "O5'" 1 
ATOM   22  C  "C5'" . DA  A 1 2  ? -8.41187  -7.11820  10.05932  1.000 169.22271 ? 2   DA  A "C5'" 1 
ATOM   23  C  "C4'" . DA  A 1 2  ? -9.18457  -8.22996  9.39113   1.000 169.61856 ? 2   DA  A "C4'" 1 
ATOM   24  O  "O4'" . DA  A 1 2  ? -9.94213  -8.94045  10.38757  1.000 190.46884 ? 2   DA  A "O4'" 1 
ATOM   25  C  "C3'" . DA  A 1 2  ? -10.22123 -7.74560  8.40163   1.000 162.49650 ? 2   DA  A "C3'" 1 
ATOM   26  O  "O3'" . DA  A 1 2  ? -9.64616  -7.57497  7.07882   1.000 158.61996 ? 2   DA  A "O3'" 1 
ATOM   27  C  "C2'" . DA  A 1 2  ? -11.30801 -8.83740  8.44374   1.000 184.27168 ? 2   DA  A "C2'" 1 
ATOM   28  C  "C1'" . DA  A 1 2  ? -11.02665 -9.59185  9.76274   1.000 195.17393 ? 2   DA  A "C1'" 1 
ATOM   29  N  N9    . DA  A 1 2  ? -12.15572 -9.63501  10.70908  1.000 194.61959 ? 2   DA  A N9    1 
ATOM   30  C  C8    . DA  A 1 2  ? -12.33069 -8.84476  11.81437  1.000 193.07225 ? 2   DA  A C8    1 
ATOM   31  N  N7    . DA  A 1 2  ? -13.42285 -9.10991  12.48921  1.000 200.78798 ? 2   DA  A N7    1 
ATOM   32  C  C5    . DA  A 1 2  ? -14.00504 -10.15295 11.78754  1.000 194.94307 ? 2   DA  A C5    1 
ATOM   33  C  C6    . DA  A 1 2  ? -15.18721 -10.88147 11.99184  1.000 191.72458 ? 2   DA  A C6    1 
ATOM   34  N  N6    . DA  A 1 2  ? -16.02015 -10.65098 13.00956  1.000 197.56506 ? 2   DA  A N6    1 
ATOM   35  N  N1    . DA  A 1 2  ? -15.48196 -11.85986 11.10926  1.000 194.04193 ? 2   DA  A N1    1 
ATOM   36  C  C2    . DA  A 1 2  ? -14.64465 -12.08714 10.09076  1.000 188.56506 ? 2   DA  A C2    1 
ATOM   37  N  N3    . DA  A 1 2  ? -13.50479 -11.46761 9.79305   1.000 192.93481 ? 2   DA  A N3    1 
ATOM   38  C  C4    . DA  A 1 2  ? -13.23855 -10.49797 10.68994  1.000 194.55905 ? 2   DA  A C4    1 
ATOM   39  P  P     . DG  A 1 3  ? -8.28576  -8.31801  6.60835   1.000 164.73791 ? 3   DG  A P     1 
ATOM   40  O  OP1   . DG  A 1 3  ? -8.52649  -9.77354  6.67670   1.000 171.92465 ? 3   DG  A OP1   1 
ATOM   41  O  OP2   . DG  A 1 3  ? -7.08784  -7.70279  7.22771   1.000 154.34923 ? 3   DG  A OP2   1 
ATOM   42  O  "O5'" . DG  A 1 3  ? -8.18341  -7.94290  5.05668   1.000 115.52041 ? 3   DG  A "O5'" 1 
ATOM   43  C  "C5'" . DG  A 1 3  ? -8.49409  -6.61412  4.67183   1.000 123.76319 ? 3   DG  A "C5'" 1 
ATOM   44  C  "C4'" . DG  A 1 3  ? -9.22737  -6.57192  3.35766   1.000 107.78920 ? 3   DG  A "C4'" 1 
ATOM   45  O  "O4'" . DG  A 1 3  ? -9.10652  -5.20865  2.84186   1.000 93.37190  ? 3   DG  A "O4'" 1 
ATOM   46  C  "C3'" . DG  A 1 3  ? -8.60365  -7.46712  2.29221   1.000 109.69809 ? 3   DG  A "C3'" 1 
ATOM   47  O  "O3'" . DG  A 1 3  ? -9.53416  -7.77233  1.25530   1.000 110.57050 ? 3   DG  A "O3'" 1 
ATOM   48  C  "C2'" . DG  A 1 3  ? -7.50047  -6.58113  1.78475   1.000 87.76933  ? 3   DG  A "C2'" 1 
ATOM   49  C  "C1'" . DG  A 1 3  ? -8.21078  -5.21145  1.74784   1.000 91.55440  ? 3   DG  A "C1'" 1 
ATOM   50  N  N9    . DG  A 1 3  ? -7.30261  -4.07096  1.85299   1.000 83.77711  ? 3   DG  A N9    1 
ATOM   51  C  C8    . DG  A 1 3  ? -6.51362  -3.72586  2.92923   1.000 85.52844  ? 3   DG  A C8    1 
ATOM   52  N  N7    . DG  A 1 3  ? -5.79539  -2.63379  2.71592   1.000 82.59748  ? 3   DG  A N7    1 
ATOM   53  C  C5    . DG  A 1 3  ? -6.15373  -2.22721  1.44082   1.000 72.23843  ? 3   DG  A C5    1 
ATOM   54  C  C6    . DG  A 1 3  ? -5.67287  -1.13674  0.66385   1.000 85.87838  ? 3   DG  A C6    1 
ATOM   55  O  O6    . DG  A 1 3  ? -4.85660  -0.25757  0.99522   1.000 79.83733  ? 3   DG  A O6    1 
ATOM   56  N  N1    . DG  A 1 3  ? -6.28155  -1.09063  -0.59272  1.000 79.38675  ? 3   DG  A N1    1 
ATOM   57  C  C2    . DG  A 1 3  ? -7.21947  -2.00442  -1.03400  1.000 81.64446  ? 3   DG  A C2    1 
ATOM   58  N  N2    . DG  A 1 3  ? -7.68956  -1.81548  -2.27352  1.000 94.13275  ? 3   DG  A N2    1 
ATOM   59  N  N3    . DG  A 1 3  ? -7.65260  -3.03778  -0.32378  1.000 84.00643  ? 3   DG  A N3    1 
ATOM   60  C  C4    . DG  A 1 3  ? -7.07736  -3.09575  0.89247   1.000 83.56644  ? 3   DG  A C4    1 
ATOM   61  P  P     . DG  A 1 4  ? -9.19010  -8.86712  0.11545   1.000 107.91339 ? 4   DG  A P     1 
ATOM   62  O  OP1   . DG  A 1 4  ? -10.50568 -9.52022  -0.08426  1.000 131.44987 ? 4   DG  A OP1   1 
ATOM   63  O  OP2   . DG  A 1 4  ? -7.98339  -9.71094  0.39447   1.000 99.17675  ? 4   DG  A OP2   1 
ATOM   64  O  "O5'" . DG  A 1 4  ? -8.87712  -8.01300  -1.18942  1.000 98.17486  ? 4   DG  A "O5'" 1 
ATOM   65  C  "C5'" . DG  A 1 4  ? -9.91346  -7.23519  -1.75768  1.000 109.10359 ? 4   DG  A "C5'" 1 
ATOM   66  C  "C4'" . DG  A 1 4  ? -9.59405  -6.87569  -3.18886  1.000 93.65796  ? 4   DG  A "C4'" 1 
ATOM   67  O  "O4'" . DG  A 1 4  ? -8.76108  -5.69314  -3.21631  1.000 96.83290  ? 4   DG  A "O4'" 1 
ATOM   68  C  "C3'" . DG  A 1 4  ? -8.84639  -7.95335  -3.97102  1.000 93.34081  ? 4   DG  A "C3'" 1 
ATOM   69  O  "O3'" . DG  A 1 4  ? -9.25961  -7.90881  -5.31882  1.000 103.94278 ? 4   DG  A "O3'" 1 
ATOM   70  C  "C2'" . DG  A 1 4  ? -7.38978  -7.52168  -3.83208  1.000 93.00136  ? 4   DG  A "C2'" 1 
ATOM   71  C  "C1'" . DG  A 1 4  ? -7.51530  -5.99292  -3.82329  1.000 96.26901  ? 4   DG  A "C1'" 1 
ATOM   72  N  N9    . DG  A 1 4  ? -6.46380  -5.31326  -3.06202  1.000 81.20233  ? 4   DG  A N9    1 
ATOM   73  C  C8    . DG  A 1 4  ? -6.00783  -5.64462  -1.80628  1.000 85.68221  ? 4   DG  A C8    1 
ATOM   74  N  N7    . DG  A 1 4  ? -5.07988  -4.84049  -1.35595  1.000 81.71584  ? 4   DG  A N7    1 
ATOM   75  C  C5    . DG  A 1 4  ? -4.91627  -3.93696  -2.36980  1.000 65.33453  ? 4   DG  A C5    1 
ATOM   76  C  C6    . DG  A 1 4  ? -4.04534  -2.88057  -2.43965  1.000 84.38711  ? 4   DG  A C6    1 
ATOM   77  O  O6    . DG  A 1 4  ? -3.24909  -2.51452  -1.58195  1.000 78.80614  ? 4   DG  A O6    1 
ATOM   78  N  N1    . DG  A 1 4  ? -4.18034  -2.18961  -3.61713  1.000 80.30444  ? 4   DG  A N1    1 
ATOM   79  C  C2    . DG  A 1 4  ? -5.04172  -2.53035  -4.62781  1.000 64.99497  ? 4   DG  A C2    1 
ATOM   80  N  N2    . DG  A 1 4  ? -5.03045  -1.71755  -5.68563  1.000 81.05884  ? 4   DG  A N2    1 
ATOM   81  N  N3    . DG  A 1 4  ? -5.88924  -3.52711  -4.57212  1.000 73.06188  ? 4   DG  A N3    1 
ATOM   82  C  C4    . DG  A 1 4  ? -5.75210  -4.20672  -3.43204  1.000 66.98920  ? 4   DG  A C4    1 
ATOM   83  P  P     . DG  A 1 5  ? -8.59025  -8.86785  -6.41414  1.000 108.02993 ? 5   DG  A P     1 
ATOM   84  O  OP1   . DG  A 1 5  ? -9.71115  -9.24574  -7.31362  1.000 120.52946 ? 5   DG  A OP1   1 
ATOM   85  O  OP2   . DG  A 1 5  ? -7.88763  -9.99678  -5.72834  1.000 98.07957  ? 5   DG  A OP2   1 
ATOM   86  O  "O5'" . DG  A 1 5  ? -7.48765  -7.95494  -7.14401  1.000 101.86275 ? 5   DG  A "O5'" 1 
ATOM   87  C  "C5'" . DG  A 1 5  ? -7.83590  -6.67898  -7.67855  1.000 99.06177  ? 5   DG  A "C5'" 1 
ATOM   88  C  "C4'" . DG  A 1 5  ? -6.84285  -6.20648  -8.73883  1.000 97.59156  ? 5   DG  A "C4'" 1 
ATOM   89  O  "O4'" . DG  A 1 5  ? -5.74053  -5.45864  -8.14230  1.000 91.17471  ? 5   DG  A "O4'" 1 
ATOM   90  C  "C3'" . DG  A 1 5  ? -6.16171  -7.28175  -9.53553  1.000 93.21265  ? 5   DG  A "C3'" 1 
ATOM   91  O  "O3'" . DG  A 1 5  ? -5.71768  -6.69600  -10.76159 1.000 103.46171 ? 5   DG  A "O3'" 1 
ATOM   92  C  "C2'" . DG  A 1 5  ? -4.97870  -7.62675  -8.62665  1.000 95.38100  ? 5   DG  A "C2'" 1 
ATOM   93  C  "C1'" . DG  A 1 5  ? -4.53323  -6.22864  -8.26380  1.000 87.89585  ? 5   DG  A "C1'" 1 
ATOM   94  N  N9    . DG  A 1 5  ? -3.83726  -6.07842  -7.00157  1.000 82.97076  ? 5   DG  A N9    1 
ATOM   95  C  C8    . DG  A 1 5  ? -3.96772  -6.82408  -5.84979  1.000 80.38240  ? 5   DG  A C8    1 
ATOM   96  N  N7    . DG  A 1 5  ? -3.27064  -6.31906  -4.83776  1.000 90.01859  ? 5   DG  A N7    1 
ATOM   97  C  C5    . DG  A 1 5  ? -2.64807  -5.21018  -5.37794  1.000 76.93202  ? 5   DG  A C5    1 
ATOM   98  C  C6    . DG  A 1 5  ? -1.78404  -4.26586  -4.78731  1.000 84.99543  ? 5   DG  A C6    1 
ATOM   99  O  O6    . DG  A 1 5  ? -1.35339  -4.22670  -3.63646  1.000 87.38672  ? 5   DG  A O6    1 
ATOM   100 N  N1    . DG  A 1 5  ? -1.41550  -3.28663  -5.67793  1.000 76.39576  ? 5   DG  A N1    1 
ATOM   101 C  C2    . DG  A 1 5  ? -1.83076  -3.20175  -6.97100  1.000 77.69089  ? 5   DG  A C2    1 
ATOM   102 N  N2    . DG  A 1 5  ? -1.35928  -2.16881  -7.67503  1.000 78.71365  ? 5   DG  A N2    1 
ATOM   103 N  N3    . DG  A 1 5  ? -2.64627  -4.06575  -7.53617  1.000 82.19075  ? 5   DG  A N3    1 
ATOM   104 C  C4    . DG  A 1 5  ? -3.01771  -5.03057  -6.68394  1.000 79.72856  ? 5   DG  A C4    1 
ATOM   105 P  P     . DA  A 1 6  ? -6.64871  -6.80488  -12.06460 1.000 107.97475 ? 6   DA  A P     1 
ATOM   106 O  OP1   . DA  A 1 6  ? -7.59813  -7.89260  -11.77613 1.000 95.02989  ? 6   DA  A OP1   1 
ATOM   107 O  OP2   . DA  A 1 6  ? -5.80115  -6.83136  -13.27654 1.000 99.21756  ? 6   DA  A OP2   1 
ATOM   108 O  "O5'" . DA  A 1 6  ? -7.46824  -5.44661  -12.05110 1.000 98.37005  ? 6   DA  A "O5'" 1 
ATOM   109 C  "C5'" . DA  A 1 6  ? -6.91264  -4.26918  -12.58080 1.000 101.27967 ? 6   DA  A "C5'" 1 
ATOM   110 C  "C4'" . DA  A 1 6  ? -7.96293  -3.18715  -12.56618 1.000 100.02592 ? 6   DA  A "C4'" 1 
ATOM   111 O  "O4'" . DA  A 1 6  ? -8.57242  -3.11919  -13.87992 1.000 119.07785 ? 6   DA  A "O4'" 1 
ATOM   112 C  "C3'" . DA  A 1 6  ? -9.07549  -3.46501  -11.55282 1.000 100.38822 ? 6   DA  A "C3'" 1 
ATOM   113 O  "O3'" . DA  A 1 6  ? -9.31788  -2.32970  -10.67285 1.000 113.61983 ? 6   DA  A "O3'" 1 
ATOM   114 C  "C2'" . DA  A 1 6  ? -10.30586 -3.87465  -12.38335 1.000 124.77724 ? 6   DA  A "C2'" 1 
ATOM   115 C  "C1'" . DA  A 1 6  ? -9.92809  -3.54239  -13.83789 1.000 129.79992 ? 6   DA  A "C1'" 1 
ATOM   116 N  N9    . DA  A 1 6  ? -10.18308 -4.64290  -14.81683 1.000 132.97144 ? 6   DA  A N9    1 
ATOM   117 C  C8    . DA  A 1 6  ? -11.30961 -5.42558  -14.88278 1.000 135.18873 ? 6   DA  A C8    1 
ATOM   118 N  N7    . DA  A 1 6  ? -11.30184 -6.30674  -15.86654 1.000 138.19754 ? 6   DA  A N7    1 
ATOM   119 C  C5    . DA  A 1 6  ? -10.08988 -6.08867  -16.51298 1.000 132.46744 ? 6   DA  A C5    1 
ATOM   120 C  C6    . DA  A 1 6  ? -9.47459  -6.70710  -17.64541 1.000 120.66682 ? 6   DA  A C6    1 
ATOM   121 N  N6    . DA  A 1 6  ? -10.02971 -7.69867  -18.33780 1.000 120.03279 ? 6   DA  A N6    1 
ATOM   122 N  N1    . DA  A 1 6  ? -8.26128  -6.25834  -18.02982 1.000 117.64380 ? 6   DA  A N1    1 
ATOM   123 C  C2    . DA  A 1 6  ? -7.69997  -5.25463  -17.33613 1.000 134.53507 ? 6   DA  A C2    1 
ATOM   124 N  N3    . DA  A 1 6  ? -8.17138  -4.59068  -16.26116 1.000 137.41453 ? 6   DA  A N3    1 
ATOM   125 C  C4    . DA  A 1 6  ? -9.38400  -5.06049  -15.89133 1.000 132.60812 ? 6   DA  A C4    1 
ATOM   126 P  P     . DG  A 1 7  ? -9.84185  -2.58781  -9.16372  1.000 103.84136 ? 7   DG  A P     1 
ATOM   127 O  OP1   . DG  A 1 7  ? -8.95780  -3.58077  -8.49342  1.000 102.77076 ? 7   DG  A OP1   1 
ATOM   128 O  OP2   . DG  A 1 7  ? -11.29401 -2.88789  -9.25592  1.000 113.00550 ? 7   DG  A OP2   1 
ATOM   129 O  "O5'" . DG  A 1 7  ? -9.63098  -1.20419  -8.43222  1.000 97.50876  ? 7   DG  A "O5'" 1 
ATOM   130 C  "C5'" . DG  A 1 7  ? -10.20379 -0.04646  -8.95926  1.000 91.21336  ? 7   DG  A "C5'" 1 
ATOM   131 C  "C4'" . DG  A 1 7  ? -9.22299  1.08058   -8.83533  1.000 92.53903  ? 7   DG  A "C4'" 1 
ATOM   132 O  "O4'" . DG  A 1 7  ? -8.89383  1.29916   -7.42319  1.000 93.39118  ? 7   DG  A "O4'" 1 
ATOM   133 C  "C3'" . DG  A 1 7  ? -7.89473  0.84141   -9.54570  1.000 84.47710  ? 7   DG  A "C3'" 1 
ATOM   134 O  "O3'" . DG  A 1 7  ? -7.55391  1.99669   -10.30806 1.000 85.81339  ? 7   DG  A "O3'" 1 
ATOM   135 C  "C2'" . DG  A 1 7  ? -6.90539  0.60664   -8.38926  1.000 85.41221  ? 7   DG  A "C2'" 1 
ATOM   136 C  "C1'" . DG  A 1 7  ? -7.50402  1.49483   -7.30423  1.000 85.89111  ? 7   DG  A "C1'" 1 
ATOM   137 N  N9    . DG  A 1 7  ? -7.08146  1.16533   -5.93477  1.000 80.62798  ? 7   DG  A N9    1 
ATOM   138 C  C8    . DG  A 1 7  ? -7.54653  0.14262   -5.12384  1.000 81.00192  ? 7   DG  A C8    1 
ATOM   139 N  N7    . DG  A 1 7  ? -6.96767  0.11057   -3.95045  1.000 83.84336  ? 7   DG  A N7    1 
ATOM   140 C  C5    . DG  A 1 7  ? -6.05824  1.15882   -4.00101  1.000 65.75833  ? 7   DG  A C5    1 
ATOM   141 C  C6    . DG  A 1 7  ? -5.12568  1.58675   -3.03556  1.000 74.13335  ? 7   DG  A C6    1 
ATOM   142 O  O6    . DG  A 1 7  ? -4.95832  1.14227   -1.88139  1.000 73.62181  ? 7   DG  A O6    1 
ATOM   143 N  N1    . DG  A 1 7  ? -4.37630  2.67373   -3.48915  1.000 68.02149  ? 7   DG  A N1    1 
ATOM   144 C  C2    . DG  A 1 7  ? -4.52079  3.27432   -4.72896  1.000 59.21110  ? 7   DG  A C2    1 
ATOM   145 N  N2    . DG  A 1 7  ? -3.73312  4.31486   -4.98806  1.000 64.03507  ? 7   DG  A N2    1 
ATOM   146 N  N3    . DG  A 1 7  ? -5.37164  2.85109   -5.65402  1.000 69.08701  ? 7   DG  A N3    1 
ATOM   147 C  C4    . DG  A 1 7  ? -6.11481  1.80901   -5.21217  1.000 71.02493  ? 7   DG  A C4    1 
ATOM   148 P  P     . DG  A 1 8  ? -6.44970  1.87146   -11.47690 1.000 100.77990 ? 8   DG  A P     1 
ATOM   149 O  OP1   . DG  A 1 8  ? -6.75665  2.87985   -12.52431 1.000 99.59201  ? 8   DG  A OP1   1 
ATOM   150 O  OP2   . DG  A 1 8  ? -6.23906  0.43936   -11.73820 1.000 78.41140  ? 8   DG  A OP2   1 
ATOM   151 O  "O5'" . DG  A 1 8  ? -5.08849  2.36281   -10.81620 1.000 93.91430  ? 8   DG  A "O5'" 1 
ATOM   152 C  "C5'" . DG  A 1 8  ? -4.79955  3.73847   -10.75496 1.000 93.44885  ? 8   DG  A "C5'" 1 
ATOM   153 C  "C4'" . DG  A 1 8  ? -3.39473  3.95778   -10.24822 1.000 80.88381  ? 8   DG  A "C4'" 1 
ATOM   154 O  "O4'" . DG  A 1 8  ? -3.27805  3.55458   -8.83473  1.000 76.90978  ? 8   DG  A "O4'" 1 
ATOM   155 C  "C3'" . DG  A 1 8  ? -2.31972  3.18123   -11.00164 1.000 84.13744  ? 8   DG  A "C3'" 1 
ATOM   156 O  "O3'" . DG  A 1 8  ? -1.19173  4.02538   -11.14905 1.000 81.93793  ? 8   DG  A "O3'" 1 
ATOM   157 C  "C2'" . DG  A 1 8  ? -2.03229  1.99854   -10.06313 1.000 75.78565  ? 8   DG  A "C2'" 1 
ATOM   158 C  "C1'" . DG  A 1 8  ? -2.15617  2.68743   -8.70492  1.000 76.17785  ? 8   DG  A "C1'" 1 
ATOM   159 N  N9    . DG  A 1 8  ? -2.37586  1.79122   -7.56853  1.000 76.93202  ? 8   DG  A N9    1 
ATOM   160 C  C8    . DG  A 1 8  ? -3.27984  0.77788   -7.48469  1.000 65.22697  ? 8   DG  A C8    1 
ATOM   161 N  N7    . DG  A 1 8  ? -3.25162  0.14184   -6.33732  1.000 76.52688  ? 8   DG  A N7    1 
ATOM   162 C  C5    . DG  A 1 8  ? -2.27294  0.80704   -5.60785  1.000 66.51122  ? 8   DG  A C5    1 
ATOM   163 C  C6    . DG  A 1 8  ? -1.78942  0.56008   -4.29041  1.000 75.54660  ? 8   DG  A C6    1 
ATOM   164 O  O6    . DG  A 1 8  ? -2.17839  -0.33042  -3.45112  1.000 66.31181  ? 8   DG  A O6    1 
ATOM   165 N  N1    . DG  A 1 8  ? -0.78009  1.47672   -3.94770  1.000 55.80708  ? 8   DG  A N1    1 
ATOM   166 C  C2    . DG  A 1 8  ? -0.27264  2.44508   -4.80499  1.000 68.43486  ? 8   DG  A C2    1 
ATOM   167 N  N2    . DG  A 1 8  ? 0.72013   3.21559   -4.33433  1.000 57.45886  ? 8   DG  A N2    1 
ATOM   168 N  N3    . DG  A 1 8  ? -0.72797  2.66124   -6.02716  1.000 65.21739  ? 8   DG  A N3    1 
ATOM   169 C  C4    . DG  A 1 8  ? -1.72137  1.81843   -6.35490  1.000 65.26005  ? 8   DG  A C4    1 
ATOM   170 P  P     . DG  A 1 9  ? -0.06409  3.70225   -12.24075 1.000 88.07628  ? 9   DG  A P     1 
ATOM   171 O  OP1   . DG  A 1 9  ? 0.05818   4.92819   -13.06709 1.000 85.17856  ? 9   DG  A OP1   1 
ATOM   172 O  OP2   . DG  A 1 9  ? -0.41038  2.39525   -12.82425 1.000 82.36372  ? 9   DG  A OP2   1 
ATOM   173 O  "O5'" . DG  A 1 9  ? 1.28886   3.52982   -11.38411 1.000 81.71423  ? 9   DG  A "O5'" 1 
ATOM   174 C  "C5'" . DG  A 1 9  ? 1.75752   4.60893   -10.57251 1.000 78.84750  ? 9   DG  A "C5'" 1 
ATOM   175 C  "C4'" . DG  A 1 9  ? 2.91782   4.15567   -9.70086  1.000 67.59452  ? 9   DG  A "C4'" 1 
ATOM   176 O  "O4'" . DG  A 1 9  ? 2.39332   3.35173   -8.61763  1.000 74.81616  ? 9   DG  A "O4'" 1 
ATOM   177 C  "C3'" . DG  A 1 9  ? 3.93722   3.28021   -10.40409 1.000 75.04125  ? 9   DG  A "C3'" 1 
ATOM   178 O  "O3'" . DG  A 1 9  ? 5.26486   3.60848   -9.97124  1.000 77.87938  ? 9   DG  A "O3'" 1 
ATOM   179 C  "C2'" . DG  A 1 9  ? 3.53930   1.87023   -9.93348  1.000 76.35504  ? 9   DG  A "C2'" 1 
ATOM   180 C  "C1'" . DG  A 1 9  ? 3.14119   2.19687   -8.50799  1.000 77.79806  ? 9   DG  A "C1'" 1 
ATOM   181 N  N9    . DG  A 1 9  ? 2.32524   1.19938   -7.84577  1.000 82.05964  ? 9   DG  A N9    1 
ATOM   182 C  C8    . DG  A 1 9  ? 1.24615   0.55802   -8.35152  1.000 75.92428  ? 9   DG  A C8    1 
ATOM   183 N  N7    . DG  A 1 9  ? 0.71991   -0.29681  -7.51937  1.000 87.17438  ? 9   DG  A N7    1 
ATOM   184 C  C5    . DG  A 1 9  ? 1.49869   -0.19333  -6.37961  1.000 75.61083  ? 9   DG  A C5    1 
ATOM   185 C  C6    . DG  A 1 9  ? 1.38981   -0.86278  -5.12856  1.000 77.22125  ? 9   DG  A C6    1 
ATOM   186 O  O6    . DG  A 1 9  ? 0.54790   -1.71872  -4.77671  1.000 81.79444  ? 9   DG  A O6    1 
ATOM   187 N  N1    . DG  A 1 9  ? 2.39433   -0.47263  -4.24565  1.000 66.10177  ? 9   DG  A N1    1 
ATOM   188 C  C2    . DG  A 1 9  ? 3.37485   0.47577   -4.53640  1.000 73.08235  ? 9   DG  A C2    1 
ATOM   189 N  N2    . DG  A 1 9  ? 4.30243   0.73407   -3.56252  1.000 54.54240  ? 9   DG  A N2    1 
ATOM   190 N  N3    . DG  A 1 9  ? 3.45890   1.10650   -5.70063  1.000 71.88529  ? 9   DG  A N3    1 
ATOM   191 C  C4    . DG  A 1 9  ? 2.49060   0.72494   -6.56541  1.000 80.22867  ? 9   DG  A C4    1 
ATOM   192 P  P     . DA  A 1 10 ? 5.94980   5.02950   -10.32903 1.000 74.99526  ? 10  DA  A P     1 
ATOM   193 O  OP1   . DA  A 1 10 ? 5.40212   5.49902   -11.62896 1.000 85.32836  ? 10  DA  A OP1   1 
ATOM   194 O  OP2   . DA  A 1 10 ? 7.37819   4.84274   -10.10715 1.000 70.31243  ? 10  DA  A OP2   1 
ATOM   195 O  "O5'" . DA  A 1 10 ? 5.33799   6.06602   -9.27281  1.000 72.93800  ? 10  DA  A "O5'" 1 
ATOM   196 C  "C5'" . DA  A 1 10 ? 6.08118   6.40974   -8.13257  1.000 74.16613  ? 10  DA  A "C5'" 1 
ATOM   197 C  "C4'" . DA  A 1 10 ? 5.36392   7.48496   -7.35386  1.000 69.99677  ? 10  DA  A "C4'" 1 
ATOM   198 O  "O4'" . DA  A 1 10 ? 6.18505   8.67910   -7.32409  1.000 81.39075  ? 10  DA  A "O4'" 1 
ATOM   199 C  "C3'" . DA  A 1 10 ? 4.01719   7.89897   -7.90832  1.000 79.40082  ? 10  DA  A "C3'" 1 
ATOM   200 O  "O3'" . DA  A 1 10 ? 3.16223   8.20697   -6.80949  1.000 71.49991  ? 10  DA  A "O3'" 1 
ATOM   201 C  "C2'" . DA  A 1 10 ? 4.35521   9.13695   -8.77777  1.000 70.62742  ? 10  DA  A "C2'" 1 
ATOM   202 C  "C1'" . DA  A 1 10 ? 5.56393   9.73705   -8.02680  1.000 86.51402  ? 10  DA  A "C1'" 1 
ATOM   203 N  N9    . DA  A 1 10 ? 6.60594   10.35813  -8.85759  1.000 78.07283  ? 10  DA  A N9    1 
ATOM   204 C  C8    . DA  A 1 10 ? 6.88243   10.11605  -10.16711 1.000 87.60576  ? 10  DA  A C8    1 
ATOM   205 N  N7    . DA  A 1 10 ? 7.92484   10.79044  -10.62184 1.000 91.86485  ? 10  DA  A N7    1 
ATOM   206 C  C5    . DA  A 1 10 ? 8.36585   11.51216  -9.53301  1.000 86.58832  ? 10  DA  A C5    1 
ATOM   207 C  C6    . DA  A 1 10 ? 9.42974   12.43828  -9.35771  1.000 85.13156  ? 10  DA  A C6    1 
ATOM   208 N  N6    . DA  A 1 10 ? 10.27248  12.79643  -10.32011 1.000 76.92068  ? 10  DA  A N6    1 
ATOM   209 N  N1    . DA  A 1 10 ? 9.58805   12.97908  -8.14509  1.000 84.31220  ? 10  DA  A N1    1 
ATOM   210 C  C2    . DA  A 1 10 ? 8.74585   12.61725  -7.16939  1.000 90.11115  ? 10  DA  A C2    1 
ATOM   211 N  N3    . DA  A 1 10 ? 7.71434   11.76566  -7.21141  1.000 86.57488  ? 10  DA  A N3    1 
ATOM   212 C  C4    . DA  A 1 10 ? 7.57608   11.24593  -8.43321  1.000 84.19291  ? 10  DA  A C4    1 
ATOM   213 P  P     . DG  A 1 11 ? 1.59653   8.19052   -7.01007  1.000 75.23955  ? 11  DG  A P     1 
ATOM   214 O  OP1   . DG  A 1 11 ? 1.03651   6.86681   -7.38605  1.000 77.83570  ? 11  DG  A OP1   1 
ATOM   215 O  OP2   . DG  A 1 11 ? 1.40560   9.42621   -7.80506  1.000 81.54761  ? 11  DG  A OP2   1 
ATOM   216 O  "O5'" . DG  A 1 11 ? 1.03053   8.47448   -5.54292  1.000 69.38827  ? 11  DG  A "O5'" 1 
ATOM   217 C  "C5'" . DG  A 1 11 ? 1.56314   9.54920   -4.83652  1.000 64.56415  ? 11  DG  A "C5'" 1 
ATOM   218 C  "C4'" . DG  A 1 11 ? 1.94773   9.11579   -3.46165  1.000 64.07098  ? 11  DG  A "C4'" 1 
ATOM   219 O  "O4'" . DG  A 1 11 ? 0.79538   8.49218   -2.76512  1.000 62.74593  ? 11  DG  A "O4'" 1 
ATOM   220 C  "C3'" . DG  A 1 11 ? 3.05618   8.10626   -3.46321  1.000 64.69312  ? 11  DG  A "C3'" 1 
ATOM   221 O  "O3'" . DG  A 1 11 ? 3.92396   8.46062   -2.49750  1.000 62.36548  ? 11  DG  A "O3'" 1 
ATOM   222 C  "C2'" . DG  A 1 11 ? 2.35644   6.80421   -3.13819  1.000 62.31277  ? 11  DG  A "C2'" 1 
ATOM   223 C  "C1'" . DG  A 1 11 ? 1.19776   7.27440   -2.24033  1.000 52.53568  ? 11  DG  A "C1'" 1 
ATOM   224 N  N9    . DG  A 1 11 ? 0.08729   6.32337   -2.26860  1.000 54.64998  ? 11  DG  A N9    1 
ATOM   225 C  C8    . DG  A 1 11 ? -0.78974  6.07300   -3.29161  1.000 66.63664  ? 11  DG  A C8    1 
ATOM   226 N  N7    . DG  A 1 11 ? -1.60576  5.06796   -3.04926  1.000 62.95110  ? 11  DG  A N7    1 
ATOM   227 C  C5    . DG  A 1 11 ? -1.23453  4.65075   -1.78928  1.000 57.37319  ? 11  DG  A C5    1 
ATOM   228 C  C6    . DG  A 1 11 ? -1.77854  3.63157   -0.99590  1.000 63.04460  ? 11  DG  A C6    1 
ATOM   229 O  O6    . DG  A 1 11 ? -2.69718  2.86351   -1.29353  1.000 60.81670  ? 11  DG  A O6    1 
ATOM   230 N  N1    . DG  A 1 11 ? -1.10603  3.48347   0.22635   1.000 59.78635  ? 11  DG  A N1    1 
ATOM   231 C  C2    . DG  A 1 11 ? -0.04068  4.24895   0.63593   1.000 62.67069  ? 11  DG  A C2    1 
ATOM   232 N  N2    . DG  A 1 11 ? 0.46067   3.95501   1.87091   1.000 61.47583  ? 11  DG  A N2    1 
ATOM   233 N  N3    . DG  A 1 11 ? 0.46990   5.28667   -0.09687  1.000 55.01221  ? 11  DG  A N3    1 
ATOM   234 C  C4    . DG  A 1 11 ? -0.18872  5.40401   -1.30480  1.000 46.83834  ? 11  DG  A C4    1 
ATOM   235 P  P     . DG  A 1 12 ? 5.45851   8.12602   -2.68871  1.000 70.36283  ? 12  DG  A P     1 
ATOM   236 O  OP1   . DG  A 1 12 ? 6.26477   9.30164   -2.22523  1.000 70.35425  ? 12  DG  A OP1   1 
ATOM   237 O  OP2   . DG  A 1 12 ? 5.66985   7.33410   -3.94821  1.000 70.12627  ? 12  DG  A OP2   1 
ATOM   238 O  "O5'" . DG  A 1 12 ? 5.68596   6.92506   -1.66949  1.000 73.59049  ? 12  DG  A "O5'" 1 
ATOM   239 C  "C5'" . DG  A 1 12 ? 5.83366   7.17711   -0.28429  1.000 74.13353  ? 12  DG  A "C5'" 1 
ATOM   240 C  "C4'" . DG  A 1 12 ? 5.92403   5.86862   0.46662   1.000 66.81234  ? 12  DG  A "C4'" 1 
ATOM   241 O  "O4'" . DG  A 1 12 ? 4.65451   5.15998   0.38095   1.000 67.38347  ? 12  DG  A "O4'" 1 
ATOM   242 C  "C3'" . DG  A 1 12 ? 6.95928   4.90461   -0.06100  1.000 68.57409  ? 12  DG  A "C3'" 1 
ATOM   243 O  "O3'" . DG  A 1 12 ? 7.59009   4.41733   1.02656   1.000 76.39330  ? 12  DG  A "O3'" 1 
ATOM   244 C  "C2'" . DG  A 1 12 ? 6.12699   3.80334   -0.69271  1.000 72.49271  ? 12  DG  A "C2'" 1 
ATOM   245 C  "C1'" . DG  A 1 12 ? 4.90748   3.80902   0.22558   1.000 60.58697  ? 12  DG  A "C1'" 1 
ATOM   246 N  N9    . DG  A 1 12 ? 3.73704   3.17588   -0.39355  1.000 63.11654  ? 12  DG  A N9    1 
ATOM   247 C  C8    . DG  A 1 12 ? 3.22059   3.50610   -1.60662  1.000 64.22191  ? 12  DG  A C8    1 
ATOM   248 N  N7    . DG  A 1 12 ? 2.19101   2.79508   -1.95096  1.000 67.72188  ? 12  DG  A N7    1 
ATOM   249 C  C5    . DG  A 1 12 ? 1.96706   1.97175   -0.88004  1.000 58.08846  ? 12  DG  A C5    1 
ATOM   250 C  C6    . DG  A 1 12 ? 0.98810   1.01957   -0.73804  1.000 68.81498  ? 12  DG  A C6    1 
ATOM   251 O  O6    . DG  A 1 12 ? 0.11802   0.74182   -1.55657  1.000 62.33806  ? 12  DG  A O6    1 
ATOM   252 N  N1    . DG  A 1 12 ? 1.08636   0.32498   0.45422   1.000 69.52277  ? 12  DG  A N1    1 
ATOM   253 C  C2    . DG  A 1 12 ? 2.03079   0.57698   1.40624   1.000 76.89363  ? 12  DG  A C2    1 
ATOM   254 N  N2    . DG  A 1 12 ? 1.95780   -0.19117  2.49951   1.000 75.43468  ? 12  DG  A N2    1 
ATOM   255 N  N3    . DG  A 1 12 ? 2.98755   1.51936   1.29287   1.000 68.34128  ? 12  DG  A N3    1 
ATOM   256 C  C4    . DG  A 1 12 ? 2.89741   2.16477   0.10412   1.000 61.51001  ? 12  DG  A C4    1 
ATOM   257 P  P     . DG  A 1 13 ? 9.00263   3.69614   0.93626   1.000 89.85967  ? 13  DG  A P     1 
ATOM   258 O  OP1   . DG  A 1 13 ? 9.93384   4.69716   1.53238   1.000 85.14311  ? 13  DG  A OP1   1 
ATOM   259 O  OP2   . DG  A 1 13 ? 9.16214   3.02200   -0.38466  1.000 87.80873  ? 13  DG  A OP2   1 
ATOM   260 O  "O5'" . DG  A 1 13 ? 8.85479   2.52866   2.00113   1.000 89.01488  ? 13  DG  A "O5'" 1 
ATOM   261 C  "C5'" . DG  A 1 13 ? 7.86916   1.57014   1.80664   1.000 89.61446  ? 13  DG  A "C5'" 1 
ATOM   262 C  "C4'" . DG  A 1 13 ? 7.86767   0.56003   2.92066   1.000 89.60618  ? 13  DG  A "C4'" 1 
ATOM   263 O  "O4'" . DG  A 1 13 ? 6.62735   -0.16400  2.85106   1.000 88.51164  ? 13  DG  A "O4'" 1 
ATOM   264 C  "C3'" . DG  A 1 13 ? 8.88613   -0.52110  2.77923   1.000 104.09983 ? 13  DG  A "C3'" 1 
ATOM   265 O  "O3'" . DG  A 1 13 ? 8.90180   -1.29683  4.00116   1.000 116.45834 ? 13  DG  A "O3'" 1 
ATOM   266 C  "C2'" . DG  A 1 13 ? 8.27123   -1.29498  1.60004   1.000 100.13693 ? 13  DG  A "C2'" 1 
ATOM   267 C  "C1'" . DG  A 1 13 ? 6.77311   -1.24164  1.96396   1.000 86.98986  ? 13  DG  A "C1'" 1 
ATOM   268 N  N9    . DG  A 1 13 ? 5.82620   -1.09770  0.83117   1.000 74.46238  ? 13  DG  A N9    1 
ATOM   269 C  C8    . DG  A 1 13 ? 5.90921   -0.21672  -0.22577  1.000 62.72807  ? 13  DG  A C8    1 
ATOM   270 N  N7    . DG  A 1 13 ? 4.91150   -0.32766  -1.06885  1.000 75.05330  ? 13  DG  A N7    1 
ATOM   271 C  C5    . DG  A 1 13 ? 4.11073   -1.33204  -0.54316  1.000 66.87830  ? 13  DG  A C5    1 
ATOM   272 C  C6    . DG  A 1 13 ? 2.89824   -1.88495  -1.03470  1.000 76.70326  ? 13  DG  A C6    1 
ATOM   273 O  O6    . DG  A 1 13 ? 2.26923   -1.56967  -2.04973  1.000 78.44194  ? 13  DG  A O6    1 
ATOM   274 N  N1    . DG  A 1 13 ? 2.40849   -2.88418  -0.20521  1.000 77.05968  ? 13  DG  A N1    1 
ATOM   275 C  C2    . DG  A 1 13 ? 3.01568   -3.29845  0.96150   1.000 80.74290  ? 13  DG  A C2    1 
ATOM   276 N  N2    . DG  A 1 13 ? 2.41371   -4.30640  1.63532   1.000 85.36688  ? 13  DG  A N2    1 
ATOM   277 N  N3    . DG  A 1 13 ? 4.16038   -2.79615  1.41817   1.000 78.87962  ? 13  DG  A N3    1 
ATOM   278 C  C4    . DG  A 1 13 ? 4.65264   -1.82412  0.61881   1.000 73.79325  ? 13  DG  A C4    1 
ATOM   279 P  P     . DA  A 1 14 ? 10.24509  -2.00809  4.53452   1.000 126.13321 ? 14  DA  A P     1 
ATOM   280 O  OP1   . DA  A 1 14 ? 10.97260  -2.39569  3.30076   1.000 108.81771 ? 14  DA  A OP1   1 
ATOM   281 O  OP2   . DA  A 1 14 ? 9.84936   -3.04636  5.53617   1.000 113.36624 ? 14  DA  A OP2   1 
ATOM   282 O  "O5'" . DA  A 1 14 ? 11.08165  -0.84165  5.28366   1.000 120.43599 ? 14  DA  A "O5'" 1 
ATOM   283 C  "C5'" . DA  A 1 14 ? 12.53425  -0.92325  5.36247   1.000 124.02882 ? 14  DA  A "C5'" 1 
ATOM   284 C  "C4'" . DA  A 1 14 ? 12.98812  -1.37216  6.74550   1.000 134.16818 ? 14  DA  A "C4'" 1 
ATOM   285 O  "O4'" . DA  A 1 14 ? 14.12014  -2.27577  6.66508   1.000 115.54914 ? 14  DA  A "O4'" 1 
ATOM   286 C  "C3'" . DA  A 1 14 ? 13.51145  -0.27502  7.63065   1.000 136.50595 ? 14  DA  A "C3'" 1 
ATOM   287 O  "O3'" . DA  A 1 14 ? 12.43334  0.55188   8.09446   1.000 132.63574 ? 14  DA  A "O3'" 1 
ATOM   288 C  "C2'" . DA  A 1 14 ? 14.18545  -1.09498  8.74165   1.000 136.59081 ? 14  DA  A "C2'" 1 
ATOM   289 C  "C1'" . DA  A 1 14 ? 14.72620  -2.31481  7.95482   1.000 138.46634 ? 14  DA  A "C1'" 1 
ATOM   290 N  N9    . DA  A 1 14 ? 16.17775  -2.32048  7.79524   1.000 136.05885 ? 14  DA  A N9    1 
ATOM   291 P  P     . DA  A 1 15 ? 12.32594  2.07787   7.57584   1.000 146.20691 ? 15  DA  A P     1 
ATOM   292 O  OP1   . DA  A 1 15 ? 11.12619  2.75828   8.12117   1.000 127.82494 ? 15  DA  A OP1   1 
ATOM   293 O  OP2   . DA  A 1 15 ? 12.56839  2.04462   6.11779   1.000 138.96267 ? 15  DA  A OP2   1 
ATOM   294 O  "O5'" . DA  A 1 15 ? 13.58588  2.78448   8.25290   1.000 144.92695 ? 15  DA  A "O5'" 1 
ATOM   295 C  "C5'" . DA  A 1 15 ? 13.67606  4.20385   8.34211   1.000 129.50345 ? 15  DA  A "C5'" 1 
ATOM   296 C  "C4'" . DA  A 1 15 ? 14.60787  4.57809   9.48526   1.000 127.17643 ? 15  DA  A "C4'" 1 
ATOM   297 O  "O4'" . DA  A 1 15 ? 15.56534  3.49759   9.71249   1.000 131.25476 ? 15  DA  A "O4'" 1 
ATOM   298 C  "C3'" . DA  A 1 15 ? 15.43381  5.84094   9.27315   1.000 119.09248 ? 15  DA  A "C3'" 1 
ATOM   299 O  "O3'" . DA  A 1 15 ? 15.55944  6.54869   10.51930  1.000 119.74014 ? 15  DA  A "O3'" 1 
ATOM   300 C  "C2'" . DA  A 1 15 ? 16.77822  5.28302   8.80111   1.000 134.14955 ? 15  DA  A "C2'" 1 
ATOM   301 C  "C1'" . DA  A 1 15 ? 16.88603  3.99340   9.61148   1.000 134.33345 ? 15  DA  A "C1'" 1 
ATOM   302 P  P     . DA  A 1 16 ? 15.42136  8.15700   10.59407  1.000 126.04178 ? 16  DA  A P     1 
ATOM   303 O  OP1   . DA  A 1 16 ? 16.54117  8.79484   9.86290   1.000 142.48227 ? 16  DA  A OP1   1 
ATOM   304 O  OP2   . DA  A 1 16 ? 15.23991  8.52916   12.01884  1.000 113.61437 ? 16  DA  A OP2   1 
ATOM   305 O  "O5'" . DA  A 1 16 ? 14.10289  8.45772   9.75604   1.000 117.71230 ? 16  DA  A "O5'" 1 
ATOM   306 C  "C5'" . DA  A 1 16 ? 12.93401  8.89344   10.40671  1.000 115.43998 ? 16  DA  A "C5'" 1 
ATOM   307 C  "C4'" . DA  A 1 16 ? 11.71158  8.41514   9.65367   1.000 107.49733 ? 16  DA  A "C4'" 1 
ATOM   308 O  "O4'" . DA  A 1 16 ? 10.60964  8.31255   10.57533  1.000 102.85239 ? 16  DA  A "O4'" 1 
ATOM   309 C  "C3'" . DA  A 1 16 ? 11.22001  9.34706   8.56120   1.000 96.60106  ? 16  DA  A "C3'" 1 
ATOM   310 O  "O3'" . DA  A 1 16 ? 10.40880  8.62553   7.66099   1.000 92.69852  ? 16  DA  A "O3'" 1 
ATOM   311 C  "C2'" . DA  A 1 16 ? 10.40424  10.34575  9.36836   1.000 107.08775 ? 16  DA  A "C2'" 1 
ATOM   312 C  "C1'" . DA  A 1 16 ? 9.77435   9.45152   10.44384  1.000 107.45963 ? 16  DA  A "C1'" 1 
ATOM   313 N  N9    . DA  A 1 16 ? 9.67386   10.08670  11.75581  1.000 101.27173 ? 16  DA  A N9    1 
ATOM   314 C  C8    . DA  A 1 16 ? 10.45805  11.09217  12.24241  1.000 108.10914 ? 16  DA  A C8    1 
ATOM   315 N  N7    . DA  A 1 16 ? 10.15267  11.45713  13.47280  1.000 105.56615 ? 16  DA  A N7    1 
ATOM   316 C  C5    . DA  A 1 16 ? 9.09819   10.62216  13.81701  1.000 108.38969 ? 16  DA  A C5    1 
ATOM   317 C  C6    . DA  A 1 16 ? 8.32992   10.49685  14.99531  1.000 114.27229 ? 16  DA  A C6    1 
ATOM   318 N  N6    . DA  A 1 16 ? 8.51676   11.25970  16.07604  1.000 120.36282 ? 16  DA  A N6    1 
ATOM   319 N  N1    . DA  A 1 16 ? 7.35745   9.55932   15.01687  1.000 112.44895 ? 16  DA  A N1    1 
ATOM   320 C  C2    . DA  A 1 16 ? 7.17389   8.80292   13.93386  1.000 115.48231 ? 16  DA  A C2    1 
ATOM   321 N  N3    . DA  A 1 16 ? 7.83305   8.82393   12.77009  1.000 118.45267 ? 16  DA  A N3    1 
ATOM   322 C  C4    . DA  A 1 16 ? 8.79193   9.76835   12.77652  1.000 107.72727 ? 16  DA  A C4    1 
ATOM   323 P  P     . DA  A 1 17 ? 9.92863   9.28132   6.28764   1.000 95.45752  ? 17  DA  A P     1 
ATOM   324 O  OP1   . DA  A 1 17 ? 10.26473  8.29895   5.24135   1.000 94.24529  ? 17  DA  A OP1   1 
ATOM   325 O  OP2   . DA  A 1 17 ? 10.39862  10.69446  6.23234   1.000 97.92573  ? 17  DA  A OP2   1 
ATOM   326 O  "O5'" . DA  A 1 17 ? 8.34535   9.28049   6.44987   1.000 94.49566  ? 17  DA  A "O5'" 1 
ATOM   327 C  "C5'" . DA  A 1 17 ? 7.75323   8.16481   7.11933   1.000 96.89630  ? 17  DA  A "C5'" 1 
ATOM   328 C  "C4'" . DA  A 1 17 ? 6.41961   8.53577   7.72677   1.000 95.54867  ? 17  DA  A "C4'" 1 
ATOM   329 O  "O4'" . DA  A 1 17 ? 6.59429   9.16519   9.01629   1.000 102.11418 ? 17  DA  A "O4'" 1 
ATOM   330 C  "C3'" . DA  A 1 17 ? 5.59905   9.52158   6.90629   1.000 97.03074  ? 17  DA  A "C3'" 1 
ATOM   331 O  "O3'" . DA  A 1 17 ? 4.39917   8.91344   6.55744   1.000 101.11928 ? 17  DA  A "O3'" 1 
ATOM   332 C  "C2'" . DA  A 1 17 ? 5.37655   10.70875  7.86931   1.000 97.66208  ? 17  DA  A "C2'" 1 
ATOM   333 C  "C1'" . DA  A 1 17 ? 5.50092   10.00908  9.19821   1.000 87.49638  ? 17  DA  A "C1'" 1 
ATOM   334 N  N9    . DA  A 1 17 ? 5.70404   10.88195  10.37487  1.000 106.44056 ? 17  DA  A N9    1 
ATOM   335 C  C8    . DA  A 1 17 ? 5.06373   10.78102  11.59252  1.000 108.88749 ? 17  DA  A C8    1 
ATOM   336 N  N7    . DA  A 1 17 ? 5.42877   11.68804  12.47442  1.000 105.20026 ? 17  DA  A N7    1 
ATOM   337 C  C5    . DA  A 1 17 ? 6.36485   12.44458  11.79879  1.000 103.86222 ? 17  DA  A C5    1 
ATOM   338 C  C6    . DA  A 1 17 ? 7.12748   13.56233  12.18478  1.000 102.87242 ? 17  DA  A C6    1 
ATOM   339 N  N6    . DA  A 1 17 ? 7.05505   14.12600  13.39652  1.000 101.04604 ? 17  DA  A N6    1 
ATOM   340 N  N1    . DA  A 1 17 ? 7.97481   14.08097  11.27583  1.000 102.94552 ? 17  DA  A N1    1 
ATOM   341 C  C2    . DA  A 1 17 ? 8.04731   13.50967  10.05887  1.000 104.50926 ? 17  DA  A C2    1 
ATOM   342 N  N3    . DA  A 1 17 ? 7.38217   12.45567  9.57456   1.000 100.42541 ? 17  DA  A N3    1 
ATOM   343 C  C4    . DA  A 1 17 ? 6.55136   11.96264  10.50023  1.000 103.15663 ? 17  DA  A C4    1 
ATOM   344 P  P     . DG  A 1 18 ? 3.86720   9.02025   5.05294   1.000 87.71232  ? 18  DG  A P     1 
ATOM   345 O  OP1   . DG  A 1 18 ? 5.01842   8.58181   4.22034   1.000 109.10434 ? 18  DG  A OP1   1 
ATOM   346 O  OP2   . DG  A 1 18 ? 3.52911   10.45156  4.86902   1.000 78.42206  ? 18  DG  A OP2   1 
ATOM   347 O  "O5'" . DG  A 1 18 ? 2.72992   7.85626   4.96768   1.000 87.58051  ? 18  DG  A "O5'" 1 
ATOM   348 C  "C5'" . DG  A 1 18 ? 1.42946   7.98818   5.59969   1.000 80.91223  ? 18  DG  A "C5'" 1 
ATOM   349 C  "C4'" . DG  A 1 18 ? 1.21820   6.97339   6.73008   1.000 86.57786  ? 18  DG  A "C4'" 1 
ATOM   350 O  "O4'" . DG  A 1 18 ? -0.17969  6.51064   6.71554   1.000 97.14611  ? 18  DG  A "O4'" 1 
ATOM   351 C  "C3'" . DG  A 1 18 ? 2.07404   5.70247   6.65186   1.000 97.96748  ? 18  DG  A "C3'" 1 
ATOM   352 O  "O3'" . DG  A 1 18 ? 2.58496   5.33957   7.94665   1.000 93.12899  ? 18  DG  A "O3'" 1 
ATOM   353 C  "C2'" . DG  A 1 18 ? 1.08816   4.64815   6.16648   1.000 83.30658  ? 18  DG  A "C2'" 1 
ATOM   354 C  "C1'" . DG  A 1 18 ? -0.22017  5.10398   6.82256   1.000 91.17332  ? 18  DG  A "C1'" 1 
ATOM   355 N  N9    . DG  A 1 18 ? -1.39327  4.54001   6.10808   1.000 87.55621  ? 18  DG  A N9    1 
ATOM   356 C  C8    . DG  A 1 18 ? -2.16988  3.46116   6.48417   1.000 83.24349  ? 18  DG  A C8    1 
ATOM   357 N  N7    . DG  A 1 18 ? -3.07887  3.12938   5.59487   1.000 68.23554  ? 18  DG  A N7    1 
ATOM   358 C  C5    . DG  A 1 18 ? -2.86745  4.03117   4.57629   1.000 62.27048  ? 18  DG  A C5    1 
ATOM   359 C  C6    . DG  A 1 18 ? -3.54777  4.15672   3.36556   1.000 66.06900  ? 18  DG  A C6    1 
ATOM   360 O  O6    . DG  A 1 18 ? -4.47864  3.46451   2.93710   1.000 68.94013  ? 18  DG  A O6    1 
ATOM   361 N  N1    . DG  A 1 18 ? -3.04028  5.16357   2.61962   1.000 63.85679  ? 18  DG  A N1    1 
ATOM   362 C  C2    . DG  A 1 18 ? -2.00135  5.96195   2.99866   1.000 47.25385  ? 18  DG  A C2    1 
ATOM   363 N  N2    . DG  A 1 18 ? -1.64821  6.88136   2.15827   1.000 69.42595  ? 18  DG  A N2    1 
ATOM   364 N  N3    . DG  A 1 18 ? -1.35020  5.88237   4.14656   1.000 62.49835  ? 18  DG  A N3    1 
ATOM   365 C  C4    . DG  A 1 18 ? -1.82351  4.87676   4.86562   1.000 65.51470  ? 18  DG  A C4    1 
ATOM   366 P  P     . DG  A 1 19 ? 3.67542   4.15571   8.05795   1.000 105.65717 ? 19  DG  A P     1 
ATOM   367 O  OP1   . DG  A 1 19 ? 4.28063   4.34374   9.39368   1.000 90.76416  ? 19  DG  A OP1   1 
ATOM   368 O  OP2   . DG  A 1 19 ? 4.47465   4.06830   6.79734   1.000 87.86477  ? 19  DG  A OP2   1 
ATOM   369 O  "O5'" . DG  A 1 19 ? 2.83424   2.79568   7.97419   1.000 79.37462  ? 19  DG  A "O5'" 1 
ATOM   370 C  "C5'" . DG  A 1 19 ? 2.03499   2.36404   9.06355   1.000 100.18175 ? 19  DG  A "C5'" 1 
ATOM   371 C  "C4'" . DG  A 1 19 ? 1.21045   1.15331   8.65853   1.000 95.77187  ? 19  DG  A "C4'" 1 
ATOM   372 O  "O4'" . DG  A 1 19 ? 0.38851   1.49488   7.52746   1.000 93.64030  ? 19  DG  A "O4'" 1 
ATOM   373 C  "C3'" . DG  A 1 19 ? 2.00882   -0.08095  8.22576   1.000 94.83045  ? 19  DG  A "C3'" 1 
ATOM   374 O  "O3'" . DG  A 1 19 ? 1.60556   -1.16906  8.99528   1.000 97.00785  ? 19  DG  A "O3'" 1 
ATOM   375 C  "C2'" . DG  A 1 19 ? 1.62817   -0.27422  6.75305   1.000 84.16245  ? 19  DG  A "C2'" 1 
ATOM   376 C  "C1'" . DG  A 1 19 ? 0.25933   0.36842   6.72080   1.000 81.86709  ? 19  DG  A "C1'" 1 
ATOM   377 N  N9    . DG  A 1 19 ? -0.14763  0.83355   5.41981   1.000 76.68620  ? 19  DG  A N9    1 
ATOM   378 C  C8    . DG  A 1 19 ? 0.43095   1.85675   4.69841   1.000 82.32226  ? 19  DG  A C8    1 
ATOM   379 N  N7    . DG  A 1 19 ? -0.16772  2.10182   3.56442   1.000 71.42634  ? 19  DG  A N7    1 
ATOM   380 C  C5    . DG  A 1 19 ? -1.22679  1.18794   3.54850   1.000 69.11603  ? 19  DG  A C5    1 
ATOM   381 C  C6    . DG  A 1 19 ? -2.21828  0.97377   2.56269   1.000 73.97728  ? 19  DG  A C6    1 
ATOM   382 O  O6    . DG  A 1 19 ? -2.34541  1.55939   1.46377   1.000 69.82969  ? 19  DG  A O6    1 
ATOM   383 N  N1    . DG  A 1 19 ? -3.10219  -0.05169  2.92474   1.000 85.13751  ? 19  DG  A N1    1 
ATOM   384 C  C2    . DG  A 1 19 ? -3.03501  -0.77758  4.09428   1.000 78.80444  ? 19  DG  A C2    1 
ATOM   385 N  N2    . DG  A 1 19 ? -3.98800  -1.72740  4.25647   1.000 81.41954  ? 19  DG  A N2    1 
ATOM   386 N  N3    . DG  A 1 19 ? -2.09968  -0.58724  5.03962   1.000 76.36318  ? 19  DG  A N3    1 
ATOM   387 C  C4    . DG  A 1 19 ? -1.22754  0.40551   4.68913   1.000 79.04497  ? 19  DG  A C4    1 
ATOM   388 P  P     . DG  A 1 20 ? 2.51510   -2.46797  9.05611   1.000 113.74950 ? 20  DG  A P     1 
ATOM   389 O  OP1   . DG  A 1 20 ? 2.69172   -2.68423  10.51571  1.000 111.38265 ? 20  DG  A OP1   1 
ATOM   390 O  OP2   . DG  A 1 20 ? 3.67778   -2.31350  8.14003   1.000 103.80958 ? 20  DG  A OP2   1 
ATOM   391 O  "O5'" . DG  A 1 20 ? 1.57201   -3.59493  8.41730   1.000 113.58309 ? 20  DG  A "O5'" 1 
ATOM   392 C  "C5'" . DG  A 1 20 ? 0.16240   -3.54364  8.66533   1.000 107.98785 ? 20  DG  A "C5'" 1 
ATOM   393 C  "C4'" . DG  A 1 20 ? -0.53793  -4.61082  7.86408   1.000 106.79926 ? 20  DG  A "C4'" 1 
ATOM   394 O  "O4'" . DG  A 1 20 ? -1.10702  -4.01556  6.67286   1.000 104.55801 ? 20  DG  A "O4'" 1 
ATOM   395 C  "C3'" . DG  A 1 20 ? 0.37331   -5.73322  7.38321   1.000 111.77749 ? 20  DG  A "C3'" 1 
ATOM   396 O  "O3'" . DG  A 1 20 ? -0.29172  -6.99111  7.54082   1.000 127.62220 ? 20  DG  A "O3'" 1 
ATOM   397 C  "C2'" . DG  A 1 20 ? 0.62805   -5.38827  5.91604   1.000 101.06223 ? 20  DG  A "C2'" 1 
ATOM   398 C  "C1'" . DG  A 1 20 ? -0.67741  -4.72950  5.52446   1.000 97.66835  ? 20  DG  A "C1'" 1 
ATOM   399 N  N9    . DG  A 1 20 ? -0.56202  -3.77844  4.40900   1.000 87.25060  ? 20  DG  A N9    1 
ATOM   400 C  C8    . DG  A 1 20 ? 0.27573   -2.69279  4.33480   1.000 89.46446  ? 20  DG  A C8    1 
ATOM   401 N  N7    . DG  A 1 20 ? 0.13969   -1.99991  3.23453   1.000 93.10723  ? 20  DG  A N7    1 
ATOM   402 C  C5    . DG  A 1 20 ? -0.84175  -2.67556  2.51931   1.000 79.19641  ? 20  DG  A C5    1 
ATOM   403 C  C6    . DG  A 1 20 ? -1.40986  -2.37362  1.24843   1.000 86.89911  ? 20  DG  A C6    1 
ATOM   404 O  O6    . DG  A 1 20 ? -1.12564  -1.42085  0.45188   1.000 74.88916  ? 20  DG  A O6    1 
ATOM   405 N  N1    . DG  A 1 20 ? -2.39169  -3.30194  0.91667   1.000 68.95402  ? 20  DG  A N1    1 
ATOM   406 C  C2    . DG  A 1 20 ? -2.78436  -4.36507  1.70497   1.000 89.86818  ? 20  DG  A C2    1 
ATOM   407 N  N2    . DG  A 1 20 ? -3.74451  -5.16830  1.19628   1.000 86.20978  ? 20  DG  A N2    1 
ATOM   408 N  N3    . DG  A 1 20 ? -2.25833  -4.64822  2.89212   1.000 84.55609  ? 20  DG  A N3    1 
ATOM   409 C  C4    . DG  A 1 20 ? -1.30662  -3.75478  3.23927   1.000 82.50522  ? 20  DG  A C4    1 
ATOM   410 P  P     . DG  A 1 21 ? 0.50314   -8.37113  7.35021   1.000 137.76463 ? 21  DG  A P     1 
ATOM   411 O  OP1   . DG  A 1 21 ? 0.07374   -9.35107  8.38943   1.000 135.94476 ? 21  DG  A OP1   1 
ATOM   412 O  OP2   . DG  A 1 21 ? 1.93904   -8.07694  7.12364   1.000 133.24046 ? 21  DG  A OP2   1 
ATOM   413 O  "O5'" . DG  A 1 21 ? -0.01764  -8.87808  5.94384   1.000 130.29405 ? 21  DG  A "O5'" 1 
ATOM   414 C  "C5'" . DG  A 1 21 ? -1.39483  -9.06655  5.73603   1.000 125.90010 ? 21  DG  A "C5'" 1 
ATOM   415 C  "C4'" . DG  A 1 21 ? -1.59529  -9.69012  4.38410   1.000 125.73588 ? 21  DG  A "C4'" 1 
ATOM   416 O  "O4'" . DG  A 1 21 ? -1.69298  -8.62534  3.40716   1.000 113.84119 ? 21  DG  A "O4'" 1 
ATOM   417 C  "C3'" . DG  A 1 21 ? -0.42721  -10.57613 3.93742   1.000 121.32011 ? 21  DG  A "C3'" 1 
ATOM   418 O  "O3'" . DG  A 1 21 ? -0.90241  -11.81705 3.40175   1.000 125.04155 ? 21  DG  A "O3'" 1 
ATOM   419 C  "C2'" . DG  A 1 21 ? 0.27367   -9.73647  2.87247   1.000 106.91545 ? 21  DG  A "C2'" 1 
ATOM   420 C  "C1'" . DG  A 1 21 ? -0.89057  -8.94541  2.29896   1.000 109.32288 ? 21  DG  A "C1'" 1 
ATOM   421 N  N9    . DG  A 1 21 ? -0.49995  -7.69209  1.64519   1.000 87.07024  ? 21  DG  A N9    1 
ATOM   422 C  C8    . DG  A 1 21 ? 0.48040   -6.80996  2.05066   1.000 99.47258  ? 21  DG  A C8    1 
ATOM   423 N  N7    . DG  A 1 21 ? 0.59293   -5.75495  1.28310   1.000 87.81168  ? 21  DG  A N7    1 
ATOM   424 C  C5    . DG  A 1 21 ? -0.37427  -5.95398  0.31313   1.000 89.84047  ? 21  DG  A C5    1 
ATOM   425 C  C6    . DG  A 1 21 ? -0.71075  -5.15238  -0.78336  1.000 92.23805  ? 21  DG  A C6    1 
ATOM   426 O  O6    . DG  A 1 21 ? -0.20989  -4.06447  -1.10433  1.000 74.23867  ? 21  DG  A O6    1 
ATOM   427 N  N1    . DG  A 1 21 ? -1.75791  -5.70217  -1.53711  1.000 85.02534  ? 21  DG  A N1    1 
ATOM   428 C  C2    . DG  A 1 21 ? -2.39920  -6.87280  -1.24326  1.000 86.91585  ? 21  DG  A C2    1 
ATOM   429 N  N2    . DG  A 1 21 ? -3.38080  -7.23402  -2.08908  1.000 83.87622  ? 21  DG  A N2    1 
ATOM   430 N  N3    . DG  A 1 21 ? -2.08660  -7.65912  -0.20391  1.000 84.98718  ? 21  DG  A N3    1 
ATOM   431 C  C4    . DG  A 1 21 ? -1.06589  -7.13214  0.52629   1.000 87.53247  ? 21  DG  A C4    1 
ATOM   432 P  P     . DA  A 1 22 ? -0.91015  -13.14185 4.31396   1.000 146.33233 ? 22  DA  A P     1 
ATOM   433 O  OP1   . DA  A 1 22 ? -0.67899  -14.31454 3.42970   1.000 141.55820 ? 22  DA  A OP1   1 
ATOM   434 O  OP2   . DA  A 1 22 ? -2.09838  -13.05211 5.19909   1.000 125.86511 ? 22  DA  A OP2   1 
ATOM   435 O  "O5'" . DA  A 1 22 ? 0.36710   -12.97820 5.26809   1.000 147.33802 ? 22  DA  A "O5'" 1 
HETATM 436 C  C1    . MMP B 2 .  ? 1.99723   -5.04810  -2.72784  1.000 74.49446  ? 101 MMP A C1    1 
HETATM 437 N  N1    . MMP B 2 .  ? 2.48018   -6.31035  -2.21889  1.000 86.99863  ? 101 MMP A N1    1 
HETATM 438 C  C11   . MMP B 2 .  ? 3.64734   -6.50308  -1.61582  1.000 85.08765  ? 101 MMP A C11   1 
HETATM 439 C  C12   . MMP B 2 .  ? 3.74938   -7.83371  -1.21460  1.000 108.27118 ? 101 MMP A C12   1 
HETATM 440 C  C13   . MMP B 2 .  ? 2.56841   -8.45534  -1.56318  1.000 103.90681 ? 101 MMP A C13   1 
HETATM 441 C  C14   . MMP B 2 .  ? 1.79206   -7.53060  -2.17930  1.000 92.39736  ? 101 MMP A C14   1 
HETATM 442 C  C15   . MMP B 2 .  ? 0.42077   -7.82201  -2.72583  1.000 100.40048 ? 101 MMP A C15   1 
HETATM 443 C  C16   . MMP B 2 .  ? 4.93712   -8.51266  -0.52708  1.000 133.95446 ? 101 MMP A C16   1 
HETATM 444 C  C17   . MMP B 2 .  ? 2.20701   -9.92363  -1.32576  1.000 116.97069 ? 101 MMP A C17   1 
HETATM 445 N  N2    . MMP B 2 .  ? 1.19923   -6.40548  -4.97400  1.000 87.19359  ? 101 MMP A N2    1 
HETATM 446 C  C21   . MMP B 2 .  ? 0.41853   -7.47133  -4.24679  1.000 89.02978  ? 101 MMP A C21   1 
HETATM 447 C  C22   . MMP B 2 .  ? -0.43633  -8.15004  -5.24990  1.000 83.35747  ? 101 MMP A C22   1 
HETATM 448 C  C23   . MMP B 2 .  ? -0.34768  -7.70288  -6.53499  1.000 90.32798  ? 101 MMP A C23   1 
HETATM 449 C  C24   . MMP B 2 .  ? 0.53524   -6.64332  -6.77823  1.000 81.79034  ? 101 MMP A C24   1 
HETATM 450 C  C25   . MMP B 2 .  ? 0.92689   -5.94271  -8.08238  1.000 83.71773  ? 101 MMP A C25   1 
HETATM 451 C  C26   . MMP B 2 .  ? -1.35306  -9.27822  -4.80285  1.000 88.93615  ? 101 MMP A C26   1 
HETATM 452 C  C27   . MMP B 2 .  ? -1.15179  -8.29668  -7.68532  1.000 95.72867  ? 101 MMP A C27   1 
HETATM 453 N  N3    . MMP B 2 .  ? 2.72251   -4.54892  -6.74004  1.000 82.35924  ? 101 MMP A N3    1 
HETATM 454 C  C31   . MMP B 2 .  ? 1.95360   -4.82624  -7.82106  1.000 75.19821  ? 101 MMP A C31   1 
HETATM 455 C  C32   . MMP B 2 .  ? 2.18574   -3.84638  -8.80663  1.000 90.10258  ? 101 MMP A C32   1 
HETATM 456 C  C33   . MMP B 2 .  ? 3.10961   -2.95589  -8.31001  1.000 71.09333  ? 101 MMP A C33   1 
HETATM 457 C  C34   . MMP B 2 .  ? 3.46356   -3.35010  -7.05201  1.000 72.76863  ? 101 MMP A C34   1 
HETATM 458 C  C35   . MMP B 2 .  ? 4.48492   -2.52686  -6.26972  1.000 72.89830  ? 101 MMP A C35   1 
HETATM 459 C  C36   . MMP B 2 .  ? 1.52553   -3.77930  -10.19609 1.000 98.05666  ? 101 MMP A C36   1 
HETATM 460 C  C37   . MMP B 2 .  ? 3.66451   -1.74649  -9.06479  1.000 92.43962  ? 101 MMP A C37   1 
HETATM 461 N  N4    . MMP B 2 .  ? 4.07183   -4.17186  -4.29691  1.000 65.41652  ? 101 MMP A N4    1 
HETATM 462 C  C41   . MMP B 2 .  ? 4.82484   -3.09831  -4.93853  1.000 74.15209  ? 101 MMP A C41   1 
HETATM 463 C  C42   . MMP B 2 .  ? 5.95931   -2.78374  -4.01664  1.000 87.79206  ? 101 MMP A C42   1 
HETATM 464 C  C43   . MMP B 2 .  ? 6.05535   -3.49182  -2.84424  1.000 83.33138  ? 101 MMP A C43   1 
HETATM 465 C  C44   . MMP B 2 .  ? 5.05382   -4.43669  -2.64539  1.000 68.21443  ? 101 MMP A C44   1 
HETATM 466 C  C45   . MMP B 2 .  ? 4.65056   -5.40504  -1.58147  1.000 73.79042  ? 101 MMP A C45   1 
HETATM 467 C  C46   . MMP B 2 .  ? 7.12802   -3.32300  -1.77219  1.000 91.64123  ? 101 MMP A C46   1 
HETATM 468 C  C47   . MMP B 2 .  ? 6.95923   -1.70040  -4.44753  1.000 87.48321  ? 101 MMP A C47   1 
HETATM 469 K  K     . K   C 3 .  ? -0.42560  -2.01385  -2.24191  1.000 70.70136  ? 102 K   A K     1 
HETATM 470 K  K     . K   D 3 .  ? -2.75191  0.15251   -0.87066  1.000 69.68565  ? 103 K   A K     1 
HETATM 471 K  K     . K   E 3 .  ? -4.83679  2.17676   0.49560   1.000 65.49442  ? 104 K   A K     1 
HETATM 472 CO CO    . 3CO F 4 .  ? 13.43498  7.62905   3.49630   0.50  120.53245 ? 105 3CO A CO    1 
HETATM 473 O  O     . HOH G 5 .  ? 19.69114  10.38180  9.72517   1.000 115.20047 ? 201 HOH A O     1 
HETATM 474 O  O     . HOH G 5 .  ? -7.79107  -13.44270 4.01713   0.50  126.59351 ? 202 HOH A O     1 
HETATM 475 O  O     . HOH G 5 .  ? 4.95719   15.92647  -1.02259  1.000 79.57433  ? 203 HOH A O     1 
HETATM 476 O  O     . HOH G 5 .  ? 6.09593   17.90366  -1.25998  1.000 88.71587  ? 204 HOH A O     1 
# 
loop_
_atom_site_anisotrop.id 
_atom_site_anisotrop.type_symbol 
_atom_site_anisotrop.pdbx_label_atom_id 
_atom_site_anisotrop.pdbx_label_alt_id 
_atom_site_anisotrop.pdbx_label_comp_id 
_atom_site_anisotrop.pdbx_label_asym_id 
_atom_site_anisotrop.pdbx_label_seq_id 
_atom_site_anisotrop.pdbx_PDB_ins_code 
_atom_site_anisotrop.U[1][1] 
_atom_site_anisotrop.U[2][2] 
_atom_site_anisotrop.U[3][3] 
_atom_site_anisotrop.U[1][2] 
_atom_site_anisotrop.U[1][3] 
_atom_site_anisotrop.U[2][3] 
_atom_site_anisotrop.pdbx_auth_seq_id 
_atom_site_anisotrop.pdbx_auth_comp_id 
_atom_site_anisotrop.pdbx_auth_asym_id 
_atom_site_anisotrop.pdbx_auth_atom_id 
1   C  "C4'" . DG  A 1  ? 1.96049 0.82533 1.22584 -0.15856 0.69904  -0.04281 1   DG  A "C4'" 
2   O  "O4'" . DG  A 1  ? 1.93569 0.86916 1.21727 -0.10679 0.62017  -0.05653 1   DG  A "O4'" 
3   C  "C3'" . DG  A 1  ? 2.04615 0.93245 1.25778 -0.15302 0.72909  -0.03220 1   DG  A "C3'" 
4   O  "O3'" . DG  A 1  ? 2.40994 1.18180 1.46397 -0.10671 0.74567  0.01511  1   DG  A "O3'" 
5   C  "C2'" . DG  A 1  ? 1.91092 0.92603 1.18012 -0.12453 0.66148  -0.06491 1   DG  A "C2'" 
6   C  "C1'" . DG  A 1  ? 1.89269 0.90112 1.15994 -0.08072 0.59475  -0.06352 1   DG  A "C1'" 
7   N  N9    . DG  A 1  ? 1.68512 0.82292 1.06552 -0.07706 0.53239  -0.10240 1   DG  A N9    
8   C  C8    . DG  A 1  ? 1.49418 0.69744 0.87457 -0.03036 0.46725  -0.10942 1   DG  A C8    
9   N  N7    . DG  A 1  ? 1.31579 0.62551 0.81230 -0.04272 0.42728  -0.14283 1   DG  A N7    
10  C  C5    . DG  A 1  ? 1.36548 0.68011 0.93668 -0.09744 0.46528  -0.16038 1   DG  A C5    
11  C  C6    . DG  A 1  ? 1.25395 0.65824 0.94949 -0.13001 0.44734  -0.19642 1   DG  A C6    
12  O  O6    . DG  A 1  ? 1.24923 0.74703 1.01457 -0.11717 0.39658  -0.21594 1   DG  A O6    
13  N  N1    . DG  A 1  ? 1.36263 0.73893 1.09969 -0.18309 0.49426  -0.20718 1   DG  A N1    
14  C  C2    . DG  A 1  ? 1.27064 0.54558 0.94478 -0.20503 0.55303  -0.18439 1   DG  A C2    
15  N  N2    . DG  A 1  ? 1.48109 0.75946 1.21977 -0.25586 0.58461  -0.19802 1   DG  A N2    
16  N  N3    . DG  A 1  ? 1.55859 0.74406 1.11323 -0.17546 0.57571  -0.14650 1   DG  A N3    
17  C  C4    . DG  A 1  ? 1.46013 0.67313 0.96716 -0.12066 0.52797  -0.13762 1   DG  A C4    
18  P  P     . DA  A 2  ? 2.83337 1.50402 1.83575 -0.12374 0.80339  0.04377  2   DA  A P     
19  O  OP1   . DA  A 2  ? 2.59871 1.34529 1.72090 -0.18488 0.83838  0.01417  2   DA  A OP1   
20  O  OP2   . DA  A 2  ? 2.78246 1.37981 1.63592 -0.06666 0.80365  0.08290  2   DA  A OP2   
21  O  "O5'" . DA  A 2  ? 2.88774 1.47380 1.88789 -0.12661 0.80060  0.05281  2   DA  A "O5'" 
22  C  "C5'" . DA  A 2  ? 3.02174 1.48750 1.92045 -0.10388 0.82523  0.08979  2   DA  A "C5'" 
23  C  "C4'" . DA  A 2  ? 3.00781 1.45614 1.98078 -0.15370 0.85475  0.07677  2   DA  A "C4'" 
24  O  "O4'" . DA  A 2  ? 3.31022 1.69406 2.23267 -0.16643 0.90911  0.10252  2   DA  A "O4'" 
25  C  "C3'" . DA  A 2  ? 2.82520 1.39259 1.95633 -0.21497 0.85584  0.02874  2   DA  A "C3'" 
26  O  "O3'" . DA  A 2  ? 2.73395 1.35479 1.93809 -0.21553 0.80690  0.00005  2   DA  A "O3'" 
27  C  "C2'" . DA  A 2  ? 3.09882 1.63520 2.26747 -0.26023 0.90172  0.03009  2   DA  A "C2'" 
28  C  "C1'" . DA  A 2  ? 3.32641 1.73635 2.35296 -0.22709 0.93789  0.08115  2   DA  A "C1'" 
29  N  N9    . DA  A 2  ? 3.31963 1.72862 2.34641 -0.25413 0.99278  0.09386  2   DA  A N9    
30  C  C8    . DA  A 2  ? 3.31431 1.73658 2.28497 -0.23319 1.00938  0.10983  2   DA  A C8    
31  N  N7    . DA  A 2  ? 3.40770 1.82777 2.39356 -0.26341 1.06205  0.12094  2   DA  A N7    
32  C  C5    . DA  A 2  ? 3.31567 1.71782 2.37346 -0.30901 1.08068  0.11229  2   DA  A C5    
33  C  C6    . DA  A 2  ? 3.26060 1.65388 2.37017 -0.35732 1.13220  0.11900  2   DA  A C6    
34  N  N6    . DA  A 2  ? 3.33614 1.73867 2.43176 -0.36683 1.18002  0.13783  2   DA  A N6    
35  N  N1    . DA  A 2  ? 3.27328 1.64939 2.45003 -0.39481 1.13161  0.10673  2   DA  A N1    
36  C  C2    . DA  A 2  ? 3.20234 1.57200 2.39027 -0.38210 1.08321  0.08842  2   DA  A C2    
37  N  N3    . DA  A 2  ? 3.26889 1.64800 2.41375 -0.33719 1.03537  0.08160  2   DA  A N3    
38  C  C4    . DA  A 2  ? 3.30544 1.70009 2.38682 -0.30312 1.03688  0.09463  2   DA  A C4    
39  P  P     . DG  A 3  ? 2.85773 1.40357 1.99799 -0.16805 0.76784  0.01816  3   DG  A P     
40  O  OP1   . DG  A 3  ? 2.98910 1.44621 2.09705 -0.17848 0.79562  0.03530  3   DG  A OP1   
41  O  OP2   . DG  A 3  ? 2.77118 1.28167 1.81172 -0.10463 0.73699  0.04463  3   DG  A OP2   
42  O  "O5'" . DG  A 3  ? 2.15672 0.80825 1.42429 -0.18691 0.72017  -0.02571 3   DG  A "O5'" 
43  C  "C5'" . DG  A 3  ? 2.19276 0.96203 1.54765 -0.20449 0.70029  -0.05784 3   DG  A "C5'" 
44  C  "C4'" . DG  A 3  ? 1.90769 0.78675 1.40105 -0.24637 0.67956  -0.10143 3   DG  A "C4'" 
45  O  "O4'" . DG  A 3  ? 1.66047 0.65697 1.23025 -0.24475 0.64120  -0.13004 3   DG  A "O4'" 
46  C  "C3'" . DG  A 3  ? 1.93352 0.79386 1.44064 -0.23263 0.64461  -0.10527 3   DG  A "C3'" 
47  O  "O3'" . DG  A 3  ? 1.88637 0.81737 1.49742 -0.27448 0.63696  -0.13768 3   DG  A "O3'" 
48  C  "C2'" . DG  A 3  ? 1.63262 0.54887 1.15334 -0.19210 0.58933  -0.11251 3   DG  A "C2'" 
49  C  "C1'" . DG  A 3  ? 1.61336 0.64787 1.21742 -0.21878 0.58503  -0.14063 3   DG  A "C1'" 
50  N  N9    . DG  A 3  ? 1.50201 0.58003 1.10111 -0.18099 0.54469  -0.14322 3   DG  A N9    
51  C  C8    . DG  A 3  ? 1.58133 0.58841 1.07996 -0.13697 0.54545  -0.11987 3   DG  A C8    
52  N  N7    . DG  A 3  ? 1.50261 0.60031 1.03540 -0.10318 0.49205  -0.13486 3   DG  A N7    
53  C  C5    . DG  A 3  ? 1.29132 0.50570 0.94771 -0.13165 0.46287  -0.16565 3   DG  A C5    
54  C  C6    . DG  A 3  ? 1.39485 0.73426 1.13388 -0.11538 0.40502  -0.18596 3   DG  A C6    
55  O  O6    . DG  A 3  ? 1.30917 0.68661 1.03767 -0.07668 0.36951  -0.18599 3   DG  A O6    
56  N  N1    . DG  A 3  ? 1.24966 0.67712 1.08955 -0.14729 0.38901  -0.20633 3   DG  A N1    
57  C  C2    . DG  A 3  ? 1.27830 0.68488 1.13893 -0.18556 0.41971  -0.21156 3   DG  A C2    
58  N  N2    . DG  A 3  ? 1.37649 0.87601 1.32411 -0.20080 0.39284  -0.23203 3   DG  A N2    
59  N  N3    . DG  A 3  ? 1.36504 0.66620 1.16063 -0.20240 0.47042  -0.19640 3   DG  A N3    
60  C  C4    . DG  A 3  ? 1.42511 0.63061 1.11943 -0.17603 0.49200  -0.17103 3   DG  A C4    
61  P  P     . DG  A 4  ? 1.85695 0.75942 1.48384 -0.27040 0.60806  -0.14525 4   DG  A P     
62  O  OP1   . DG  A 4  ? 2.13471 1.04267 1.81712 -0.32109 0.63447  -0.16060 4   DG  A OP1   
63  O  OP2   . DG  A 4  ? 1.81833 0.60682 1.34311 -0.22431 0.60279  -0.11401 4   DG  A OP2   
64  O  "O5'" . DG  A 4  ? 1.66402 0.68809 1.37809 -0.26036 0.54888  -0.17639 4   DG  A "O5'" 
65  C  "C5'" . DG  A 4  ? 1.72874 0.87202 1.54468 -0.29315 0.53834  -0.20775 4   DG  A "C5'" 
66  C  "C4'" . DG  A 4  ? 1.48346 0.71149 1.36363 -0.27995 0.48170  -0.23105 4   DG  A "C4'" 
67  O  "O4'" . DG  A 4  ? 1.49934 0.79244 1.38742 -0.24801 0.45046  -0.22916 4   DG  A "O4'" 
68  C  "C3'" . DG  A 4  ? 1.51396 0.67283 1.35974 -0.25916 0.45967  -0.22828 4   DG  A "C3'" 
69  O  "O3'" . DG  A 4  ? 1.60225 0.83039 1.51671 -0.26911 0.42293  -0.25658 4   DG  A "O3'" 
70  C  "C2'" . DG  A 4  ? 1.52982 0.67667 1.32714 -0.20673 0.43471  -0.21106 4   DG  A "C2'" 
71  C  "C1'" . DG  A 4  ? 1.51233 0.77689 1.36857 -0.20695 0.41548  -0.22179 4   DG  A "C1'" 
72  N  N9    . DG  A 4  ? 1.34056 0.59405 1.15071 -0.16842 0.40702  -0.20251 4   DG  A N9    
73  C  C8    . DG  A 4  ? 1.46078 0.61534 1.17942 -0.14956 0.43679  -0.17400 4   DG  A C8    
74  N  N7    . DG  A 4  ? 1.41348 0.58395 1.10740 -0.10997 0.41398  -0.16396 4   DG  A N7    
75  C  C5    . DG  A 4  ? 1.13812 0.42649 0.91780 -0.10665 0.36977  -0.18678 4   DG  A C5    
76  C  C6    . DG  A 4  ? 1.34969 0.70571 1.15092 -0.07183 0.33044  -0.18873 4   DG  A C6    
77  O  O6    . DG  A 4  ? 1.30494 0.63413 1.05521 -0.03489 0.32378  -0.17356 4   DG  A O6    
78  N  N1    . DG  A 4  ? 1.23293 0.69757 1.12071 -0.08036 0.29578  -0.20958 4   DG  A N1    
79  C  C2    . DG  A 4  ? 1.01102 0.50956 0.94894 -0.11278 0.29629  -0.22614 4   DG  A C2    
80  N  N2    . DG  A 4  ? 1.15945 0.75693 1.16350 -0.11034 0.26079  -0.23938 4   DG  A N2    
81  N  N3    . DG  A 4  ? 1.13745 0.57847 1.06010 -0.14391 0.32904  -0.22855 4   DG  A N3    
82  C  C4    . DG  A 4  ? 1.12081 0.45799 0.96648 -0.14063 0.36559  -0.20829 4   DG  A C4    
83  P  P     . DG  A 5  ? 1.67898 0.85468 1.57099 -0.24727 0.39192  -0.26448 5   DG  A P     
84  O  OP1   . DG  A 5  ? 1.80841 1.01273 1.75844 -0.28278 0.38067  -0.29192 5   DG  A OP1   
85  O  OP2   . DG  A 5  ? 1.62552 0.67051 1.43054 -0.22889 0.41670  -0.23990 5   DG  A OP2   
86  O  "O5'" . DG  A 5  ? 1.57464 0.81923 1.47645 -0.20242 0.34677  -0.26726 5   DG  A "O5'" 
87  C  "C5'" . DG  A 5  ? 1.47588 0.84248 1.44553 -0.20668 0.32137  -0.28095 5   DG  A "C5'" 
88  C  "C4'" . DG  A 5  ? 1.44093 0.85158 1.41554 -0.16674 0.27749  -0.28628 5   DG  A "C4'" 
89  O  "O4'" . DG  A 5  ? 1.36117 0.78793 1.31512 -0.13134 0.27080  -0.26759 5   DG  A "O4'" 
90  C  "C3'" . DG  A 5  ? 1.42366 0.76218 1.35582 -0.14125 0.26247  -0.29274 5   DG  A "C3'" 
91  O  "O3'" . DG  A 5  ? 1.52482 0.92756 1.47869 -0.11646 0.22443  -0.30570 5   DG  A "O3'" 
92  C  "C2'" . DG  A 5  ? 1.49568 0.76403 1.36433 -0.10407 0.27624  -0.26738 5   DG  A "C2'" 
93  C  "C1'" . DG  A 5  ? 1.36305 0.71734 1.25925 -0.08859 0.26342  -0.25807 5   DG  A "C1'" 
94  N  N9    . DG  A 5  ? 1.32884 0.64340 1.18027 -0.06676 0.28031  -0.23286 5   DG  A N9    
95  C  C8    . DG  A 5  ? 1.34852 0.56669 1.13895 -0.07368 0.31763  -0.21286 5   DG  A C8    
96  N  N7    . DG  A 5  ? 1.48723 0.69274 1.24033 -0.04589 0.32168  -0.19125 5   DG  A N7    
97  C  C5    . DG  A 5  ? 1.27229 0.57583 1.07494 -0.02216 0.28406  -0.20024 5   DG  A C5    
98  C  C6    . DG  A 5  ? 1.36280 0.70411 1.16254 0.01242  0.26659  -0.18891 5   DG  A C6    
99  O  O6    . DG  A 5  ? 1.42852 0.71973 1.17205 0.03434  0.27811  -0.16778 5   DG  A O6    
100 N  N1    . DG  A 5  ? 1.19736 0.64272 1.06260 0.02369  0.23091  -0.20341 5   DG  A N1    
101 C  C2    . DG  A 5  ? 1.17938 0.67919 1.09332 0.00692  0.21497  -0.22261 5   DG  A C2    
102 N  N2    . DG  A 5  ? 1.14667 0.73658 1.10751 0.02288  0.18508  -0.22781 5   DG  A N2    
103 N  N3    . DG  A 5  ? 1.24902 0.71321 1.16065 -0.02184 0.22775  -0.23417 5   DG  A N3    
104 C  C4    . DG  A 5  ? 1.26600 0.63611 1.12721 -0.03645 0.26148  -0.22372 5   DG  A C4    
105 P  P     . DA  A 6  ? 1.55993 0.99495 1.54767 -0.13796 0.20256  -0.33288 6   DA  A P     
106 O  OP1   . DA  A 6  ? 1.41989 0.78702 1.40380 -0.17491 0.22317  -0.34227 6   DA  A OP1   
107 O  OP2   . DA  A 6  ? 1.45650 0.89329 1.42002 -0.09850 0.17199  -0.34297 6   DA  A OP2   
108 O  "O5'" . DA  A 6  ? 1.37761 0.92697 1.43303 -0.16049 0.19825  -0.33289 6   DA  A "O5'" 
109 C  "C5'" . DA  A 6  ? 1.38030 1.01033 1.45754 -0.13657 0.17570  -0.32746 6   DA  A "C5'" 
110 C  "C4'" . DA  A 6  ? 1.30998 1.03680 1.45375 -0.16099 0.17495  -0.32998 6   DA  A "C4'" 
111 O  "O4'" . DA  A 6  ? 1.53366 1.29266 1.69810 -0.16502 0.15219  -0.34811 6   DA  A "O4'" 
112 C  "C3'" . DA  A 6  ? 1.31108 1.02765 1.47556 -0.19721 0.20537  -0.33198 6   DA  A "C3'" 
113 O  "O3'" . DA  A 6  ? 1.44468 1.22899 1.64336 -0.20015 0.21727  -0.32111 6   DA  A "O3'" 
114 C  "C2'" . DA  A 6  ? 1.60648 1.33340 1.80109 -0.22245 0.19706  -0.35450 6   DA  A "C2'" 
115 C  "C1'" . DA  A 6  ? 1.65861 1.41797 1.85523 -0.20077 0.16376  -0.36581 6   DA  A "C1'" 
116 N  N9    . DA  A 6  ? 1.72827 1.42480 1.89923 -0.20797 0.14938  -0.38869 6   DA  A N9    
117 C  C8    . DA  A 6  ? 1.76012 1.42700 1.94943 -0.24258 0.15547  -0.40836 6   DA  A C8    
118 N  N7    . DA  A 6  ? 1.82834 1.43609 1.98645 -0.24181 0.13489  -0.42935 6   DA  A N7    
119 C  C5    . DA  A 6  ? 1.77451 1.37251 1.88614 -0.20061 0.11683  -0.42336 6   DA  A C5    
120 C  C6    . DA  A 6  ? 1.66399 1.20333 1.71748 -0.17454 0.09287  -0.43959 6   DA  A C6    
121 N  N6    . DA  A 6  ? 1.68455 1.15951 1.71664 -0.18899 0.07846  -0.46711 6   DA  A N6    
122 N  N1    . DA  A 6  ? 1.63582 1.18279 1.65131 -0.13142 0.08487  -0.42747 6   DA  A N1    
123 C  C2    . DA  A 6  ? 1.82063 1.43028 1.86081 -0.11932 0.09591  -0.40111 6   DA  A C2    
124 N  N3    . DA  A 6  ? 1.82142 1.48602 1.91369 -0.14173 0.11397  -0.38530 6   DA  A N3    
125 C  C4    . DA  A 6  ? 1.75333 1.40854 1.87662 -0.18067 0.12560  -0.39762 6   DA  A C4    
126 P  P     . DG  A 7  ? 1.33593 1.08415 1.52541 -0.22438 0.25913  -0.31500 7   DG  A P     
127 O  OP1   . DG  A 7  ? 1.37982 1.02267 1.50232 -0.21700 0.27724  -0.30159 7   DG  A OP1   
128 O  OP2   . DG  A 7  ? 1.43488 1.19747 1.66133 -0.25641 0.27309  -0.33232 7   DG  A OP2   
129 O  "O5'" . DG  A 7  ? 1.22496 1.04323 1.43670 -0.21180 0.25899  -0.30436 7   DG  A "O5'" 
130 C  "C5'" . DG  A 7  ? 1.09592 1.00977 1.36000 -0.20424 0.24034  -0.31103 7   DG  A "C5'" 
131 C  "C4'" . DG  A 7  ? 1.09517 1.05600 1.36489 -0.17676 0.22031  -0.29651 7   DG  A "C4'" 
132 O  "O4'" . DG  A 7  ? 1.12206 1.05718 1.36920 -0.18027 0.24093  -0.28696 7   DG  A "O4'" 
133 C  "C3'" . DG  A 7  ? 1.00882 0.94676 1.25416 -0.15407 0.19525  -0.28714 7   DG  A "C3'" 
134 O  "O3'" . DG  A 7  ? 0.98731 1.00382 1.26939 -0.13322 0.16872  -0.28284 7   DG  A "O3'" 
135 C  "C2'" . DG  A 7  ? 1.05658 0.93340 1.25530 -0.14460 0.20531  -0.27307 7   DG  A "C2'" 
136 C  "C1'" . DG  A 7  ? 1.04175 0.95856 1.26317 -0.15670 0.22075  -0.27190 7   DG  A "C1'" 
137 N  N9    . DG  A 7  ? 1.01640 0.86117 1.18592 -0.15831 0.24337  -0.26266 7   DG  A N9    
138 C  C8    . DG  A 7  ? 1.06493 0.82400 1.18877 -0.17881 0.28447  -0.26206 7   DG  A C8    
139 N  N7    . DG  A 7  ? 1.14075 0.83697 1.20795 -0.16825 0.29991  -0.24931 7   DG  A N7    
140 C  C5    . DG  A 7  ? 0.88890 0.63841 0.97122 -0.13813 0.26097  -0.24521 7   DG  A C5    
141 C  C6    . DG  A 7  ? 1.02027 0.74032 1.05614 -0.10749 0.25158  -0.23530 7   DG  A C6    
142 O  O6    . DG  A 7  ? 1.06723 0.70170 1.02837 -0.09893 0.27932  -0.22536 7   DG  A O6    
143 N  N1    . DG  A 7  ? 0.90228 0.70169 0.98055 -0.08290 0.20705  -0.23627 7   DG  A N1    
144 C  C2    . DG  A 7  ? 0.73786 0.62476 0.88712 -0.08928 0.18090  -0.24093 7   DG  A C2    
145 N  N2    . DG  A 7  ? 0.76711 0.71636 0.94958 -0.06777 0.14586  -0.23755 7   DG  A N2    
146 N  N3    . DG  A 7  ? 0.84546 0.75313 1.02640 -0.11218 0.19093  -0.24800 7   DG  A N3    
147 C  C4    . DG  A 7  ? 0.90348 0.74386 1.05129 -0.13515 0.22845  -0.25190 7   DG  A C4    
148 P  P     . DG  A 8  ? 1.18194 1.19462 1.45261 -0.11099 0.14310  -0.27988 8   DG  A P     
149 O  OP1   . DG  A 8  ? 1.12189 1.21822 1.44393 -0.10173 0.12879  -0.28554 8   DG  A OP1   
150 O  OP2   . DG  A 8  ? 0.94608 0.86921 1.16399 -0.11265 0.14948  -0.28734 8   DG  A OP2   
151 O  "O5'" . DG  A 8  ? 1.10057 1.10956 1.35818 -0.08948 0.13290  -0.26414 8   DG  A "O5'" 
152 C  "C5'" . DG  A 8  ? 1.05222 1.14063 1.35779 -0.08044 0.11733  -0.25622 8   DG  A "C5'" 
153 C  "C4'" . DG  A 8  ? 0.90547 0.97585 1.19190 -0.05893 0.10231  -0.24517 8   DG  A "C4'" 
154 O  "O4'" . DG  A 8  ? 0.88966 0.89998 1.13258 -0.05783 0.11727  -0.24112 8   DG  A "O4'" 
155 C  "C3'" . DG  A 8  ? 0.97637 0.99986 1.22061 -0.03077 0.09640  -0.24307 8   DG  A "C3'" 
156 O  "O3'" . DG  A 8  ? 0.92797 0.99309 1.19221 -0.00810 0.07490  -0.23249 8   DG  A "O3'" 
157 C  "C2'" . DG  A 8  ? 0.92587 0.85245 1.10120 -0.01741 0.11644  -0.24025 8   DG  A "C2'" 
158 C  "C1'" . DG  A 8  ? 0.92343 0.86276 1.10822 -0.02510 0.11872  -0.23491 8   DG  A "C1'" 
159 N  N9    . DG  A 8  ? 0.98037 0.83452 1.10818 -0.02693 0.14350  -0.23394 8   DG  A N9    
160 C  C8    . DG  A 8  ? 0.85947 0.65632 0.96254 -0.05228 0.16935  -0.24055 8   DG  A C8    
161 N  N7    . DG  A 8  ? 1.04604 0.76527 1.09636 -0.05050 0.19337  -0.23425 8   DG  A N7    
162 C  C5    . DG  A 8  ? 0.92062 0.64901 0.95749 -0.01729 0.17869  -0.22494 8   DG  A C5    
163 C  C6    . DG  A 8  ? 1.07810 0.73841 1.05392 0.00488  0.19282  -0.21380 8   DG  A C6    
164 O  O6    . DG  A 8  ? 1.01332 0.58063 0.92560 -0.00451 0.22769  -0.20489 8   DG  A O6    
165 N  N1    . DG  A 8  ? 0.80918 0.51347 0.79776 0.04143  0.16524  -0.21034 8   DG  A N1    
166 C  C2    . DG  A 8  ? 0.91480 0.71457 0.97084 0.05067  0.13254  -0.21375 8   DG  A C2    
167 N  N2    . DG  A 8  ? 0.75666 0.59513 0.83138 0.08482  0.10823  -0.20922 8   DG  A N2    
168 N  N3    . DG  A 8  ? 0.83973 0.69410 0.94413 0.02700  0.12484  -0.21895 8   DG  A N3    
169 C  C4    . DG  A 8  ? 0.85862 0.67306 0.94791 -0.00355 0.14716  -0.22565 8   DG  A C4    
170 P  P     . DG  A 9  ? 1.01575 1.07347 1.25728 0.02702  0.06913  -0.22446 9   DG  A P     
171 O  OP1   . DG  A 9  ? 0.94229 1.06791 1.22620 0.01715  0.04459  -0.22200 9   DG  A OP1   
172 O  OP2   . DG  A 9  ? 0.98161 0.97346 1.17437 0.03200  0.08680  -0.23515 9   DG  A OP2   
173 O  "O5'" . DG  A 9  ? 0.95083 0.98701 1.16693 0.06830  0.07077  -0.20433 9   DG  A "O5'" 
174 C  "C5'" . DG  A 9  ? 0.88776 0.97062 1.13747 0.06853  0.05194  -0.19284 9   DG  A "C5'" 
175 C  "C4'" . DG  A 9  ? 0.76153 0.81898 0.98778 0.11114  0.05547  -0.17531 9   DG  A "C4'" 
176 O  "O4'" . DG  A 9  ? 0.89228 0.87669 1.07370 0.11203  0.07360  -0.18703 9   DG  A "O4'" 
177 C  "C3'" . DG  A 9  ? 0.87318 0.90630 1.07176 0.15176  0.06821  -0.15940 9   DG  A "C3'" 
178 O  "O3'" . DG  A 9  ? 0.89043 0.95734 1.11129 0.18214  0.05712  -0.13113 9   DG  A "O3'" 
179 C  "C2'" . DG  A 9  ? 0.94667 0.87798 1.07650 0.16448  0.09241  -0.17287 9   DG  A "C2'" 
180 C  "C1'" . DG  A 9  ? 0.97020 0.88702 1.09874 0.15287  0.08851  -0.17817 9   DG  A "C1'" 
181 N  N9    . DG  A 9  ? 1.07610 0.89886 1.14293 0.14127  0.10832  -0.19230 9   DG  A N9    
182 C  C8    . DG  A 9  ? 1.01652 0.80254 1.06572 0.10599  0.12165  -0.20764 9   DG  A C8    
183 N  N7    . DG  A 9  ? 1.20028 0.90712 1.20483 0.09405  0.14065  -0.21089 9   DG  A N7    
184 C  C5    . DG  A 9  ? 1.06887 0.75268 1.05132 0.12642  0.13915  -0.19821 9   DG  A C5    
185 C  C6    . DG  A 9  ? 1.14017 0.73478 1.05912 0.12963  0.16113  -0.18613 9   DG  A C6    
186 O  O6    . DG  A 9  ? 1.23869 0.75687 1.11224 0.10067  0.19004  -0.18463 9   DG  A O6    
187 N  N1    . DG  A 9  ? 1.00543 0.59969 0.90644 0.17394  0.14735  -0.16811 9   DG  A N1    
188 C  C2    . DG  A 9  ? 1.04349 0.72776 1.00555 0.20650  0.11518  -0.16519 9   DG  A C2    
189 N  N2    . DG  A 9  ? 0.81597 0.50289 0.75350 0.24978  0.08955  -0.14146 9   DG  A N2    
190 N  N3    . DG  A 9  ? 0.97845 0.74661 1.00625 0.19942  0.10164  -0.17579 9   DG  A N3    
191 C  C4    . DG  A 9  ? 1.08902 0.84666 1.11266 0.15904  0.11519  -0.18971 9   DG  A C4    
192 P  P     . DA  A 10 ? 0.81047 0.95867 1.08033 0.16755  0.03370  -0.10572 10  DA  A P     
193 O  OP1   . DA  A 10 ? 0.93449 1.10085 1.20675 0.14345  0.03569  -0.10989 10  DA  A OP1   
194 O  OP2   . DA  A 10 ? 0.74018 0.90375 1.02762 0.19936  0.03356  -0.07492 10  DA  A OP2   
195 O  "O5'" . DA  A 10 ? 0.77312 0.93942 1.05877 0.13795  0.01055  -0.11701 10  DA  A "O5'" 
196 C  "C5'" . DA  A 10 ? 0.78089 0.95998 1.07711 0.15222  -0.00700 -0.10408 10  DA  A "C5'" 
197 C  "C4'" . DA  A 10 ? 0.72204 0.91201 1.02550 0.12165  -0.02567 -0.11856 10  DA  A "C4'" 
198 O  "O4'" . DA  A 10 ? 0.85072 1.07239 1.16936 0.11211  -0.04349 -0.09722 10  DA  A "O4'" 
199 C  "C3'" . DA  A 10 ? 0.84506 1.02675 1.14505 0.08397  -0.01942 -0.14175 10  DA  A "C3'" 
200 O  "O3'" . DA  A 10 ? 0.74692 0.92016 1.04959 0.06985  -0.02519 -0.16580 10  DA  A "O3'" 
201 C  "C2'" . DA  A 10 ? 0.72550 0.92577 1.03225 0.06766  -0.02981 -0.13188 10  DA  A "C2'" 
202 C  "C1'" . DA  A 10 ? 0.91404 1.13655 1.23654 0.08209  -0.04629 -0.11219 10  DA  A "C1'" 
203 N  N9    . DA  A 10 ? 0.78920 1.04146 1.13573 0.08680  -0.04909 -0.09303 10  DA  A N9    
204 C  C8    . DA  A 10 ? 0.90259 1.16956 1.25648 0.09229  -0.03600 -0.08301 10  DA  A C8    
205 N  N7    . DA  A 10 ? 0.93519 1.23761 1.31766 0.09839  -0.03890 -0.06085 10  DA  A N7    
206 C  C5    . DA  A 10 ? 0.86192 1.17081 1.25725 0.09480  -0.05709 -0.05901 10  DA  A C5    
207 C  C6    . DA  A 10 ? 0.82028 1.16439 1.24996 0.09622  -0.06940 -0.04228 10  DA  A C6    
208 N  N6    . DA  A 10 ? 0.69249 1.07917 1.15099 0.10262  -0.06251 -0.02124 10  DA  A N6    
209 N  N1    . DA  A 10 ? 0.81053 1.14825 1.24469 0.09214  -0.08921 -0.04954 10  DA  A N1    
210 C  C2    . DA  A 10 ? 0.90606 1.20801 1.30974 0.08945  -0.09445 -0.06909 10  DA  A C2    
211 N  N3    . DA  A 10 ? 0.88154 1.15422 1.25369 0.08800  -0.08189 -0.08353 10  DA  A N3    
212 C  C4    . DA  A 10 ? 0.85048 1.12712 1.22135 0.08944  -0.06408 -0.07880 10  DA  A C4    
213 P  P     . DG  A 11 ? 0.79783 0.95766 1.10327 0.03382  -0.01145 -0.19573 11  DG  A P     
214 O  OP1   . DG  A 11 ? 0.84212 0.97504 1.14024 0.03331  0.01853  -0.20456 11  DG  A OP1   
215 O  OP2   . DG  A 11 ? 0.88871 1.03924 1.17049 0.01956  -0.01929 -0.18655 11  DG  A OP2   
216 O  "O5'" . DG  A 11 ? 0.72152 0.88230 1.03260 0.02951  -0.01241 -0.21314 11  DG  A "O5'" 
217 C  "C5'" . DG  A 11 ? 0.65996 0.82924 0.96394 0.03857  -0.03700 -0.20713 11  DG  A "C5'" 
218 C  "C4'" . DG  A 11 ? 0.65329 0.82405 0.95707 0.07077  -0.04447 -0.21367 11  DG  A "C4'" 
219 O  "O4'" . DG  A 11 ? 0.66740 0.78715 0.92951 0.05964  -0.00767 -0.23281 11  DG  A "O4'" 
220 C  "C3'" . DG  A 11 ? 0.67610 0.82268 0.95926 0.11416  -0.04445 -0.19449 11  DG  A "C3'" 
221 O  "O3'" . DG  A 11 ? 0.64609 0.80161 0.92190 0.14355  -0.07805 -0.18504 11  DG  A "O3'" 
222 C  "C2'" . DG  A 11 ? 0.69719 0.75531 0.91511 0.12074  -0.00165 -0.20788 11  DG  A "C2'" 
223 C  "C1'" . DG  A 11 ? 0.58910 0.62831 0.77872 0.08902  0.01133  -0.22508 11  DG  A "C1'" 
224 N  N9    . DG  A 11 ? 0.65603 0.62462 0.79580 0.06012  0.05982  -0.23160 11  DG  A N9    
225 C  C8    . DG  A 11 ? 0.79439 0.77711 0.96039 0.02295  0.07775  -0.22989 11  DG  A C8    
226 N  N7    . DG  A 11 ? 0.78861 0.69971 0.90354 0.00428  0.11489  -0.23051 11  DG  A N7    
227 C  C5    . DG  A 11 ? 0.76783 0.60365 0.80843 0.02882  0.12925  -0.22956 11  DG  A C5    
228 C  C6    . DG  A 11 ? 0.90093 0.63528 0.85919 0.02023  0.17243  -0.22283 11  DG  A C6    
229 O  O6    . DG  A 11 ? 0.88538 0.58683 0.83854 -0.01364 0.20347  -0.22124 11  DG  A O6    
230 N  N1    . DG  A 11 ? 0.90430 0.58682 0.78049 0.05670  0.16427  -0.19930 11  DG  A N1    
231 C  C2    . DG  A 11 ? 0.92248 0.65301 0.80571 0.09531  0.11472  -0.18939 11  DG  A C2    
232 N  N2    . DG  A 11 ? 0.95855 0.62815 0.74910 0.12935  0.10732  -0.16644 11  DG  A N2    
233 N  N3    . DG  A 11 ? 0.76048 0.59283 0.73690 0.09884  0.07398  -0.20133 11  DG  A N3    
234 C  C4    . DG  A 11 ? 0.61875 0.49337 0.66752 0.06488  0.08919  -0.22250 11  DG  A C4    
235 P  P     . DG  A 12 ? 0.74534 0.90938 1.01875 0.17215  -0.09577 -0.15043 12  DG  A P     
236 O  OP1   . DG  A 12 ? 0.73035 0.92623 1.01656 0.15928  -0.12546 -0.13506 12  DG  A OP1   
237 O  OP2   . DG  A 12 ? 0.74243 0.90048 1.02157 0.17266  -0.06768 -0.13752 12  DG  A OP2   
238 O  "O5'" . DG  A 12 ? 0.83269 0.92462 1.03879 0.22890  -0.09604 -0.15096 12  DG  A "O5'" 
239 C  "C5'" . DG  A 12 ? 0.86672 0.93117 1.01885 0.24693  -0.12357 -0.14924 12  DG  A "C5'" 
240 C  "C4'" . DG  A 12 ? 0.84715 0.80569 0.88573 0.27641  -0.10312 -0.13113 12  DG  A "C4'" 
241 O  "O4'" . DG  A 12 ? 0.89948 0.78171 0.87906 0.24334  -0.04720 -0.14005 12  DG  A "O4'" 
242 C  "C3'" . DG  A 12 ? 0.87331 0.81869 0.91350 0.31874  -0.10370 -0.10941 12  DG  A "C3'" 
243 O  "O3'" . DG  A 12 ? 1.01551 0.90783 0.97926 0.36052  -0.12508 -0.09043 12  DG  A "O3'" 
244 C  "C2'" . DG  A 12 ? 0.96434 0.83183 0.95823 0.30021  -0.04673 -0.11293 12  DG  A "C2'" 
245 C  "C1'" . DG  A 12 ? 0.86031 0.66223 0.77951 0.26691  -0.02059 -0.12259 12  DG  A "C1'" 
246 N  N9    . DG  A 12 ? 0.91388 0.66573 0.81853 0.22607  0.03249  -0.13656 12  DG  A N9    
247 C  C8    . DG  A 12 ? 0.88352 0.69039 0.86623 0.19279  0.04487  -0.15809 12  DG  A C8    
248 N  N7    . DG  A 12 ? 0.95634 0.70432 0.91247 0.15948  0.08863  -0.17028 12  DG  A N7    
249 C  C5    . DG  A 12 ? 0.90147 0.54783 0.75780 0.16735  0.11164  -0.15379 12  DG  A C5    
250 C  C6    . DG  A 12 ? 1.08727 0.64061 0.88678 0.13800  0.16080  -0.15605 12  DG  A C6    
251 O  O6    . DG  A 12 ? 0.99538 0.54443 0.82877 0.09809  0.18881  -0.17736 12  DG  A O6    
252 N  N1    . DG  A 12 ? 1.16341 0.61998 0.85815 0.15871  0.17608  -0.13021 12  DG  A N1    
253 C  C2    . DG  A 12 ? 1.27275 0.72815 0.92070 0.20585  0.14125  -0.10785 12  DG  A C2    
254 N  N2    . DG  A 12 ? 1.32720 0.67659 0.86239 0.22315  0.16266  -0.08280 12  DG  A N2    
255 N  N3    . DG  A 12 ? 1.11245 0.66325 0.82096 0.23378  0.08791  -0.10945 12  DG  A N3    
256 C  C4    . DG  A 12 ? 0.95999 0.60235 0.77477 0.21060  0.07858  -0.13187 12  DG  A C4    
257 P  P     . DG  A 13 ? 1.18219 1.08207 1.14998 0.40184  -0.14317 -0.06264 13  DG  A P     
258 O  OP1   . DG  A 13 ? 1.07968 1.05876 1.09662 0.39469  -0.19171 -0.05886 13  DG  A OP1   
259 O  OP2   . DG  A 13 ? 1.13902 1.04852 1.14878 0.39251  -0.10840 -0.05806 13  DG  A OP2   
260 O  "O5'" . DG  A 13 ? 1.26321 1.02973 1.08923 0.44591  -0.13121 -0.04558 13  DG  A "O5'" 
261 C  "C5'" . DG  A 13 ? 1.32929 0.99341 1.08225 0.42813  -0.07391 -0.04618 13  DG  A "C5'" 
262 C  "C4'" . DG  A 13 ? 1.41588 0.95588 1.03285 0.46045  -0.06201 -0.02206 13  DG  A "C4'" 
263 O  "O4'" . DG  A 13 ? 1.45521 0.89969 1.00814 0.42045  0.00007  -0.02586 13  DG  A "O4'" 
264 C  "C3'" . DG  A 13 ? 1.61884 1.12534 1.21113 0.50525  -0.06662 0.00233  13  DG  A "C3'" 
265 O  "O3'" . DG  A 13 ? 1.85712 1.25153 1.31625 0.53680  -0.06282 0.02653  13  DG  A "O3'" 
266 C  "C2'" . DG  A 13 ? 1.57555 1.04422 1.18498 0.47668  -0.01414 -0.00671 13  DG  A "C2'" 
267 C  "C1'" . DG  A 13 ? 1.45338 0.84713 1.00471 0.43072  0.02957  -0.02020 13  DG  A "C1'" 
268 N  N9    . DG  A 13 ? 1.26300 0.68535 0.88089 0.37426  0.06488  -0.04811 13  DG  A N9    
269 C  C8    . DG  A 13 ? 1.03742 0.57519 0.77076 0.35391  0.04913  -0.07039 13  DG  A C8    
270 N  N7    . DG  A 13 ? 1.18606 0.71829 0.94733 0.30610  0.08496  -0.09315 13  DG  A N7    
271 C  C5    . DG  A 13 ? 1.15425 0.56400 0.82283 0.28939  0.12780  -0.08677 13  DG  A C5    
272 C  C6    . DG  A 13 ? 1.29817 0.65558 0.96062 0.23691  0.17400  -0.10474 13  DG  A C6    
273 O  O6    . DG  A 13 ? 1.27434 0.69344 1.01266 0.19505  0.17978  -0.13089 13  DG  A O6    
274 N  N1    . DG  A 13 ? 1.37552 0.61217 0.94023 0.23024  0.20913  -0.08601 13  DG  A N1    
275 C  C2    . DG  A 13 ? 1.48180 0.63845 0.94761 0.27734  0.20394  -0.05409 13  DG  A C2    
276 N  N2    . DG  A 13 ? 1.61179 0.64724 0.98452 0.26362  0.24587  -0.03491 13  DG  A N2    
277 N  N3    . DG  A 13 ? 1.44013 0.64903 0.90792 0.32955  0.15524  -0.03858 13  DG  A N3    
278 C  C4    . DG  A 13 ? 1.29673 0.63394 0.87314 0.33071  0.11920  -0.05709 13  DG  A C4    
279 P  P     . DA  A 14 ? 1.98865 1.38442 1.41942 0.58263  -0.09453 0.04996  14  DA  A P     
280 O  OP1   . DA  A 14 ? 1.71570 1.17638 1.24249 0.58023  -0.08961 0.04707  14  DA  A OP1   
281 O  OP2   . DA  A 14 ? 1.92534 1.17682 1.20524 0.60404  -0.06743 0.07373  14  DA  A OP2   
282 O  "O5'" . DA  A 14 ? 1.86594 1.36480 1.34527 0.59404  -0.15997 0.04277  14  DA  A "O5'" 
283 C  "C5'" . DA  A 14 ? 1.86762 1.43954 1.40537 0.61718  -0.19884 0.04995  14  DA  A "C5'" 
284 C  "C4'" . DA  A 14 ? 2.05289 1.56098 1.48391 0.65728  -0.22345 0.06525  14  DA  A "C4'" 
285 O  "O4'" . DA  A 14 ? 1.81248 1.32341 1.25445 0.69024  -0.23178 0.08153  14  DA  A "O4'" 
286 C  "C3'" . DA  A 14 ? 2.05038 1.62816 1.50807 0.65752  -0.27853 0.05263  14  DA  A "C3'" 
287 O  "O3'" . DA  A 14 ? 2.02370 1.57908 1.43677 0.63701  -0.27740 0.03753  14  DA  A "O3'" 
288 C  "C2'" . DA  A 14 ? 2.10647 1.61802 1.46534 0.70490  -0.29692 0.07102  14  DA  A "C2'" 
289 C  "C1'" . DA  A 14 ? 2.13190 1.62151 1.50770 0.72382  -0.26989 0.08928  14  DA  A "C1'" 
290 N  N9    . DA  A 14 ? 2.04076 1.61870 1.51016 0.74162  -0.30603 0.09334  14  DA  A N9    
291 P  P     . DA  A 15 ? 2.11266 1.78854 1.65400 0.59227  -0.30211 0.00894  15  DA  A P     
292 O  OP1   . DA  A 15 ? 1.91551 1.55015 1.39111 0.57931  -0.29814 -0.00571 15  DA  A OP1   
293 O  OP2   . DA  A 15 ? 1.95644 1.70407 1.61944 0.56655  -0.28013 0.00804  15  DA  A OP2   
294 O  "O5'" . DA  A 15 ? 2.05015 1.80642 1.64999 0.59674  -0.35894 0.00216  15  DA  A "O5'" 
295 C  "C5'" . DA  A 15 ? 1.79890 1.63969 1.48195 0.56082  -0.38974 -0.02146 15  DA  A "C5'" 
296 C  "C4'" . DA  A 15 ? 1.76912 1.62552 1.43748 0.57933  -0.43942 -0.02509 15  DA  A "C4'" 
297 O  "O4'" . DA  A 15 ? 1.83756 1.67093 1.47858 0.62050  -0.44622 -0.00157 15  DA  A "O4'" 
298 C  "C3'" . DA  A 15 ? 1.58545 1.55216 1.38736 0.54194  -0.47043 -0.03747 15  DA  A "C3'" 
299 O  "O3'" . DA  A 15 ? 1.61384 1.56731 1.36844 0.54980  -0.51239 -0.05544 15  DA  A "O3'" 
300 C  "C2'" . DA  A 15 ? 1.73283 1.75276 1.61148 0.55551  -0.47660 -0.01332 15  DA  A "C2'" 
301 C  "C1'" . DA  A 15 ? 1.80737 1.73583 1.56086 0.61258  -0.48047 0.00100  15  DA  A "C1'" 
302 P  P     . DA  A 16 ? 1.64909 1.66181 1.47812 0.50358  -0.53171 -0.08211 16  DA  A P     
303 O  OP1   . DA  A 16 ? 1.77634 1.88964 1.74769 0.47216  -0.53967 -0.07170 16  DA  A OP1   
304 O  OP2   . DA  A 16 ? 1.54204 1.50159 1.27321 0.52667  -0.56761 -0.10178 16  DA  A OP2   
305 O  "O5'" . DA  A 16 ? 1.54258 1.54781 1.38214 0.47066  -0.49033 -0.09276 16  DA  A "O5'" 
306 C  "C5'" . DA  A 16 ? 1.55978 1.51016 1.31624 0.47056  -0.48938 -0.11529 16  DA  A "C5'" 
307 C  "C4'" . DA  A 16 ? 1.48015 1.39687 1.20738 0.46424  -0.44580 -0.11314 16  DA  A "C4'" 
308 O  "O4'" . DA  A 16 ? 1.49568 1.32573 1.08651 0.48668  -0.44144 -0.12267 16  DA  A "O4'" 
309 C  "C3'" . DA  A 16 ? 1.28185 1.26675 1.12180 0.41124  -0.42543 -0.12672 16  DA  A "C3'" 
310 O  "O3'" . DA  A 16 ? 1.24160 1.20697 1.07356 0.41113  -0.38704 -0.11896 16  DA  A "O3'" 
311 C  "C2'" . DA  A 16 ? 1.43537 1.39977 1.23370 0.40080  -0.43946 -0.15497 16  DA  A "C2'" 
312 C  "C1'" . DA  A 16 ? 1.53090 1.39123 1.16084 0.45068  -0.43944 -0.14978 16  DA  A "C1'" 
313 N  N9    . DA  A 16 ? 1.48922 1.31449 1.04416 0.46397  -0.46700 -0.16762 16  DA  A N9    
314 C  C8    . DA  A 16 ? 1.54087 1.41036 1.15641 0.45086  -0.50363 -0.18358 16  DA  A C8    
315 N  N7    . DA  A 16 ? 1.55763 1.37563 1.07777 0.47192  -0.52266 -0.19871 16  DA  A N7    
316 C  C5    . DA  A 16 ? 1.66727 1.40089 1.05017 0.49762  -0.49014 -0.18825 16  DA  A C5    
317 C  C6    . DA  A 16 ? 1.82155 1.46837 1.05191 0.52411  -0.47898 -0.19039 16  DA  A C6    
318 N  N6    . DA  A 16 ? 1.91333 1.54941 1.11050 0.53480  -0.50954 -0.20953 16  DA  A N6    
319 N  N1    . DA  A 16 ? 1.86543 1.43222 0.97489 0.53583  -0.42773 -0.16961 16  DA  A N1    
320 C  C2    . DA  A 16 ? 1.89350 1.46387 1.03042 0.52656  -0.39851 -0.15098 16  DA  A C2    
321 N  N3    . DA  A 16 ? 1.85714 1.50800 1.13554 0.50939  -0.41322 -0.14940 16  DA  A N3    
322 C  C4    . DA  A 16 ? 1.65357 1.38674 1.05284 0.49285  -0.45617 -0.16828 16  DA  A C4    
323 P  P     . DA  A 17 ? 1.21526 1.24871 1.16300 0.35993  -0.35768 -0.12744 17  DA  A P     
324 O  OP1   . DA  A 17 ? 1.18593 1.22795 1.16701 0.36669  -0.32882 -0.10514 17  DA  A OP1   
325 O  OP2   . DA  A 17 ? 1.19659 1.29277 1.23137 0.31713  -0.37059 -0.13724 17  DA  A OP2   
326 O  "O5'" . DA  A 17 ? 1.24178 1.22747 1.12116 0.36401  -0.34310 -0.14671 17  DA  A "O5'" 
327 C  "C5'" . DA  A 17 ? 1.35412 1.23513 1.09237 0.40365  -0.32328 -0.13232 17  DA  A "C5'" 
328 C  "C4'" . DA  A 17 ? 1.37684 1.21051 1.04306 0.37237  -0.28594 -0.15095 17  DA  A "C4'" 
329 O  "O4'" . DA  A 17 ? 1.49189 1.30552 1.08246 0.39662  -0.33133 -0.16298 17  DA  A "O4'" 
330 C  "C3'" . DA  A 17 ? 1.33854 1.24133 1.10685 0.31922  -0.26858 -0.17819 17  DA  A "C3'" 
331 O  "O3'" . DA  A 17 ? 1.41659 1.27227 1.15320 0.28694  -0.19674 -0.17759 17  DA  A "O3'" 
332 C  "C2'" . DA  A 17 ? 1.35065 1.26592 1.09415 0.31812  -0.30699 -0.20513 17  DA  A "C2'" 
333 C  "C1'" . DA  A 17 ? 1.30489 1.12539 0.89418 0.35989  -0.30913 -0.19038 17  DA  A "C1'" 
334 N  N9    . DA  A 17 ? 1.56681 1.38051 1.09694 0.38197  -0.36220 -0.21096 17  DA  A N9    
335 C  C8    . DA  A 17 ? 1.67310 1.40510 1.05903 0.39822  -0.34358 -0.21471 17  DA  A C8    
336 N  N7    . DA  A 17 ? 1.62165 1.36640 1.00909 0.40830  -0.38413 -0.22945 17  DA  A N7    
337 C  C5    . DA  A 17 ? 1.52233 1.35562 1.06834 0.38823  -0.41869 -0.23472 17  DA  A C5    
338 C  C6    . DA  A 17 ? 1.47117 1.34520 1.09231 0.37735  -0.45319 -0.24751 17  DA  A C6    
339 N  N6    . DA  A 17 ? 1.48329 1.32126 1.03473 0.39431  -0.47361 -0.26170 17  DA  A N6    
340 N  N1    . DA  A 17 ? 1.40205 1.34776 1.16163 0.34629  -0.45976 -0.24265 17  DA  A N1    
341 C  C2    . DA  A 17 ? 1.38855 1.36884 1.21348 0.32986  -0.43498 -0.22686 17  DA  A C2    
342 N  N3    . DA  A 17 ? 1.36089 1.31591 1.13891 0.34281  -0.41012 -0.21795 17  DA  A N3    
343 C  C4    . DA  A 17 ? 1.46949 1.34754 1.10245 0.37205  -0.40437 -0.22245 17  DA  A C4    
344 P  P     . DG  A 18 ? 1.18872 1.10345 1.04051 0.24307  -0.16357 -0.18705 18  DG  A P     
345 O  OP1   . DG  A 18 ? 1.42614 1.37770 1.34162 0.26596  -0.18612 -0.16870 18  DG  A OP1   
346 O  OP2   . DG  A 18 ? 1.01856 1.00971 0.95143 0.21602  -0.18903 -0.21556 18  DG  A OP2   
347 O  "O5'" . DG  A 18 ? 1.23914 1.06905 1.01947 0.22066  -0.08666 -0.17890 18  DG  A "O5'" 
348 C  "C5'" . DG  A 18 ? 1.18673 0.97698 0.91058 0.19286  -0.04303 -0.19210 18  DG  A "C5'" 
349 C  "C4'" . DG  A 18 ? 1.34388 1.02160 0.92409 0.21466  -0.00937 -0.16894 18  DG  A "C4'" 
350 O  "O4'" . DG  A 18 ? 1.50074 1.13501 1.05536 0.17350  0.06251  -0.17315 18  DG  A "O4'" 
351 C  "C3'" . DG  A 18 ? 1.52688 1.13990 1.05554 0.24937  -0.00821 -0.13639 18  DG  A "C3'" 
352 O  "O3'" . DG  A 18 ? 1.53217 1.07123 0.93508 0.29533  -0.02510 -0.11526 18  DG  A "O3'" 
353 C  "C2'" . DG  A 18 ? 1.36840 0.91828 0.87859 0.21472  0.06378  -0.12926 18  DG  A "C2'" 
354 C  "C1'" . DG  A 18 ? 1.48280 1.02068 0.96070 0.18047  0.10491  -0.14461 18  DG  A "C1'" 
355 N  N9    . DG  A 18 ? 1.42957 0.95214 0.94504 0.12912  0.16800  -0.15209 18  DG  A N9    
356 C  C8    . DG  A 18 ? 1.43147 0.85868 0.87273 0.11103  0.23238  -0.13436 18  DG  A C8    
357 N  N7    . DG  A 18 ? 1.21401 0.65399 0.72464 0.06221  0.27268  -0.14884 18  DG  A N7    
358 C  C5    . DG  A 18 ? 1.06378 0.61088 0.69134 0.05219  0.23214  -0.17603 18  DG  A C5    
359 C  C6    . DG  A 18 ? 1.05798 0.66244 0.78990 0.00965  0.24472  -0.20108 18  DG  A C6    
360 O  O6    . DG  A 18 ? 1.09878 0.67317 0.84746 -0.03013 0.29178  -0.20732 18  DG  A O6    
361 N  N1    . DG  A 18 ? 0.96776 0.66971 0.78879 0.01624  0.19512  -0.21913 18  DG  A N1    
362 C  C2    . DG  A 18 ? 0.74445 0.48629 0.56469 0.05457  0.14031  -0.21449 18  DG  A C2    
363 N  N2    . DG  A 18 ? 0.96266 0.79597 0.87924 0.05185  0.10145  -0.23082 18  DG  A N2    
364 N  N3    . DG  A 18 ? 0.98340 0.67763 0.71362 0.09314  0.12288  -0.19506 18  DG  A N3    
365 C  C4    . DG  A 18 ? 1.08680 0.68287 0.71959 0.09179  0.17074  -0.17604 18  DG  A C4    
366 P  P     . DG  A 19 ? 1.73311 1.20659 1.07479 0.34594  -0.03930 -0.08019 19  DG  A P     
367 O  OP1   . DG  A 19 ? 1.59163 1.02784 0.82915 0.39455  -0.08141 -0.06947 19  DG  A OP1   
368 O  OP2   . DG  A 19 ? 1.44649 0.98867 0.90329 0.34921  -0.06295 -0.08140 19  DG  A OP2   
369 O  "O5'" . DG  A 19 ? 1.46150 0.82483 0.72955 0.32682  0.03826  -0.05887 19  DG  A "O5'" 
370 C  "C5'" . DG  A 19 ? 1.79928 1.06594 0.94122 0.32401  0.08459  -0.04388 19  DG  A "C5'" 
371 C  "C4'" . DG  A 19 ? 1.78105 0.96174 0.89611 0.29173  0.15871  -0.02799 19  DG  A "C4'" 
372 O  "O4'" . DG  A 19 ? 1.69043 0.94080 0.92667 0.23383  0.18391  -0.05737 19  DG  A "O4'" 
373 C  "C3'" . DG  A 19 ? 1.80083 0.91312 0.88917 0.32347  0.15828  -0.00068 19  DG  A "C3'" 
374 O  "O3'" . DG  A 19 ? 1.91597 0.89401 0.87587 0.33092  0.20905  0.03216  19  DG  A "O3'" 
375 C  "C2'" . DG  A 19 ? 1.61092 0.76907 0.81780 0.27958  0.17972  -0.02161 19  DG  A "C2'" 
376 C  "C1'" . DG  A 19 ? 1.55543 0.75111 0.80404 0.21872  0.21937  -0.04714 19  DG  A "C1'" 
377 N  N9    . DG  A 19 ? 1.41547 0.70154 0.79672 0.17644  0.21874  -0.07925 19  DG  A N9    
378 C  C8    . DG  A 19 ? 1.41320 0.81566 0.89900 0.18170  0.16649  -0.10145 19  DG  A C8    
379 N  N7    . DG  A 19 ? 1.22246 0.68411 0.80732 0.13978  0.17952  -0.12685 19  DG  A N7    
380 C  C5    . DG  A 19 ? 1.23086 0.61445 0.78079 0.10224  0.24155  -0.12463 19  DG  A C5    
381 C  C6    . DG  A 19 ? 1.26274 0.66376 0.88429 0.04968  0.27544  -0.14820 19  DG  A C6    
382 O  O6    . DG  A 19 ? 1.14716 0.63540 0.87065 0.02967  0.25664  -0.17506 19  DG  A O6    
383 N  N1    . DG  A 19 ? 1.45618 0.75864 1.02002 0.02001  0.33538  -0.13740 19  DG  A N1    
384 C  C2    . DG  A 19 ? 1.45158 0.64669 0.89592 0.04014  0.36364  -0.10374 19  DG  A C2    
385 N  N2    . DG  A 19 ? 1.52542 0.63305 0.93511 0.00131  0.42614  -0.09509 19  DG  A N2    
386 N  N3    . DG  A 19 ? 1.45450 0.62822 0.81873 0.09448  0.33174  -0.07975 19  DG  A N3    
387 C  C4    . DG  A 19 ? 1.43392 0.70833 0.86110 0.12237  0.26886  -0.09399 19  DG  A C4    
388 P  P     . DG  A 20 ? 2.18869 1.06330 1.06998 0.38227  0.20460  0.06923  20  DG  A P     
389 O  OP1   . DG  A 20 ? 2.23915 1.02540 0.96750 0.42552  0.20321  0.10083  20  DG  A OP1   
390 O  OP2   . DG  A 20 ? 2.00509 0.95873 0.98047 0.41343  0.14732  0.05907  20  DG  A OP2   
391 O  "O5'" . DG  A 20 ? 2.21555 1.00287 1.09721 0.33390  0.27950  0.07573  20  DG  A "O5'" 
392 C  "C5'" . DG  A 20 ? 2.15499 0.91871 1.02935 0.27306  0.34376  0.06879  20  DG  A "C5'" 
393 C  "C4'" . DG  A 20 ? 2.15446 0.84856 1.05486 0.22788  0.40046  0.06972  20  DG  A "C4'" 
394 O  "O4'" . DG  A 20 ? 2.04243 0.84378 1.08652 0.17562  0.39876  0.02664  20  DG  A "O4'" 
395 C  "C3'" . DG  A 20 ? 2.25427 0.86880 1.12397 0.26812  0.38808  0.08997  20  DG  A "C3'" 
396 O  "O3'" . DG  A 20 ? 2.52579 0.99890 1.32437 0.24334  0.45334  0.11445  20  DG  A "O3'" 
397 C  "C2'" . DG  A 20 ? 2.03769 0.75541 1.04680 0.25168  0.35838  0.05232  20  DG  A "C2'" 
398 C  "C1'" . DG  A 20 ? 1.94323 0.72999 1.03774 0.17809  0.39078  0.01910  20  DG  A "C1'" 
399 N  N9    . DG  A 20 ? 1.72016 0.64582 0.94914 0.16160  0.35247  -0.02060 20  DG  A N9    
400 C  C8    . DG  A 20 ? 1.69410 0.73046 0.97468 0.19389  0.29201  -0.03163 20  DG  A C8    
401 N  N7    . DG  A 20 ? 1.66574 0.80768 1.06422 0.16769  0.27361  -0.06469 20  DG  A N7    
402 C  C5    . DG  A 20 ? 1.49398 0.59552 0.91960 0.11710  0.32056  -0.07942 20  DG  A C5    
403 C  C6    . DG  A 20 ? 1.53164 0.70531 1.06482 0.07482  0.32208  -0.11550 20  DG  A C6    
404 O  O6    . DG  A 20 ? 1.31056 0.59897 0.93592 0.07532  0.28437  -0.13873 20  DG  A O6    
405 N  N1    . DG  A 20 ? 1.32059 0.44238 0.85697 0.02679  0.36480  -0.11773 20  DG  A N1    
406 C  C2    . DG  A 20 ? 1.65868 0.65349 1.10241 0.01899  0.41194  -0.09178 20  DG  A C2    
407 N  N2    . DG  A 20 ? 1.60839 0.58392 1.08325 -0.03209 0.44518  -0.09940 20  DG  A N2    
408 N  N3    . DG  A 20 ? 1.66334 0.55908 0.99033 0.06144  0.42239  -0.05871 20  DG  A N3    
409 C  C4    . DG  A 20 ? 1.61195 0.58271 0.94015 0.10928  0.36974  -0.05380 20  DG  A C4    
410 P  P     . DG  A 21 ? 2.69379 1.09454 1.44610 0.27982  0.44631  0.13668  21  DG  A P     
411 O  OP1   . DG  A 21 ? 2.74740 1.03301 1.38488 0.27809  0.49454  0.17027  21  DG  A OP1   
412 O  OP2   . DG  A 21 ? 2.61060 1.07194 1.37999 0.34735  0.37540  0.13702  21  DG  A OP2   
413 O  "O5'" . DG  A 21 ? 2.54942 0.98690 1.41426 0.22530  0.46296  0.10467  21  DG  A "O5'" 
414 C  "C5'" . DG  A 21 ? 2.48406 0.91082 1.38875 0.15082  0.51826  0.08933  21  DG  A "C5'" 
415 C  "C4'" . DG  A 21 ? 2.43834 0.90134 1.43770 0.11734  0.51469  0.06113  21  DG  A "C4'" 
416 O  "O4'" . DG  A 21 ? 2.20657 0.79515 1.32372 0.09673  0.48386  0.02225  21  DG  A "O4'" 
417 C  "C3'" . DG  A 21 ? 2.40012 0.83387 1.37563 0.16989  0.48084  0.07245  21  DG  A "C3'" 
418 O  "O3'" . DG  A 21 ? 2.46424 0.83977 1.44700 0.13884  0.50815  0.06809  21  DG  A "O3'" 
419 C  "C2'" . DG  A 21 ? 2.14463 0.69861 1.21907 0.18788  0.42764  0.04381  21  DG  A "C2'" 
420 C  "C1'" . DG  A 21 ? 2.11691 0.74940 1.28746 0.12072  0.44396  0.00840  21  DG  A "C1'" 
421 N  N9    . DG  A 21 ? 1.76322 0.52175 1.02331 0.12959  0.40032  -0.01851 21  DG  A N9    
422 C  C8    . DG  A 21 ? 1.90822 0.71281 1.15847 0.18234  0.35927  -0.01114 21  DG  A C8    
423 N  N7    . DG  A 21 ? 1.68719 0.61237 1.03688 0.17470  0.32752  -0.04097 21  DG  A N7    
424 C  C5    . DG  A 21 ? 1.67674 0.63634 1.10044 0.11580  0.34678  -0.06829 21  DG  A C5    
425 C  C6    . DG  A 21 ? 1.63031 0.70851 1.16580 0.08619  0.32552  -0.10312 21  DG  A C6    
426 O  O6    . DG  A 21 ? 1.35017 0.52618 0.94438 0.10334  0.28962  -0.11654 21  DG  A O6    
427 N  N1    . DG  A 21 ? 1.52395 0.60397 1.10265 0.03268  0.34763  -0.12205 21  DG  A N1    
428 C  C2    . DG  A 21 ? 1.59756 0.57928 1.12557 0.00754  0.38766  -0.11077 21  DG  A C2    
429 N  N2    . DG  A 21 ? 1.53008 0.53855 1.11829 -0.04134 0.39791  -0.13486 21  DG  A N2    
430 N  N3    . DG  A 21 ? 1.64656 0.51232 1.07025 0.03181  0.41304  -0.07705 21  DG  A N3    
431 C  C4    . DG  A 21 ? 1.69731 0.55809 1.07044 0.08724  0.38977  -0.05638 21  DG  A C4    
432 P  P     . DA  A 22 ? 2.81803 1.05502 1.68691 0.15354  0.54368  0.10481  22  DA  A P     
433 O  OP1   . DA  A 22 ? 2.76444 0.96223 1.65190 0.15377  0.53846  0.09637  22  DA  A OP1   
434 O  OP2   . DA  A 22 ? 2.58176 0.77988 1.42068 0.10650  0.59848  0.11444  22  DA  A OP2   
435 O  "O5'" . DA  A 22 ? 2.87205 1.08185 1.64427 0.23447  0.51051  0.13861  22  DA  A "O5'" 
436 C  C1    . MMP B .  ? 1.33595 0.53810 0.95641 0.18849  0.23716  -0.10768 101 MMP A C1    
437 N  N1    . MMP B .  ? 1.55983 0.65301 1.09272 0.21960  0.25084  -0.08000 101 MMP A N1    
438 C  C11   . MMP B .  ? 1.55856 0.63026 1.04414 0.27918  0.23060  -0.05262 101 MMP A C11   
439 C  C12   . MMP B .  ? 1.91831 0.87631 1.31918 0.29386  0.25192  -0.03040 101 MMP A C12   
440 C  C13   . MMP B .  ? 1.88083 0.78724 1.27992 0.23824  0.28821  -0.04503 101 MMP A C13   
441 C  C14   . MMP B .  ? 1.67863 0.67158 1.16046 0.19313  0.28581  -0.07549 101 MMP A C14   
442 C  C15   . MMP B .  ? 1.77083 0.75677 1.28716 0.12671  0.31331  -0.09974 101 MMP A C15   
443 C  C16   . MMP B .  ? 2.28495 1.19111 1.61361 0.35860  0.23552  0.00309  101 MMP A C16   
444 C  C17   . MMP B .  ? 2.11298 0.89411 1.43726 0.22894  0.32194  -0.03039 101 MMP A C17   
445 N  N2    . MMP B .  ? 1.47934 0.67699 1.15664 0.14272  0.24775  -0.14590 101 MMP A N2    
446 C  C21   . MMP B .  ? 1.56397 0.64656 1.17219 0.11592  0.28608  -0.13318 101 MMP A C21   
447 C  C22   . MMP B .  ? 1.48524 0.55857 1.12339 0.07647  0.29410  -0.15798 101 MMP A C22   
448 C  C23   . MMP B .  ? 1.52270 0.68167 1.22769 0.07677  0.26535  -0.18455 101 MMP A C23   
449 C  C24   . MMP B .  ? 1.37128 0.62049 1.11588 0.11023  0.23624  -0.18466 101 MMP A C24   
450 C  C25   . MMP B .  ? 1.34074 0.69013 1.15002 0.12339  0.20484  -0.20592 101 MMP A C25   
451 C  C26   . MMP B .  ? 1.60608 0.57595 1.19713 0.04016  0.33230  -0.15200 101 MMP A C26   
452 C  C27   . MMP B .  ? 1.58223 0.73961 1.31541 0.04512  0.26268  -0.21271 101 MMP A C27   
453 N  N3    . MMP B .  ? 1.29711 0.71583 1.11634 0.19040  0.18224  -0.16993 101 MMP A N3    
454 C  C31   . MMP B .  ? 1.19546 0.62428 1.03745 0.15949  0.18353  -0.19475 101 MMP A C31   
455 C  C32   . MMP B .  ? 1.32937 0.86076 1.23336 0.16478  0.15858  -0.20961 101 MMP A C32   
456 C  C33   . MMP B .  ? 1.05907 0.64930 0.99286 0.19426  0.14423  -0.19548 101 MMP A C33   
457 C  C34   . MMP B .  ? 1.11822 0.64394 1.00271 0.21165  0.15558  -0.17163 101 MMP A C34   
458 C  C35   . MMP B .  ? 1.09816 0.67145 1.00020 0.24858  0.13649  -0.14984 101 MMP A C35   
459 C  C36   . MMP B .  ? 1.41215 0.97717 1.33638 0.14423  0.14860  -0.23260 101 MMP A C36   
460 C  C37   . MMP B .  ? 1.26960 0.97315 1.26953 0.20878  0.11822  -0.20056 101 MMP A C37   
461 N  N4    . MMP B .  ? 1.12617 0.49599 0.86337 0.25817  0.17249  -0.11505 101 MMP A N4    
462 C  C41   . MMP B .  ? 1.16869 0.65802 0.99074 0.27586  0.14183  -0.12187 101 MMP A C41   
463 C  C42   . MMP B .  ? 1.34101 0.84708 1.14760 0.32589  0.11530  -0.09361 101 MMP A C42   
464 C  C43   . MMP B .  ? 1.34775 0.75760 1.06086 0.34861  0.12198  -0.07018 101 MMP A C43   
465 C  C44   . MMP B .  ? 1.21441 0.51733 0.86010 0.31727  0.16036  -0.07271 101 MMP A C44   
466 C  C45   . MMP B .  ? 1.36442 0.53808 0.90119 0.31859  0.18780  -0.05079 101 MMP A C45   
467 C  C46   . MMP B .  ? 1.46202 0.87740 1.14253 0.40112  0.08899  -0.04167 101 MMP A C46   
468 C  C47   . MMP B .  ? 1.26413 0.89765 1.16219 0.34584  0.07989  -0.09007 101 MMP A C47   
469 K  K     . K   C .  ? 1.18332 0.56641 0.93660 0.07790  0.24332  -0.16010 102 K   A K     
470 K  K     . K   D .  ? 1.11640 0.60240 0.92894 -0.01007 0.27141  -0.19097 103 K   A K     
471 K  K     . K   E .  ? 1.01008 0.60202 0.87640 -0.07545 0.29827  -0.21913 104 K   A K     
472 CO CO    . 3CO F .  ? 1.53123 1.43759 1.61086 0.40648  -0.27687 -0.06046 105 3CO A CO    
473 O  O     . HOH G .  ? 1.28501 1.59508 1.49701 0.43940  -0.60478 -0.04808 201 HOH A O     
474 O  O     . HOH G .  ? 2.62052 0.76246 1.42700 -0.32458 0.27473  0.09101  202 HOH A O     
475 O  O     . HOH G .  ? 0.84325 1.02656 1.15365 0.07051  -0.15143 -0.17200 203 HOH A O     
476 O  O     . HOH G .  ? 0.94009 1.12958 1.30113 0.06492  -0.17522 -0.16744 204 HOH A O     
# 
loop_
_pdbx_poly_seq_scheme.asym_id 
_pdbx_poly_seq_scheme.entity_id 
_pdbx_poly_seq_scheme.seq_id 
_pdbx_poly_seq_scheme.mon_id 
_pdbx_poly_seq_scheme.ndb_seq_num 
_pdbx_poly_seq_scheme.pdb_seq_num 
_pdbx_poly_seq_scheme.auth_seq_num 
_pdbx_poly_seq_scheme.pdb_mon_id 
_pdbx_poly_seq_scheme.auth_mon_id 
_pdbx_poly_seq_scheme.pdb_strand_id 
_pdbx_poly_seq_scheme.pdb_ins_code 
_pdbx_poly_seq_scheme.hetero 
A 1 1  DG 1  1  0  DG DG A . n 
A 1 2  DA 2  2  1  DA DA A . n 
A 1 3  DG 3  3  2  DG DG A . n 
A 1 4  DG 4  4  3  DG DG A . n 
A 1 5  DG 5  5  4  DG DG A . n 
A 1 6  DA 6  6  5  DA DA A . n 
A 1 7  DG 7  7  6  DG DG A . n 
A 1 8  DG 8  8  7  DG DG A . n 
A 1 9  DG 9  9  8  DG DG A . n 
A 1 10 DA 10 10 9  DA DA A . n 
A 1 11 DG 11 11 10 DG DG A . n 
A 1 12 DG 12 12 11 DG DG A . n 
A 1 13 DG 13 13 12 DG DG A . n 
A 1 14 DA 14 14 13 DA DA A . n 
A 1 15 DA 15 15 14 DA DA A . n 
A 1 16 DA 16 16 15 DA DA A . n 
A 1 17 DA 17 17 16 DA DA A . n 
A 1 18 DG 18 18 17 DG DG A . n 
A 1 19 DG 19 19 18 DG DG A . n 
A 1 20 DG 20 20 19 DG DG A . n 
A 1 21 DG 21 21 20 DG DG A . n 
A 1 22 DA 22 22 21 DA DA A . n 
# 
_pdbx_contact_author.id                 3 
_pdbx_contact_author.email              lyatsun1@swarthmore.edu 
_pdbx_contact_author.name_first         Liliya 
_pdbx_contact_author.name_last          Yatsunyk 
_pdbx_contact_author.name_mi            A 
_pdbx_contact_author.role               'principal investigator/group leader' 
_pdbx_contact_author.identifier_ORCID   0000-0003-3946-0939 
# 
loop_
_pdbx_nonpoly_scheme.asym_id 
_pdbx_nonpoly_scheme.entity_id 
_pdbx_nonpoly_scheme.mon_id 
_pdbx_nonpoly_scheme.ndb_seq_num 
_pdbx_nonpoly_scheme.pdb_seq_num 
_pdbx_nonpoly_scheme.auth_seq_num 
_pdbx_nonpoly_scheme.pdb_mon_id 
_pdbx_nonpoly_scheme.auth_mon_id 
_pdbx_nonpoly_scheme.pdb_strand_id 
_pdbx_nonpoly_scheme.pdb_ins_code 
B 2 MMP 1 101 101 MMP MMP A . 
C 3 K   1 102 101 K   K   A . 
D 3 K   1 103 102 K   K   A . 
E 3 K   1 104 103 K   K   A . 
F 4 3CO 1 105 1   3CO 3CO A . 
G 5 HOH 1 201 2   HOH HOH A . 
G 5 HOH 2 202 1   HOH HOH A . 
G 5 HOH 3 203 4   HOH HOH A . 
G 5 HOH 4 204 3   HOH HOH A . 
# 
_pdbx_struct_assembly.id                   1 
_pdbx_struct_assembly.details              author_defined_assembly 
_pdbx_struct_assembly.method_details       ? 
_pdbx_struct_assembly.oligomeric_details   monomeric 
_pdbx_struct_assembly.oligomeric_count     1 
# 
_pdbx_struct_assembly_gen.assembly_id       1 
_pdbx_struct_assembly_gen.oper_expression   1 
_pdbx_struct_assembly_gen.asym_id_list      A,B,C,D,E,F,G 
# 
_pdbx_struct_oper_list.id                   1 
_pdbx_struct_oper_list.type                 'identity operation' 
_pdbx_struct_oper_list.name                 1_555 
_pdbx_struct_oper_list.symmetry_operation   x,y,z 
_pdbx_struct_oper_list.matrix[1][1]         1.0000000000 
_pdbx_struct_oper_list.matrix[1][2]         0.0000000000 
_pdbx_struct_oper_list.matrix[1][3]         0.0000000000 
_pdbx_struct_oper_list.vector[1]            0.0000000000 
_pdbx_struct_oper_list.matrix[2][1]         0.0000000000 
_pdbx_struct_oper_list.matrix[2][2]         1.0000000000 
_pdbx_struct_oper_list.matrix[2][3]         0.0000000000 
_pdbx_struct_oper_list.vector[2]            0.0000000000 
_pdbx_struct_oper_list.matrix[3][1]         0.0000000000 
_pdbx_struct_oper_list.matrix[3][2]         0.0000000000 
_pdbx_struct_oper_list.matrix[3][3]         1.0000000000 
_pdbx_struct_oper_list.vector[3]            0.0000000000 
# 
loop_
_pdbx_struct_special_symmetry.id 
_pdbx_struct_special_symmetry.PDB_model_num 
_pdbx_struct_special_symmetry.auth_asym_id 
_pdbx_struct_special_symmetry.auth_comp_id 
_pdbx_struct_special_symmetry.auth_seq_id 
_pdbx_struct_special_symmetry.PDB_ins_code 
_pdbx_struct_special_symmetry.label_asym_id 
_pdbx_struct_special_symmetry.label_comp_id 
_pdbx_struct_special_symmetry.label_seq_id 
1 1 A 3CO 105 ? F 3CO . 
2 1 A HOH 202 ? G HOH . 
# 
loop_
_pdbx_struct_conn_angle.id 
_pdbx_struct_conn_angle.ptnr1_label_atom_id 
_pdbx_struct_conn_angle.ptnr1_label_alt_id 
_pdbx_struct_conn_angle.ptnr1_label_asym_id 
_pdbx_struct_conn_angle.ptnr1_label_comp_id 
_pdbx_struct_conn_angle.ptnr1_label_seq_id 
_pdbx_struct_conn_angle.ptnr1_auth_atom_id 
_pdbx_struct_conn_angle.ptnr1_auth_asym_id 
_pdbx_struct_conn_angle.ptnr1_auth_comp_id 
_pdbx_struct_conn_angle.ptnr1_auth_seq_id 
_pdbx_struct_conn_angle.ptnr1_PDB_ins_code 
_pdbx_struct_conn_angle.ptnr1_symmetry 
_pdbx_struct_conn_angle.ptnr2_label_atom_id 
_pdbx_struct_conn_angle.ptnr2_label_alt_id 
_pdbx_struct_conn_angle.ptnr2_label_asym_id 
_pdbx_struct_conn_angle.ptnr2_label_comp_id 
_pdbx_struct_conn_angle.ptnr2_label_seq_id 
_pdbx_struct_conn_angle.ptnr2_auth_atom_id 
_pdbx_struct_conn_angle.ptnr2_auth_asym_id 
_pdbx_struct_conn_angle.ptnr2_auth_comp_id 
_pdbx_struct_conn_angle.ptnr2_auth_seq_id 
_pdbx_struct_conn_angle.ptnr2_PDB_ins_code 
_pdbx_struct_conn_angle.ptnr2_symmetry 
_pdbx_struct_conn_angle.ptnr3_label_atom_id 
_pdbx_struct_conn_angle.ptnr3_label_alt_id 
_pdbx_struct_conn_angle.ptnr3_label_asym_id 
_pdbx_struct_conn_angle.ptnr3_label_comp_id 
_pdbx_struct_conn_angle.ptnr3_label_seq_id 
_pdbx_struct_conn_angle.ptnr3_auth_atom_id 
_pdbx_struct_conn_angle.ptnr3_auth_asym_id 
_pdbx_struct_conn_angle.ptnr3_auth_comp_id 
_pdbx_struct_conn_angle.ptnr3_auth_seq_id 
_pdbx_struct_conn_angle.ptnr3_PDB_ins_code 
_pdbx_struct_conn_angle.ptnr3_symmetry 
_pdbx_struct_conn_angle.value 
_pdbx_struct_conn_angle.value_esd 
1  O6 ? A DG 1  ? A DG 1  ? 1_555 K ? E K . ? A K 104 ? 1_555 O6 ? A DG 1  ? A DG 1  ? 1_555 0.0   ? 
2  O6 ? A DG 1  ? A DG 1  ? 1_555 K ? E K . ? A K 104 ? 1_555 O6 ? A DG 3  ? A DG 3  ? 1_555 78.1  ? 
3  O6 ? A DG 1  ? A DG 1  ? 1_555 K ? E K . ? A K 104 ? 1_555 O6 ? A DG 3  ? A DG 3  ? 1_555 78.1  ? 
4  O6 ? A DG 1  ? A DG 1  ? 1_555 K ? E K . ? A K 104 ? 1_555 O6 ? A DG 7  ? A DG 7  ? 1_555 131.0 ? 
5  O6 ? A DG 1  ? A DG 1  ? 1_555 K ? E K . ? A K 104 ? 1_555 O6 ? A DG 7  ? A DG 7  ? 1_555 131.0 ? 
6  O6 ? A DG 3  ? A DG 3  ? 1_555 K ? E K . ? A K 104 ? 1_555 O6 ? A DG 7  ? A DG 7  ? 1_555 78.1  ? 
7  O6 ? A DG 1  ? A DG 1  ? 1_555 K ? E K . ? A K 104 ? 1_555 O6 ? A DG 11 ? A DG 11 ? 1_555 164.8 ? 
8  O6 ? A DG 1  ? A DG 1  ? 1_555 K ? E K . ? A K 104 ? 1_555 O6 ? A DG 11 ? A DG 11 ? 1_555 164.8 ? 
9  O6 ? A DG 3  ? A DG 3  ? 1_555 K ? E K . ? A K 104 ? 1_555 O6 ? A DG 11 ? A DG 11 ? 1_555 111.4 ? 
10 O6 ? A DG 7  ? A DG 7  ? 1_555 K ? E K . ? A K 104 ? 1_555 O6 ? A DG 11 ? A DG 11 ? 1_555 63.9  ? 
11 O6 ? A DG 1  ? A DG 1  ? 1_555 K ? E K . ? A K 104 ? 1_555 O6 ? A DG 18 ? A DG 18 ? 1_555 55.1  ? 
12 O6 ? A DG 1  ? A DG 1  ? 1_555 K ? E K . ? A K 104 ? 1_555 O6 ? A DG 18 ? A DG 18 ? 1_555 55.1  ? 
13 O6 ? A DG 3  ? A DG 3  ? 1_555 K ? E K . ? A K 104 ? 1_555 O6 ? A DG 18 ? A DG 18 ? 1_555 106.1 ? 
14 O6 ? A DG 7  ? A DG 7  ? 1_555 K ? E K . ? A K 104 ? 1_555 O6 ? A DG 18 ? A DG 18 ? 1_555 173.6 ? 
15 O6 ? A DG 11 ? A DG 11 ? 1_555 K ? E K . ? A K 104 ? 1_555 O6 ? A DG 18 ? A DG 18 ? 1_555 109.9 ? 
16 O6 ? A DG 1  ? A DG 1  ? 1_555 K ? E K . ? A K 104 ? 1_555 O6 ? A DG 18 ? A DG 18 ? 1_555 55.1  ? 
17 O6 ? A DG 1  ? A DG 1  ? 1_555 K ? E K . ? A K 104 ? 1_555 O6 ? A DG 18 ? A DG 18 ? 1_555 55.1  ? 
18 O6 ? A DG 3  ? A DG 3  ? 1_555 K ? E K . ? A K 104 ? 1_555 O6 ? A DG 18 ? A DG 18 ? 1_555 106.1 ? 
19 O6 ? A DG 7  ? A DG 7  ? 1_555 K ? E K . ? A K 104 ? 1_555 O6 ? A DG 18 ? A DG 18 ? 1_555 173.6 ? 
20 O6 ? A DG 11 ? A DG 11 ? 1_555 K ? E K . ? A K 104 ? 1_555 O6 ? A DG 18 ? A DG 18 ? 1_555 109.9 ? 
21 O6 ? A DG 18 ? A DG 18 ? 1_555 K ? E K . ? A K 104 ? 1_555 O6 ? A DG 18 ? A DG 18 ? 1_555 0.0   ? 
22 O6 ? A DG 1  ? A DG 1  ? 1_555 K ? E K . ? A K 104 ? 1_555 O6 ? A DG 19 ? A DG 19 ? 1_555 107.2 ? 
23 O6 ? A DG 1  ? A DG 1  ? 1_555 K ? E K . ? A K 104 ? 1_555 O6 ? A DG 19 ? A DG 19 ? 1_555 107.2 ? 
24 O6 ? A DG 3  ? A DG 3  ? 1_555 K ? E K . ? A K 104 ? 1_555 O6 ? A DG 19 ? A DG 19 ? 1_555 73.5  ? 
25 O6 ? A DG 7  ? A DG 7  ? 1_555 K ? E K . ? A K 104 ? 1_555 O6 ? A DG 19 ? A DG 19 ? 1_555 106.0 ? 
26 O6 ? A DG 11 ? A DG 11 ? 1_555 K ? E K . ? A K 104 ? 1_555 O6 ? A DG 19 ? A DG 19 ? 1_555 66.2  ? 
27 O6 ? A DG 18 ? A DG 18 ? 1_555 K ? E K . ? A K 104 ? 1_555 O6 ? A DG 19 ? A DG 19 ? 1_555 71.2  ? 
28 O6 ? A DG 18 ? A DG 18 ? 1_555 K ? E K . ? A K 104 ? 1_555 O6 ? A DG 19 ? A DG 19 ? 1_555 71.2  ? 
29 O6 ? A DG 3  ? A DG 3  ? 1_555 K ? D K . ? A K 103 ? 1_555 O6 ? A DG 4  ? A DG 4  ? 1_555 84.1  ? 
30 O6 ? A DG 3  ? A DG 3  ? 1_555 K ? D K . ? A K 103 ? 1_555 O6 ? A DG 7  ? A DG 7  ? 1_555 71.6  ? 
31 O6 ? A DG 4  ? A DG 4  ? 1_555 K ? D K . ? A K 103 ? 1_555 O6 ? A DG 7  ? A DG 7  ? 1_555 96.4  ? 
32 O6 ? A DG 3  ? A DG 3  ? 1_555 K ? D K . ? A K 103 ? 1_555 O6 ? A DG 8  ? A DG 8  ? 1_555 139.7 ? 
33 O6 ? A DG 4  ? A DG 4  ? 1_555 K ? D K . ? A K 103 ? 1_555 O6 ? A DG 8  ? A DG 8  ? 1_555 67.9  ? 
34 O6 ? A DG 7  ? A DG 7  ? 1_555 K ? D K . ? A K 103 ? 1_555 O6 ? A DG 8  ? A DG 8  ? 1_555 82.9  ? 
35 O6 ? A DG 3  ? A DG 3  ? 1_555 K ? D K . ? A K 103 ? 1_555 O6 ? A DG 11 ? A DG 11 ? 1_555 105.0 ? 
36 O6 ? A DG 4  ? A DG 4  ? 1_555 K ? D K . ? A K 103 ? 1_555 O6 ? A DG 11 ? A DG 11 ? 1_555 154.7 ? 
37 O6 ? A DG 7  ? A DG 7  ? 1_555 K ? D K . ? A K 103 ? 1_555 O6 ? A DG 11 ? A DG 11 ? 1_555 65.4  ? 
38 O6 ? A DG 8  ? A DG 8  ? 1_555 K ? D K . ? A K 103 ? 1_555 O6 ? A DG 11 ? A DG 11 ? 1_555 91.5  ? 
39 O6 ? A DG 3  ? A DG 3  ? 1_555 K ? D K . ? A K 103 ? 1_555 O6 ? A DG 12 ? A DG 12 ? 1_555 152.1 ? 
40 O6 ? A DG 4  ? A DG 4  ? 1_555 K ? D K . ? A K 103 ? 1_555 O6 ? A DG 12 ? A DG 12 ? 1_555 107.3 ? 
41 O6 ? A DG 7  ? A DG 7  ? 1_555 K ? D K . ? A K 103 ? 1_555 O6 ? A DG 12 ? A DG 12 ? 1_555 129.9 ? 
42 O6 ? A DG 8  ? A DG 8  ? 1_555 K ? D K . ? A K 103 ? 1_555 O6 ? A DG 12 ? A DG 12 ? 1_555 67.2  ? 
43 O6 ? A DG 11 ? A DG 11 ? 1_555 K ? D K . ? A K 103 ? 1_555 O6 ? A DG 12 ? A DG 12 ? 1_555 75.7  ? 
44 O6 ? A DG 3  ? A DG 3  ? 1_555 K ? D K . ? A K 103 ? 1_555 O6 ? A DG 19 ? A DG 19 ? 1_555 68.1  ? 
45 O6 ? A DG 4  ? A DG 4  ? 1_555 K ? D K . ? A K 103 ? 1_555 O6 ? A DG 19 ? A DG 19 ? 1_555 136.6 ? 
46 O6 ? A DG 7  ? A DG 7  ? 1_555 K ? D K . ? A K 103 ? 1_555 O6 ? A DG 19 ? A DG 19 ? 1_555 105.0 ? 
47 O6 ? A DG 8  ? A DG 8  ? 1_555 K ? D K . ? A K 103 ? 1_555 O6 ? A DG 19 ? A DG 19 ? 1_555 150.9 ? 
48 O6 ? A DG 11 ? A DG 11 ? 1_555 K ? D K . ? A K 103 ? 1_555 O6 ? A DG 19 ? A DG 19 ? 1_555 67.9  ? 
49 O6 ? A DG 12 ? A DG 12 ? 1_555 K ? D K . ? A K 103 ? 1_555 O6 ? A DG 19 ? A DG 19 ? 1_555 87.3  ? 
50 O6 ? A DG 3  ? A DG 3  ? 1_555 K ? D K . ? A K 103 ? 1_555 O6 ? A DG 20 ? A DG 20 ? 1_555 92.4  ? 
51 O6 ? A DG 4  ? A DG 4  ? 1_555 K ? D K . ? A K 103 ? 1_555 O6 ? A DG 20 ? A DG 20 ? 1_555 70.6  ? 
52 O6 ? A DG 7  ? A DG 7  ? 1_555 K ? D K . ? A K 103 ? 1_555 O6 ? A DG 20 ? A DG 20 ? 1_555 160.7 ? 
53 O6 ? A DG 8  ? A DG 8  ? 1_555 K ? D K . ? A K 103 ? 1_555 O6 ? A DG 20 ? A DG 20 ? 1_555 104.1 ? 
54 O6 ? A DG 11 ? A DG 11 ? 1_555 K ? D K . ? A K 103 ? 1_555 O6 ? A DG 20 ? A DG 20 ? 1_555 131.2 ? 
55 O6 ? A DG 12 ? A DG 12 ? 1_555 K ? D K . ? A K 103 ? 1_555 O6 ? A DG 20 ? A DG 20 ? 1_555 68.9  ? 
56 O6 ? A DG 19 ? A DG 19 ? 1_555 K ? D K . ? A K 103 ? 1_555 O6 ? A DG 20 ? A DG 20 ? 1_555 77.7  ? 
57 O6 ? A DG 4  ? A DG 4  ? 1_555 K ? C K . ? A K 102 ? 1_555 O6 ? A DG 5  ? A DG 5  ? 1_555 69.9  ? 
58 O6 ? A DG 4  ? A DG 4  ? 1_555 K ? C K . ? A K 102 ? 1_555 O6 ? A DG 8  ? A DG 8  ? 1_555 65.5  ? 
59 O6 ? A DG 5  ? A DG 5  ? 1_555 K ? C K . ? A K 102 ? 1_555 O6 ? A DG 8  ? A DG 8  ? 1_555 93.1  ? 
60 O6 ? A DG 4  ? A DG 4  ? 1_555 K ? C K . ? A K 102 ? 1_555 O6 ? A DG 9  ? A DG 9  ? 1_555 124.6 ? 
61 O6 ? A DG 5  ? A DG 5  ? 1_555 K ? C K . ? A K 102 ? 1_555 O6 ? A DG 9  ? A DG 9  ? 1_555 74.9  ? 
62 O6 ? A DG 8  ? A DG 8  ? 1_555 K ? C K . ? A K 102 ? 1_555 O6 ? A DG 9  ? A DG 9  ? 1_555 75.5  ? 
63 O6 ? A DG 4  ? A DG 4  ? 1_555 K ? C K . ? A K 102 ? 1_555 O6 ? A DG 12 ? A DG 12 ? 1_555 106.8 ? 
64 O6 ? A DG 5  ? A DG 5  ? 1_555 K ? C K . ? A K 102 ? 1_555 O6 ? A DG 12 ? A DG 12 ? 1_555 160.4 ? 
65 O6 ? A DG 8  ? A DG 8  ? 1_555 K ? C K . ? A K 102 ? 1_555 O6 ? A DG 12 ? A DG 12 ? 1_555 68.6  ? 
66 O6 ? A DG 9  ? A DG 9  ? 1_555 K ? C K . ? A K 102 ? 1_555 O6 ? A DG 12 ? A DG 12 ? 1_555 92.9  ? 
67 O6 ? A DG 4  ? A DG 4  ? 1_555 K ? C K . ? A K 102 ? 1_555 O6 ? A DG 13 ? A DG 13 ? 1_555 163.0 ? 
68 O6 ? A DG 5  ? A DG 5  ? 1_555 K ? C K . ? A K 102 ? 1_555 O6 ? A DG 13 ? A DG 13 ? 1_555 119.6 ? 
69 O6 ? A DG 8  ? A DG 8  ? 1_555 K ? C K . ? A K 102 ? 1_555 O6 ? A DG 13 ? A DG 13 ? 1_555 124.5 ? 
70 O6 ? A DG 9  ? A DG 9  ? 1_555 K ? C K . ? A K 102 ? 1_555 O6 ? A DG 13 ? A DG 13 ? 1_555 72.4  ? 
71 O6 ? A DG 12 ? A DG 12 ? 1_555 K ? C K . ? A K 102 ? 1_555 O6 ? A DG 13 ? A DG 13 ? 1_555 69.1  ? 
72 O6 ? A DG 4  ? A DG 4  ? 1_555 K ? C K . ? A K 102 ? 1_555 O6 ? A DG 20 ? A DG 20 ? 1_555 65.6  ? 
73 O6 ? A DG 5  ? A DG 5  ? 1_555 K ? C K . ? A K 102 ? 1_555 O6 ? A DG 20 ? A DG 20 ? 1_555 124.0 ? 
74 O6 ? A DG 8  ? A DG 8  ? 1_555 K ? C K . ? A K 102 ? 1_555 O6 ? A DG 20 ? A DG 20 ? 1_555 97.7  ? 
75 O6 ? A DG 9  ? A DG 9  ? 1_555 K ? C K . ? A K 102 ? 1_555 O6 ? A DG 20 ? A DG 20 ? 1_555 160.7 ? 
76 O6 ? A DG 12 ? A DG 12 ? 1_555 K ? C K . ? A K 102 ? 1_555 O6 ? A DG 20 ? A DG 20 ? 1_555 67.9  ? 
77 O6 ? A DG 13 ? A DG 13 ? 1_555 K ? C K . ? A K 102 ? 1_555 O6 ? A DG 20 ? A DG 20 ? 1_555 98.2  ? 
78 O6 ? A DG 4  ? A DG 4  ? 1_555 K ? C K . ? A K 102 ? 1_555 O6 ? A DG 21 ? A DG 21 ? 1_555 80.3  ? 
79 O6 ? A DG 5  ? A DG 5  ? 1_555 K ? C K . ? A K 102 ? 1_555 O6 ? A DG 21 ? A DG 21 ? 1_555 65.1  ? 
80 O6 ? A DG 8  ? A DG 8  ? 1_555 K ? C K . ? A K 102 ? 1_555 O6 ? A DG 21 ? A DG 21 ? 1_555 144.5 ? 
81 O6 ? A DG 9  ? A DG 9  ? 1_555 K ? C K . ? A K 102 ? 1_555 O6 ? A DG 21 ? A DG 21 ? 1_555 120.6 ? 
82 O6 ? A DG 12 ? A DG 12 ? 1_555 K ? C K . ? A K 102 ? 1_555 O6 ? A DG 21 ? A DG 21 ? 1_555 134.3 ? 
83 O6 ? A DG 13 ? A DG 13 ? 1_555 K ? C K . ? A K 102 ? 1_555 O6 ? A DG 21 ? A DG 21 ? 1_555 91.0  ? 
84 O6 ? A DG 20 ? A DG 20 ? 1_555 K ? C K . ? A K 102 ? 1_555 O6 ? A DG 21 ? A DG 21 ? 1_555 75.3  ? 
# 
loop_
_pdbx_audit_revision_history.ordinal 
_pdbx_audit_revision_history.data_content_type 
_pdbx_audit_revision_history.major_revision 
_pdbx_audit_revision_history.minor_revision 
_pdbx_audit_revision_history.revision_date 
1 'Structure model' 1 0 2022-12-28 
2 'Structure model' 1 1 2023-10-25 
# 
_pdbx_audit_revision_details.ordinal             1 
_pdbx_audit_revision_details.revision_ordinal    1 
_pdbx_audit_revision_details.data_content_type   'Structure model' 
_pdbx_audit_revision_details.provider            repository 
_pdbx_audit_revision_details.type                'Initial release' 
_pdbx_audit_revision_details.description         ? 
_pdbx_audit_revision_details.details             ? 
# 
loop_
_pdbx_audit_revision_group.ordinal 
_pdbx_audit_revision_group.revision_ordinal 
_pdbx_audit_revision_group.data_content_type 
_pdbx_audit_revision_group.group 
1 2 'Structure model' 'Data collection'        
2 2 'Structure model' 'Refinement description' 
# 
loop_
_pdbx_audit_revision_category.ordinal 
_pdbx_audit_revision_category.revision_ordinal 
_pdbx_audit_revision_category.data_content_type 
_pdbx_audit_revision_category.category 
1 2 'Structure model' chem_comp_atom                
2 2 'Structure model' chem_comp_bond                
3 2 'Structure model' pdbx_initial_refinement_model 
# 
loop_
_space_group_symop.id 
_space_group_symop.operation_xyz 
1  x,y,z           
2  x,-y,-z         
3  -x,y,-z         
4  -x,-y,z         
5  x,y+1/2,z+1/2   
6  x,-y+1/2,-z+1/2 
7  -x,y+1/2,-z+1/2 
8  -x,-y+1/2,z+1/2 
9  x+1/2,y,z+1/2   
10 x+1/2,-y,-z+1/2 
11 -x+1/2,y,-z+1/2 
12 -x+1/2,-y,z+1/2 
13 x+1/2,y+1/2,z   
14 x+1/2,-y+1/2,-z 
15 -x+1/2,y+1/2,-z 
16 -x+1/2,-y+1/2,z 
# 
_pdbx_refine_tls.id               1 
_pdbx_refine_tls.pdbx_refine_id   'X-RAY DIFFRACTION' 
_pdbx_refine_tls.details          ? 
_pdbx_refine_tls.method           refined 
_pdbx_refine_tls.origin_x         0.1316538058 
_pdbx_refine_tls.origin_y         0.0715411023 
_pdbx_refine_tls.origin_z         0.071024021 
_pdbx_refine_tls.T[1][1]          0.974797429552 
_pdbx_refine_tls.T[1][1]_esd      ? 
_pdbx_refine_tls.T[1][2]          0.117426777560 
_pdbx_refine_tls.T[1][2]_esd      ? 
_pdbx_refine_tls.T[1][3]          0.209480469419 
_pdbx_refine_tls.T[1][3]_esd      ? 
_pdbx_refine_tls.T[2][2]          0.413148558911 
_pdbx_refine_tls.T[2][2]_esd      ? 
_pdbx_refine_tls.T[2][3]          -0.145721496544 
_pdbx_refine_tls.T[2][3]_esd      ? 
_pdbx_refine_tls.T[3][3]          0.684201164623 
_pdbx_refine_tls.T[3][3]_esd      ? 
_pdbx_refine_tls.L[1][1]          4.22518485603 
_pdbx_refine_tls.L[1][1]_esd      ? 
_pdbx_refine_tls.L[1][2]          -2.13128922980 
_pdbx_refine_tls.L[1][2]_esd      ? 
_pdbx_refine_tls.L[1][3]          0.22227116727 
_pdbx_refine_tls.L[1][3]_esd      ? 
_pdbx_refine_tls.L[2][2]          6.33856503111 
_pdbx_refine_tls.L[2][2]_esd      ? 
_pdbx_refine_tls.L[2][3]          0.162920583288 
_pdbx_refine_tls.L[2][3]_esd      ? 
_pdbx_refine_tls.L[3][3]          4.9427800913 
_pdbx_refine_tls.L[3][3]_esd      ? 
_pdbx_refine_tls.S[1][1]          -0.516792598864 
_pdbx_refine_tls.S[1][1]_esd      ? 
_pdbx_refine_tls.S[1][2]          -0.508840201929 
_pdbx_refine_tls.S[1][2]_esd      ? 
_pdbx_refine_tls.S[1][3]          -0.898935477682 
_pdbx_refine_tls.S[1][3]_esd      ? 
_pdbx_refine_tls.S[2][1]          1.81637809450 
_pdbx_refine_tls.S[2][1]_esd      ? 
_pdbx_refine_tls.S[2][2]          0.081687557270 
_pdbx_refine_tls.S[2][2]_esd      ? 
_pdbx_refine_tls.S[2][3]          0.19446225152 
_pdbx_refine_tls.S[2][3]_esd      ? 
_pdbx_refine_tls.S[3][1]          2.326928938814 
_pdbx_refine_tls.S[3][1]_esd      ? 
_pdbx_refine_tls.S[3][2]          0.297998123879 
_pdbx_refine_tls.S[3][2]_esd      ? 
_pdbx_refine_tls.S[3][3]          0.710414721922 
_pdbx_refine_tls.S[3][3]_esd      ? 
# 
_pdbx_refine_tls_group.id                  1 
_pdbx_refine_tls_group.pdbx_refine_id      'X-RAY DIFFRACTION' 
_pdbx_refine_tls_group.refine_tls_id       1 
_pdbx_refine_tls_group.beg_label_asym_id   A 
_pdbx_refine_tls_group.beg_label_seq_id    ? 
_pdbx_refine_tls_group.beg_auth_asym_id    A 
_pdbx_refine_tls_group.beg_auth_seq_id     0 
_pdbx_refine_tls_group.beg_PDB_ins_code    ? 
_pdbx_refine_tls_group.end_label_asym_id   G 
_pdbx_refine_tls_group.end_label_seq_id    ? 
_pdbx_refine_tls_group.end_auth_asym_id    D 
_pdbx_refine_tls_group.end_auth_seq_id     1 
_pdbx_refine_tls_group.end_PDB_ins_code    ? 
_pdbx_refine_tls_group.selection           ? 
_pdbx_refine_tls_group.selection_details   all 
# 
loop_
_software.citation_id 
_software.classification 
_software.compiler_name 
_software.compiler_version 
_software.contact_author 
_software.contact_author_email 
_software.date 
_software.description 
_software.dependencies 
_software.hardware 
_software.language 
_software.location 
_software.mods 
_software.name 
_software.os 
_software.os_version 
_software.type 
_software.version 
_software.pdbx_ordinal 
? refinement       ? ? ? ? ? ? ? ? ? ? ? PHENIX  ? ? ? 1.18_3845   1 
? 'data scaling'   ? ? ? ? ? ? ? ? ? ? ? Aimless ? ? ? .           2 
? 'model building' ? ? ? ? ? ? ? ? ? ? ? Coot    ? ? ? 0.8.9.2     3 
? phasing          ? ? ? ? ? ? ? ? ? ? ? PHENIX  ? ? ? 1.19.2_4158 4 
? 'data reduction' ? ? ? ? ? ? ? ? ? ? ? XDS     ? ? ? .           5 
# 
_pdbx_entry_details.entry_id                 8EBO 
_pdbx_entry_details.has_ligand_of_interest   N 
_pdbx_entry_details.compound_details         ? 
_pdbx_entry_details.source_details           ? 
_pdbx_entry_details.nonpolymer_details       ? 
_pdbx_entry_details.sequence_details         ? 
# 
loop_
_pdbx_validate_rmsd_bond.id 
_pdbx_validate_rmsd_bond.PDB_model_num 
_pdbx_validate_rmsd_bond.auth_atom_id_1 
_pdbx_validate_rmsd_bond.auth_asym_id_1 
_pdbx_validate_rmsd_bond.auth_comp_id_1 
_pdbx_validate_rmsd_bond.auth_seq_id_1 
_pdbx_validate_rmsd_bond.PDB_ins_code_1 
_pdbx_validate_rmsd_bond.label_alt_id_1 
_pdbx_validate_rmsd_bond.auth_atom_id_2 
_pdbx_validate_rmsd_bond.auth_asym_id_2 
_pdbx_validate_rmsd_bond.auth_comp_id_2 
_pdbx_validate_rmsd_bond.auth_seq_id_2 
_pdbx_validate_rmsd_bond.PDB_ins_code_2 
_pdbx_validate_rmsd_bond.label_alt_id_2 
_pdbx_validate_rmsd_bond.bond_value 
_pdbx_validate_rmsd_bond.bond_target_value 
_pdbx_validate_rmsd_bond.bond_deviation 
_pdbx_validate_rmsd_bond.bond_standard_deviation 
_pdbx_validate_rmsd_bond.linker_flag 
1 1 "O3'" A DG 11 ? ? "C3'" A DG 11 ? ? 1.346 1.419 -0.073 0.006 N 
2 1 "O3'" A DG 12 ? ? "C3'" A DG 12 ? ? 1.348 1.419 -0.071 0.006 N 
# 
loop_
_pdbx_validate_rmsd_angle.id 
_pdbx_validate_rmsd_angle.PDB_model_num 
_pdbx_validate_rmsd_angle.auth_atom_id_1 
_pdbx_validate_rmsd_angle.auth_asym_id_1 
_pdbx_validate_rmsd_angle.auth_comp_id_1 
_pdbx_validate_rmsd_angle.auth_seq_id_1 
_pdbx_validate_rmsd_angle.PDB_ins_code_1 
_pdbx_validate_rmsd_angle.label_alt_id_1 
_pdbx_validate_rmsd_angle.auth_atom_id_2 
_pdbx_validate_rmsd_angle.auth_asym_id_2 
_pdbx_validate_rmsd_angle.auth_comp_id_2 
_pdbx_validate_rmsd_angle.auth_seq_id_2 
_pdbx_validate_rmsd_angle.PDB_ins_code_2 
_pdbx_validate_rmsd_angle.label_alt_id_2 
_pdbx_validate_rmsd_angle.auth_atom_id_3 
_pdbx_validate_rmsd_angle.auth_asym_id_3 
_pdbx_validate_rmsd_angle.auth_comp_id_3 
_pdbx_validate_rmsd_angle.auth_seq_id_3 
_pdbx_validate_rmsd_angle.PDB_ins_code_3 
_pdbx_validate_rmsd_angle.label_alt_id_3 
_pdbx_validate_rmsd_angle.angle_value 
_pdbx_validate_rmsd_angle.angle_target_value 
_pdbx_validate_rmsd_angle.angle_deviation 
_pdbx_validate_rmsd_angle.angle_standard_deviation 
_pdbx_validate_rmsd_angle.linker_flag 
1 1 "O4'" A DA 6  ? ? "C1'" A DA 6  ? ? N9  A DA 6  ? ? 111.26 108.30 2.96  0.30 N 
2 1 "O4'" A DG 11 ? ? "C1'" A DG 11 ? ? N9  A DG 11 ? ? 110.10 108.30 1.80  0.30 N 
3 1 "O5'" A DG 12 ? ? P     A DG 12 ? ? OP2 A DG 12 ? ? 96.83  105.70 -8.87 0.90 N 
4 1 "O4'" A DA 17 ? ? "C1'" A DA 17 ? ? N9  A DA 17 ? ? 110.71 108.30 2.41  0.30 N 
5 1 "O5'" A DG 18 ? ? P     A DG 18 ? ? OP2 A DG 18 ? ? 121.61 110.70 10.91 1.20 N 
6 1 "O4'" A DG 18 ? ? "C1'" A DG 18 ? ? N9  A DG 18 ? ? 111.39 108.30 3.09  0.30 N 
# 
loop_
_pdbx_distant_solvent_atoms.id 
_pdbx_distant_solvent_atoms.PDB_model_num 
_pdbx_distant_solvent_atoms.auth_atom_id 
_pdbx_distant_solvent_atoms.label_alt_id 
_pdbx_distant_solvent_atoms.auth_asym_id 
_pdbx_distant_solvent_atoms.auth_comp_id 
_pdbx_distant_solvent_atoms.auth_seq_id 
_pdbx_distant_solvent_atoms.PDB_ins_code 
_pdbx_distant_solvent_atoms.neighbor_macromolecule_distance 
_pdbx_distant_solvent_atoms.neighbor_ligand_distance 
1 1 O ? A HOH 203 ? 6.86 . 
2 1 O ? A HOH 204 ? 8.66 . 
# 
loop_
_pdbx_unobs_or_zero_occ_atoms.id 
_pdbx_unobs_or_zero_occ_atoms.PDB_model_num 
_pdbx_unobs_or_zero_occ_atoms.polymer_flag 
_pdbx_unobs_or_zero_occ_atoms.occupancy_flag 
_pdbx_unobs_or_zero_occ_atoms.auth_asym_id 
_pdbx_unobs_or_zero_occ_atoms.auth_comp_id 
_pdbx_unobs_or_zero_occ_atoms.auth_seq_id 
_pdbx_unobs_or_zero_occ_atoms.PDB_ins_code 
_pdbx_unobs_or_zero_occ_atoms.auth_atom_id 
_pdbx_unobs_or_zero_occ_atoms.label_alt_id 
_pdbx_unobs_or_zero_occ_atoms.label_asym_id 
_pdbx_unobs_or_zero_occ_atoms.label_comp_id 
_pdbx_unobs_or_zero_occ_atoms.label_seq_id 
_pdbx_unobs_or_zero_occ_atoms.label_atom_id 
1  1 Y 1 A DG  1   ? "O5'" ? A DG  1  "O5'" 
2  1 Y 1 A DG  1   ? "C5'" ? A DG  1  "C5'" 
3  1 Y 1 A DA  14  ? C8    ? A DA  14 C8    
4  1 Y 1 A DA  14  ? N7    ? A DA  14 N7    
5  1 Y 1 A DA  14  ? C5    ? A DA  14 C5    
6  1 Y 1 A DA  14  ? C6    ? A DA  14 C6    
7  1 Y 1 A DA  14  ? N6    ? A DA  14 N6    
8  1 Y 1 A DA  14  ? N1    ? A DA  14 N1    
9  1 Y 1 A DA  14  ? C2    ? A DA  14 C2    
10 1 Y 1 A DA  14  ? N3    ? A DA  14 N3    
11 1 Y 1 A DA  14  ? C4    ? A DA  14 C4    
12 1 Y 1 A DA  15  ? N9    ? A DA  15 N9    
13 1 Y 1 A DA  15  ? C8    ? A DA  15 C8    
14 1 Y 1 A DA  15  ? N7    ? A DA  15 N7    
15 1 Y 1 A DA  15  ? C5    ? A DA  15 C5    
16 1 Y 1 A DA  15  ? C6    ? A DA  15 C6    
17 1 Y 1 A DA  15  ? N6    ? A DA  15 N6    
18 1 Y 1 A DA  15  ? N1    ? A DA  15 N1    
19 1 Y 1 A DA  15  ? C2    ? A DA  15 C2    
20 1 Y 1 A DA  15  ? N3    ? A DA  15 N3    
21 1 Y 1 A DA  15  ? C4    ? A DA  15 C4    
22 1 Y 1 A DA  22  ? "C5'" ? A DA  22 "C5'" 
23 1 Y 1 A DA  22  ? "C4'" ? A DA  22 "C4'" 
24 1 Y 1 A DA  22  ? "O4'" ? A DA  22 "O4'" 
25 1 Y 1 A DA  22  ? "C3'" ? A DA  22 "C3'" 
26 1 Y 1 A DA  22  ? "O3'" ? A DA  22 "O3'" 
27 1 Y 1 A DA  22  ? "C2'" ? A DA  22 "C2'" 
28 1 Y 1 A DA  22  ? "C1'" ? A DA  22 "C1'" 
29 1 Y 1 A DA  22  ? N9    ? A DA  22 N9    
30 1 Y 1 A DA  22  ? C8    ? A DA  22 C8    
31 1 Y 1 A DA  22  ? N7    ? A DA  22 N7    
32 1 Y 1 A DA  22  ? C5    ? A DA  22 C5    
33 1 Y 1 A DA  22  ? C6    ? A DA  22 C6    
34 1 Y 1 A DA  22  ? N6    ? A DA  22 N6    
35 1 Y 1 A DA  22  ? N1    ? A DA  22 N1    
36 1 Y 1 A DA  22  ? C2    ? A DA  22 C2    
37 1 Y 1 A DA  22  ? N3    ? A DA  22 N3    
38 1 Y 1 A DA  22  ? C4    ? A DA  22 C4    
39 1 N 1 A MMP 101 ? C18   ? B MMP 1  C18   
40 1 N 1 A MMP 101 ? C28   ? B MMP 1  C28   
41 1 N 1 A MMP 101 ? C38   ? B MMP 1  C38   
42 1 N 1 A MMP 101 ? C39   ? B MMP 1  C39   
43 1 N 1 A MMP 101 ? O31   ? B MMP 1  O31   
44 1 N 1 A MMP 101 ? O32   ? B MMP 1  O32   
45 1 N 1 A MMP 101 ? C48   ? B MMP 1  C48   
46 1 N 1 A MMP 101 ? C49   ? B MMP 1  C49   
47 1 N 1 A MMP 101 ? O41   ? B MMP 1  O41   
48 1 N 1 A MMP 101 ? O42   ? B MMP 1  O42   
# 
loop_
_chem_comp_atom.comp_id 
_chem_comp_atom.atom_id 
_chem_comp_atom.type_symbol 
_chem_comp_atom.pdbx_aromatic_flag 
_chem_comp_atom.pdbx_stereo_config 
_chem_comp_atom.pdbx_ordinal 
3CO CO     CO N N 1   
DA  OP3    O  N N 2   
DA  P      P  N N 3   
DA  OP1    O  N N 4   
DA  OP2    O  N N 5   
DA  "O5'"  O  N N 6   
DA  "C5'"  C  N N 7   
DA  "C4'"  C  N R 8   
DA  "O4'"  O  N N 9   
DA  "C3'"  C  N S 10  
DA  "O3'"  O  N N 11  
DA  "C2'"  C  N N 12  
DA  "C1'"  C  N R 13  
DA  N9     N  Y N 14  
DA  C8     C  Y N 15  
DA  N7     N  Y N 16  
DA  C5     C  Y N 17  
DA  C6     C  Y N 18  
DA  N6     N  N N 19  
DA  N1     N  Y N 20  
DA  C2     C  Y N 21  
DA  N3     N  Y N 22  
DA  C4     C  Y N 23  
DA  HOP3   H  N N 24  
DA  HOP2   H  N N 25  
DA  "H5'"  H  N N 26  
DA  "H5''" H  N N 27  
DA  "H4'"  H  N N 28  
DA  "H3'"  H  N N 29  
DA  "HO3'" H  N N 30  
DA  "H2'"  H  N N 31  
DA  "H2''" H  N N 32  
DA  "H1'"  H  N N 33  
DA  H8     H  N N 34  
DA  H61    H  N N 35  
DA  H62    H  N N 36  
DA  H2     H  N N 37  
DG  OP3    O  N N 38  
DG  P      P  N N 39  
DG  OP1    O  N N 40  
DG  OP2    O  N N 41  
DG  "O5'"  O  N N 42  
DG  "C5'"  C  N N 43  
DG  "C4'"  C  N R 44  
DG  "O4'"  O  N N 45  
DG  "C3'"  C  N S 46  
DG  "O3'"  O  N N 47  
DG  "C2'"  C  N N 48  
DG  "C1'"  C  N R 49  
DG  N9     N  Y N 50  
DG  C8     C  Y N 51  
DG  N7     N  Y N 52  
DG  C5     C  Y N 53  
DG  C6     C  N N 54  
DG  O6     O  N N 55  
DG  N1     N  N N 56  
DG  C2     C  N N 57  
DG  N2     N  N N 58  
DG  N3     N  N N 59  
DG  C4     C  Y N 60  
DG  HOP3   H  N N 61  
DG  HOP2   H  N N 62  
DG  "H5'"  H  N N 63  
DG  "H5''" H  N N 64  
DG  "H4'"  H  N N 65  
DG  "H3'"  H  N N 66  
DG  "HO3'" H  N N 67  
DG  "H2'"  H  N N 68  
DG  "H2''" H  N N 69  
DG  "H1'"  H  N N 70  
DG  H8     H  N N 71  
DG  H1     H  N N 72  
DG  H21    H  N N 73  
DG  H22    H  N N 74  
HOH O      O  N N 75  
HOH H1     H  N N 76  
HOH H2     H  N N 77  
K   K      K  N N 78  
MMP C1     C  N N 79  
MMP N1     N  Y N 80  
MMP C11    C  Y N 81  
MMP C12    C  Y N 82  
MMP C13    C  Y N 83  
MMP C14    C  Y N 84  
MMP C15    C  Y N 85  
MMP C16    C  N N 86  
MMP C17    C  N N 87  
MMP C18    C  N N 88  
MMP N2     N  Y N 89  
MMP C21    C  Y N 90  
MMP C22    C  N N 91  
MMP C23    C  N N 92  
MMP C24    C  Y N 93  
MMP C25    C  Y N 94  
MMP C26    C  N N 95  
MMP C27    C  N N 96  
MMP C28    C  N N 97  
MMP N3     N  Y N 98  
MMP C31    C  Y N 99  
MMP C32    C  Y N 100 
MMP C33    C  Y N 101 
MMP C34    C  Y N 102 
MMP C35    C  Y N 103 
MMP C36    C  N N 104 
MMP C37    C  N N 105 
MMP C38    C  N N 106 
MMP C39    C  N N 107 
MMP O31    O  N N 108 
MMP O32    O  N N 109 
MMP N4     N  Y N 110 
MMP C41    C  Y N 111 
MMP C42    C  N N 112 
MMP C43    C  N N 113 
MMP C44    C  Y N 114 
MMP C45    C  Y N 115 
MMP C46    C  N N 116 
MMP C47    C  N N 117 
MMP C48    C  N N 118 
MMP C49    C  N N 119 
MMP O41    O  N N 120 
MMP O42    O  N N 121 
MMP H11    H  N N 122 
MMP H12    H  N N 123 
MMP H13    H  N N 124 
MMP H15    H  N N 125 
MMP H161   H  N N 126 
MMP H162   H  N N 127 
MMP H163   H  N N 128 
MMP H171   H  N N 129 
MMP H172   H  N N 130 
MMP H181   H  N N 131 
MMP H182   H  N N 132 
MMP H183   H  N N 133 
MMP H25    H  N N 134 
MMP H261   H  N N 135 
MMP H262   H  N N 136 
MMP H263   H  N N 137 
MMP H271   H  N N 138 
MMP H272   H  N N 139 
MMP H281   H  N N 140 
MMP H282   H  N N 141 
MMP H283   H  N N 142 
MMP HN3    H  N N 143 
MMP H35    H  N N 144 
MMP H361   H  N N 145 
MMP H362   H  N N 146 
MMP H363   H  N N 147 
MMP H371   H  N N 148 
MMP H372   H  N N 149 
MMP H381   H  N N 150 
MMP H382   H  N N 151 
MMP HO31   H  N N 152 
MMP H45    H  N N 153 
MMP H461   H  N N 154 
MMP H462   H  N N 155 
MMP H463   H  N N 156 
MMP H471   H  N N 157 
MMP H472   H  N N 158 
MMP H481   H  N N 159 
MMP H482   H  N N 160 
MMP HO41   H  N N 161 
# 
loop_
_chem_comp_bond.comp_id 
_chem_comp_bond.atom_id_1 
_chem_comp_bond.atom_id_2 
_chem_comp_bond.value_order 
_chem_comp_bond.pdbx_aromatic_flag 
_chem_comp_bond.pdbx_stereo_config 
_chem_comp_bond.pdbx_ordinal 
DA  OP3   P      sing N N 1   
DA  OP3   HOP3   sing N N 2   
DA  P     OP1    doub N N 3   
DA  P     OP2    sing N N 4   
DA  P     "O5'"  sing N N 5   
DA  OP2   HOP2   sing N N 6   
DA  "O5'" "C5'"  sing N N 7   
DA  "C5'" "C4'"  sing N N 8   
DA  "C5'" "H5'"  sing N N 9   
DA  "C5'" "H5''" sing N N 10  
DA  "C4'" "O4'"  sing N N 11  
DA  "C4'" "C3'"  sing N N 12  
DA  "C4'" "H4'"  sing N N 13  
DA  "O4'" "C1'"  sing N N 14  
DA  "C3'" "O3'"  sing N N 15  
DA  "C3'" "C2'"  sing N N 16  
DA  "C3'" "H3'"  sing N N 17  
DA  "O3'" "HO3'" sing N N 18  
DA  "C2'" "C1'"  sing N N 19  
DA  "C2'" "H2'"  sing N N 20  
DA  "C2'" "H2''" sing N N 21  
DA  "C1'" N9     sing N N 22  
DA  "C1'" "H1'"  sing N N 23  
DA  N9    C8     sing Y N 24  
DA  N9    C4     sing Y N 25  
DA  C8    N7     doub Y N 26  
DA  C8    H8     sing N N 27  
DA  N7    C5     sing Y N 28  
DA  C5    C6     sing Y N 29  
DA  C5    C4     doub Y N 30  
DA  C6    N6     sing N N 31  
DA  C6    N1     doub Y N 32  
DA  N6    H61    sing N N 33  
DA  N6    H62    sing N N 34  
DA  N1    C2     sing Y N 35  
DA  C2    N3     doub Y N 36  
DA  C2    H2     sing N N 37  
DA  N3    C4     sing Y N 38  
DG  OP3   P      sing N N 39  
DG  OP3   HOP3   sing N N 40  
DG  P     OP1    doub N N 41  
DG  P     OP2    sing N N 42  
DG  P     "O5'"  sing N N 43  
DG  OP2   HOP2   sing N N 44  
DG  "O5'" "C5'"  sing N N 45  
DG  "C5'" "C4'"  sing N N 46  
DG  "C5'" "H5'"  sing N N 47  
DG  "C5'" "H5''" sing N N 48  
DG  "C4'" "O4'"  sing N N 49  
DG  "C4'" "C3'"  sing N N 50  
DG  "C4'" "H4'"  sing N N 51  
DG  "O4'" "C1'"  sing N N 52  
DG  "C3'" "O3'"  sing N N 53  
DG  "C3'" "C2'"  sing N N 54  
DG  "C3'" "H3'"  sing N N 55  
DG  "O3'" "HO3'" sing N N 56  
DG  "C2'" "C1'"  sing N N 57  
DG  "C2'" "H2'"  sing N N 58  
DG  "C2'" "H2''" sing N N 59  
DG  "C1'" N9     sing N N 60  
DG  "C1'" "H1'"  sing N N 61  
DG  N9    C8     sing Y N 62  
DG  N9    C4     sing Y N 63  
DG  C8    N7     doub Y N 64  
DG  C8    H8     sing N N 65  
DG  N7    C5     sing Y N 66  
DG  C5    C6     sing N N 67  
DG  C5    C4     doub Y N 68  
DG  C6    O6     doub N N 69  
DG  C6    N1     sing N N 70  
DG  N1    C2     sing N N 71  
DG  N1    H1     sing N N 72  
DG  C2    N2     sing N N 73  
DG  C2    N3     doub N N 74  
DG  N2    H21    sing N N 75  
DG  N2    H22    sing N N 76  
DG  N3    C4     sing N N 77  
HOH O     H1     sing N N 78  
HOH O     H2     sing N N 79  
MMP C1    N1     sing N N 80  
MMP C1    H11    sing N N 81  
MMP C1    H12    sing N N 82  
MMP C1    H13    sing N N 83  
MMP N1    C11    sing Y N 84  
MMP N1    C14    sing Y N 85  
MMP C11   C12    doub Y N 86  
MMP C11   C45    sing Y N 87  
MMP C12   C13    sing Y N 88  
MMP C12   C16    sing N N 89  
MMP C13   C14    doub Y N 90  
MMP C13   C17    sing N N 91  
MMP C14   C15    sing Y N 92  
MMP C15   C21    doub Y Z 93  
MMP C15   H15    sing N N 94  
MMP C16   H161   sing N N 95  
MMP C16   H162   sing N N 96  
MMP C16   H163   sing N N 97  
MMP C17   C18    sing N N 98  
MMP C17   H171   sing N N 99  
MMP C17   H172   sing N N 100 
MMP C18   H181   sing N N 101 
MMP C18   H182   sing N N 102 
MMP C18   H183   sing N N 103 
MMP N2    C21    sing Y N 104 
MMP N2    C24    doub Y N 105 
MMP C21   C22    sing N N 106 
MMP C22   C23    doub N N 107 
MMP C22   C26    sing N N 108 
MMP C23   C24    sing N N 109 
MMP C23   C27    sing N N 110 
MMP C24   C25    sing Y N 111 
MMP C25   C31    doub Y Z 112 
MMP C25   H25    sing N N 113 
MMP C26   H261   sing N N 114 
MMP C26   H262   sing N N 115 
MMP C26   H263   sing N N 116 
MMP C27   C28    sing N N 117 
MMP C27   H271   sing N N 118 
MMP C27   H272   sing N N 119 
MMP C28   H281   sing N N 120 
MMP C28   H282   sing N N 121 
MMP C28   H283   sing N N 122 
MMP N3    C31    sing Y N 123 
MMP N3    C34    sing Y N 124 
MMP N3    HN3    sing N N 125 
MMP C31   C32    sing Y N 126 
MMP C32   C33    doub Y N 127 
MMP C32   C36    sing N N 128 
MMP C33   C34    sing Y N 129 
MMP C33   C37    sing N N 130 
MMP C34   C35    doub Y Z 131 
MMP C35   C41    sing Y N 132 
MMP C35   H35    sing N N 133 
MMP C36   H361   sing N N 134 
MMP C36   H362   sing N N 135 
MMP C36   H363   sing N N 136 
MMP C37   C38    sing N N 137 
MMP C37   H371   sing N N 138 
MMP C37   H372   sing N N 139 
MMP C38   C39    sing N N 140 
MMP C38   H381   sing N N 141 
MMP C38   H382   sing N N 142 
MMP C39   O31    sing N N 143 
MMP C39   O32    doub N N 144 
MMP O31   HO31   sing N N 145 
MMP N4    C41    doub Y N 146 
MMP N4    C44    sing Y N 147 
MMP C41   C42    sing N N 148 
MMP C42   C43    doub N N 149 
MMP C42   C47    sing N N 150 
MMP C43   C44    sing N N 151 
MMP C43   C46    sing N N 152 
MMP C44   C45    doub Y Z 153 
MMP C45   H45    sing N N 154 
MMP C46   H461   sing N N 155 
MMP C46   H462   sing N N 156 
MMP C46   H463   sing N N 157 
MMP C47   C48    sing N N 158 
MMP C47   H471   sing N N 159 
MMP C47   H472   sing N N 160 
MMP C48   C49    sing N N 161 
MMP C48   H481   sing N N 162 
MMP C48   H482   sing N N 163 
MMP C49   O41    sing N N 164 
MMP C49   O42    doub N N 165 
MMP O41   HO41   sing N N 166 
# 
loop_
_ndb_struct_conf_na.entry_id 
_ndb_struct_conf_na.feature 
8EBO 'double helix'    
8EBO 'quadruple helix' 
# 
loop_
_ndb_struct_na_base_pair.model_number 
_ndb_struct_na_base_pair.i_label_asym_id 
_ndb_struct_na_base_pair.i_label_comp_id 
_ndb_struct_na_base_pair.i_label_seq_id 
_ndb_struct_na_base_pair.i_symmetry 
_ndb_struct_na_base_pair.j_label_asym_id 
_ndb_struct_na_base_pair.j_label_comp_id 
_ndb_struct_na_base_pair.j_label_seq_id 
_ndb_struct_na_base_pair.j_symmetry 
_ndb_struct_na_base_pair.shear 
_ndb_struct_na_base_pair.stretch 
_ndb_struct_na_base_pair.stagger 
_ndb_struct_na_base_pair.buckle 
_ndb_struct_na_base_pair.propeller 
_ndb_struct_na_base_pair.opening 
_ndb_struct_na_base_pair.pair_number 
_ndb_struct_na_base_pair.pair_name 
_ndb_struct_na_base_pair.i_auth_asym_id 
_ndb_struct_na_base_pair.i_auth_seq_id 
_ndb_struct_na_base_pair.i_PDB_ins_code 
_ndb_struct_na_base_pair.j_auth_asym_id 
_ndb_struct_na_base_pair.j_auth_seq_id 
_ndb_struct_na_base_pair.j_PDB_ins_code 
_ndb_struct_na_base_pair.hbond_type_28 
_ndb_struct_na_base_pair.hbond_type_12 
1 A DG 11 1_555 A DG 19 1_555 1.481  3.261  0.147  -3.188 -2.988 -90.692 1 A_DG11:DG19_A A 11 ? A 19 ? 6 3 
1 A DG 12 1_555 A DG 8  1_555 -1.541 -3.298 0.159  -1.642 6.229  91.117  2 A_DG12:DG8_A  A 12 ? A 8  ? 6 3 
1 A DG 20 1_555 A DG 4  1_555 1.492  3.402  -0.058 1.663  -0.375 -92.414 3 A_DG20:DG4_A  A 20 ? A 4  ? 6 3 
# 
loop_
_ndb_struct_na_base_pair_step.model_number 
_ndb_struct_na_base_pair_step.i_label_asym_id_1 
_ndb_struct_na_base_pair_step.i_label_comp_id_1 
_ndb_struct_na_base_pair_step.i_label_seq_id_1 
_ndb_struct_na_base_pair_step.i_symmetry_1 
_ndb_struct_na_base_pair_step.j_label_asym_id_1 
_ndb_struct_na_base_pair_step.j_label_comp_id_1 
_ndb_struct_na_base_pair_step.j_label_seq_id_1 
_ndb_struct_na_base_pair_step.j_symmetry_1 
_ndb_struct_na_base_pair_step.i_label_asym_id_2 
_ndb_struct_na_base_pair_step.i_label_comp_id_2 
_ndb_struct_na_base_pair_step.i_label_seq_id_2 
_ndb_struct_na_base_pair_step.i_symmetry_2 
_ndb_struct_na_base_pair_step.j_label_asym_id_2 
_ndb_struct_na_base_pair_step.j_label_comp_id_2 
_ndb_struct_na_base_pair_step.j_label_seq_id_2 
_ndb_struct_na_base_pair_step.j_symmetry_2 
_ndb_struct_na_base_pair_step.shift 
_ndb_struct_na_base_pair_step.slide 
_ndb_struct_na_base_pair_step.rise 
_ndb_struct_na_base_pair_step.tilt 
_ndb_struct_na_base_pair_step.roll 
_ndb_struct_na_base_pair_step.twist 
_ndb_struct_na_base_pair_step.x_displacement 
_ndb_struct_na_base_pair_step.y_displacement 
_ndb_struct_na_base_pair_step.helical_rise 
_ndb_struct_na_base_pair_step.inclination 
_ndb_struct_na_base_pair_step.tip 
_ndb_struct_na_base_pair_step.helical_twist 
_ndb_struct_na_base_pair_step.step_number 
_ndb_struct_na_base_pair_step.step_name 
_ndb_struct_na_base_pair_step.i_auth_asym_id_1 
_ndb_struct_na_base_pair_step.i_auth_seq_id_1 
_ndb_struct_na_base_pair_step.i_PDB_ins_code_1 
_ndb_struct_na_base_pair_step.j_auth_asym_id_1 
_ndb_struct_na_base_pair_step.j_auth_seq_id_1 
_ndb_struct_na_base_pair_step.j_PDB_ins_code_1 
_ndb_struct_na_base_pair_step.i_auth_asym_id_2 
_ndb_struct_na_base_pair_step.i_auth_seq_id_2 
_ndb_struct_na_base_pair_step.i_PDB_ins_code_2 
_ndb_struct_na_base_pair_step.j_auth_asym_id_2 
_ndb_struct_na_base_pair_step.j_auth_seq_id_2 
_ndb_struct_na_base_pair_step.j_PDB_ins_code_2 
1 A DG 11 1_555 A DG 19 1_555 A DG 12 1_555 A DG 8 1_555 0.610  1.657  3.309  1.119  -2.633 -58.923 -1.545 0.678 3.363  2.675 
1.137 -58.986 1 AA_DG11DG12:DG8DG19_AA A 11 ? A 19 ? A 12 ? A 8 ? 
1 A DG 12 1_555 A DG 8  1_555 A DG 20 1_555 A DG 4 1_555 -1.486 -3.442 -0.167 -4.145 4.254  179.889 -1.721 0.743 -0.167 2.127 
2.072 179.890 2 AA_DG12DG20:DG4DG8_AA  A 12 ? A 8  ? A 20 ? A 4 ? 
# 
_pdbx_audit_support.funding_organization   'National Institutes of Health/National Cancer Institute (NIH/NCI)' 
_pdbx_audit_support.country                'United States' 
_pdbx_audit_support.grant_number           1R15CA253134 
_pdbx_audit_support.ordinal                1 
# 
loop_
_pdbx_entity_nonpoly.entity_id 
_pdbx_entity_nonpoly.name 
_pdbx_entity_nonpoly.comp_id 
2 N-METHYLMESOPORPHYRIN MMP 
3 'POTASSIUM ION'       K   
4 'COBALT (III) ION'    3CO 
5 water                 HOH 
# 
_pdbx_initial_refinement_model.id               1 
_pdbx_initial_refinement_model.entity_id_list   ? 
_pdbx_initial_refinement_model.type             'experimental model' 
_pdbx_initial_refinement_model.source_name      PDB 
_pdbx_initial_refinement_model.accession_code   4G0F 
_pdbx_initial_refinement_model.details          ? 
# 
_pdbx_struct_assembly_auth_evidence.id                     1 
_pdbx_struct_assembly_auth_evidence.assembly_id            1 
_pdbx_struct_assembly_auth_evidence.experimental_support   'native gel electrophoresis' 
_pdbx_struct_assembly_auth_evidence.details                ? 
# 
_space_group.name_H-M_alt     'F 2 2 2' 
_space_group.name_Hall        'F 2 2' 
_space_group.IT_number        22 
_space_group.crystal_system   orthorhombic 
_space_group.id               1 
# 
